data_2DX2
# 
_entry.id   2DX2 
# 
_audit_conform.dict_name       mmcif_pdbx.dic 
_audit_conform.dict_version    5.392 
_audit_conform.dict_location   http://mmcif.pdb.org/dictionaries/ascii/mmcif_pdbx.dic 
# 
loop_
_database_2.database_id 
_database_2.database_code 
_database_2.pdbx_database_accession 
_database_2.pdbx_DOI 
PDB   2DX2         pdb_00002dx2 10.2210/pdb2dx2/pdb 
RCSB  RCSB025949   ?            ?                   
WWPDB D_1000025949 ?            ?                   
# 
loop_
_pdbx_audit_revision_history.ordinal 
_pdbx_audit_revision_history.data_content_type 
_pdbx_audit_revision_history.major_revision 
_pdbx_audit_revision_history.minor_revision 
_pdbx_audit_revision_history.revision_date 
1 'Structure model' 1 0 2007-01-02 
2 'Structure model' 1 1 2008-04-30 
3 'Structure model' 1 2 2011-07-13 
4 'Structure model' 1 3 2022-03-09 
5 'Structure model' 1 4 2024-05-29 
# 
_pdbx_audit_revision_details.ordinal             1 
_pdbx_audit_revision_details.revision_ordinal    1 
_pdbx_audit_revision_details.data_content_type   'Structure model' 
_pdbx_audit_revision_details.provider            repository 
_pdbx_audit_revision_details.type                'Initial release' 
_pdbx_audit_revision_details.description         ? 
_pdbx_audit_revision_details.details             ? 
# 
loop_
_pdbx_audit_revision_group.ordinal 
_pdbx_audit_revision_group.revision_ordinal 
_pdbx_audit_revision_group.data_content_type 
_pdbx_audit_revision_group.group 
1 2 'Structure model' 'Version format compliance' 
2 3 'Structure model' 'Version format compliance' 
3 4 'Structure model' 'Data collection'           
4 4 'Structure model' 'Database references'       
5 4 'Structure model' 'Derived calculations'      
6 5 'Structure model' 'Data collection'           
# 
loop_
_pdbx_audit_revision_category.ordinal 
_pdbx_audit_revision_category.revision_ordinal 
_pdbx_audit_revision_category.data_content_type 
_pdbx_audit_revision_category.category 
1 4 'Structure model' database_2            
2 4 'Structure model' pdbx_nmr_software     
3 4 'Structure model' pdbx_struct_assembly  
4 4 'Structure model' pdbx_struct_oper_list 
5 5 'Structure model' chem_comp_atom        
6 5 'Structure model' chem_comp_bond        
# 
loop_
_pdbx_audit_revision_item.ordinal 
_pdbx_audit_revision_item.revision_ordinal 
_pdbx_audit_revision_item.data_content_type 
_pdbx_audit_revision_item.item 
1 4 'Structure model' '_database_2.pdbx_DOI'                
2 4 'Structure model' '_database_2.pdbx_database_accession' 
3 4 'Structure model' '_pdbx_nmr_software.name'             
# 
_pdbx_database_status.status_code                     REL 
_pdbx_database_status.entry_id                        2DX2 
_pdbx_database_status.recvd_initial_deposition_date   2006-08-23 
_pdbx_database_status.deposit_site                    PDBJ 
_pdbx_database_status.process_site                    PDBJ 
_pdbx_database_status.status_code_sf                  ? 
_pdbx_database_status.status_code_mr                  REL 
_pdbx_database_status.SG_entry                        ? 
_pdbx_database_status.pdb_format_compatible           Y 
_pdbx_database_status.status_code_cs                  ? 
_pdbx_database_status.status_code_nmr_data            ? 
_pdbx_database_status.methods_development_category    ? 
# 
loop_
_pdbx_database_related.db_name 
_pdbx_database_related.db_id 
_pdbx_database_related.details 
_pdbx_database_related.content_type 
PDB 2DX3 DP5_conformation1 unspecified 
PDB 2DX4 DP5_conformation2 unspecified 
# 
loop_
_audit_author.name 
_audit_author.pdbx_ordinal 
'Tamura, A.' 1 
'Araki, M.'  2 
# 
_citation.id                        primary 
_citation.title                     
;Transformation of an alpha-helix peptide into a beta-hairpin induced by addition of a fragment results in creation of a coexisting state.
;
_citation.journal_abbrev            Proteins 
_citation.journal_volume            66 
_citation.page_first                860 
_citation.page_last                 868 
_citation.year                      2006 
_citation.journal_id_ASTM           PSFGEY 
_citation.country                   US 
_citation.journal_id_ISSN           0887-3585 
_citation.journal_id_CSD            0867 
_citation.book_publisher            ? 
_citation.pdbx_database_id_PubMed   17177204 
_citation.pdbx_database_id_DOI      10.1002/prot.21263 
# 
loop_
_citation_author.citation_id 
_citation_author.name 
_citation_author.ordinal 
_citation_author.identifier_ORCID 
primary 'Araki, M.'  1 ? 
primary 'Tamura, A.' 2 ? 
# 
_entity.id                         1 
_entity.type                       polymer 
_entity.src_method                 syn 
_entity.pdbx_description           'Target Peptide' 
_entity.formula_weight             1245.429 
_entity.pdbx_number_of_molecules   1 
_entity.pdbx_ec                    ? 
_entity.pdbx_mutation              ? 
_entity.pdbx_fragment              ? 
_entity.details                    ? 
# 
_entity_poly.entity_id                      1 
_entity_poly.type                           'polypeptide(L)' 
_entity_poly.nstd_linkage                   no 
_entity_poly.nstd_monomer                   no 
_entity_poly.pdbx_seq_one_letter_code       INYWLAHAKAG 
_entity_poly.pdbx_seq_one_letter_code_can   INYWLAHAKAG 
_entity_poly.pdbx_strand_id                 A 
_entity_poly.pdbx_target_identifier         ? 
# 
loop_
_entity_poly_seq.entity_id 
_entity_poly_seq.num 
_entity_poly_seq.mon_id 
_entity_poly_seq.hetero 
1 1  ILE n 
1 2  ASN n 
1 3  TYR n 
1 4  TRP n 
1 5  LEU n 
1 6  ALA n 
1 7  HIS n 
1 8  ALA n 
1 9  LYS n 
1 10 ALA n 
1 11 GLY n 
# 
_pdbx_entity_src_syn.entity_id              1 
_pdbx_entity_src_syn.pdbx_src_id            1 
_pdbx_entity_src_syn.pdbx_alt_source_flag   sample 
_pdbx_entity_src_syn.pdbx_beg_seq_num       ? 
_pdbx_entity_src_syn.pdbx_end_seq_num       ? 
_pdbx_entity_src_syn.organism_scientific    ? 
_pdbx_entity_src_syn.organism_common_name   ? 
_pdbx_entity_src_syn.ncbi_taxonomy_id       ? 
_pdbx_entity_src_syn.details                
;The peptide was chemically synthesized and does not appear to occur in nature. This sequence was designed based on residues 101-111 of human alpha-lactalbumin.
;
# 
loop_
_chem_comp.id 
_chem_comp.type 
_chem_comp.mon_nstd_flag 
_chem_comp.name 
_chem_comp.pdbx_synonyms 
_chem_comp.formula 
_chem_comp.formula_weight 
ALA 'L-peptide linking' y ALANINE    ? 'C3 H7 N O2'     89.093  
ASN 'L-peptide linking' y ASPARAGINE ? 'C4 H8 N2 O3'    132.118 
GLY 'peptide linking'   y GLYCINE    ? 'C2 H5 N O2'     75.067  
HIS 'L-peptide linking' y HISTIDINE  ? 'C6 H10 N3 O2 1' 156.162 
ILE 'L-peptide linking' y ISOLEUCINE ? 'C6 H13 N O2'    131.173 
LEU 'L-peptide linking' y LEUCINE    ? 'C6 H13 N O2'    131.173 
LYS 'L-peptide linking' y LYSINE     ? 'C6 H15 N2 O2 1' 147.195 
TRP 'L-peptide linking' y TRYPTOPHAN ? 'C11 H12 N2 O2'  204.225 
TYR 'L-peptide linking' y TYROSINE   ? 'C9 H11 N O3'    181.189 
# 
loop_
_pdbx_poly_seq_scheme.asym_id 
_pdbx_poly_seq_scheme.entity_id 
_pdbx_poly_seq_scheme.seq_id 
_pdbx_poly_seq_scheme.mon_id 
_pdbx_poly_seq_scheme.ndb_seq_num 
_pdbx_poly_seq_scheme.pdb_seq_num 
_pdbx_poly_seq_scheme.auth_seq_num 
_pdbx_poly_seq_scheme.pdb_mon_id 
_pdbx_poly_seq_scheme.auth_mon_id 
_pdbx_poly_seq_scheme.pdb_strand_id 
_pdbx_poly_seq_scheme.pdb_ins_code 
_pdbx_poly_seq_scheme.hetero 
A 1 1  ILE 1  1  1  ILE ILE A . n 
A 1 2  ASN 2  2  2  ASN ASN A . n 
A 1 3  TYR 3  3  3  TYR TYR A . n 
A 1 4  TRP 4  4  4  TRP TRP A . n 
A 1 5  LEU 5  5  5  LEU LEU A . n 
A 1 6  ALA 6  6  6  ALA ALA A . n 
A 1 7  HIS 7  7  7  HIS HIS A . n 
A 1 8  ALA 8  8  8  ALA ALA A . n 
A 1 9  LYS 9  9  9  LYS LYS A . n 
A 1 10 ALA 10 10 10 ALA ALA A . n 
A 1 11 GLY 11 11 11 GLY GLY A . n 
# 
_exptl.entry_id          2DX2 
_exptl.method            'SOLUTION NMR' 
_exptl.crystals_number   ? 
# 
_struct.entry_id                  2DX2 
_struct.title                     'NMR structure of TP (Target Peptide): monomeric 3_10 helix' 
_struct.pdbx_model_details        ? 
_struct.pdbx_CASP_flag            ? 
_struct.pdbx_model_type_details   ? 
# 
_struct_keywords.entry_id        2DX2 
_struct_keywords.pdbx_keywords   'DE NOVO PROTEIN' 
_struct_keywords.text            '3-10 HELIX, DE NOVO PROTEIN' 
# 
_struct_asym.id                            A 
_struct_asym.pdbx_blank_PDB_chainid_flag   N 
_struct_asym.pdbx_modified                 N 
_struct_asym.entity_id                     1 
_struct_asym.details                       ? 
# 
_struct_ref.id                         1 
_struct_ref.entity_id                  1 
_struct_ref.db_name                    PDB 
_struct_ref.db_code                    2DX2 
_struct_ref.pdbx_db_accession          2DX2 
_struct_ref.pdbx_db_isoform            ? 
_struct_ref.pdbx_seq_one_letter_code   ? 
_struct_ref.pdbx_align_begin           ? 
# 
_struct_ref_seq.align_id                      1 
_struct_ref_seq.ref_id                        1 
_struct_ref_seq.pdbx_PDB_id_code              2DX2 
_struct_ref_seq.pdbx_strand_id                A 
_struct_ref_seq.seq_align_beg                 1 
_struct_ref_seq.pdbx_seq_align_beg_ins_code   ? 
_struct_ref_seq.seq_align_end                 11 
_struct_ref_seq.pdbx_seq_align_end_ins_code   ? 
_struct_ref_seq.pdbx_db_accession             2DX2 
_struct_ref_seq.db_align_beg                  1 
_struct_ref_seq.pdbx_db_align_beg_ins_code    ? 
_struct_ref_seq.db_align_end                  11 
_struct_ref_seq.pdbx_db_align_end_ins_code    ? 
_struct_ref_seq.pdbx_auth_seq_align_beg       1 
_struct_ref_seq.pdbx_auth_seq_align_end       11 
# 
_pdbx_struct_assembly.id                   1 
_pdbx_struct_assembly.details              author_defined_assembly 
_pdbx_struct_assembly.method_details       ? 
_pdbx_struct_assembly.oligomeric_details   monomeric 
_pdbx_struct_assembly.oligomeric_count     1 
# 
_pdbx_struct_assembly_gen.assembly_id       1 
_pdbx_struct_assembly_gen.oper_expression   1 
_pdbx_struct_assembly_gen.asym_id_list      A 
# 
_pdbx_struct_oper_list.id                   1 
_pdbx_struct_oper_list.type                 'identity operation' 
_pdbx_struct_oper_list.name                 1_555 
_pdbx_struct_oper_list.symmetry_operation   x,y,z 
_pdbx_struct_oper_list.matrix[1][1]         1.0000000000 
_pdbx_struct_oper_list.matrix[1][2]         0.0000000000 
_pdbx_struct_oper_list.matrix[1][3]         0.0000000000 
_pdbx_struct_oper_list.vector[1]            0.0000000000 
_pdbx_struct_oper_list.matrix[2][1]         0.0000000000 
_pdbx_struct_oper_list.matrix[2][2]         1.0000000000 
_pdbx_struct_oper_list.matrix[2][3]         0.0000000000 
_pdbx_struct_oper_list.vector[2]            0.0000000000 
_pdbx_struct_oper_list.matrix[3][1]         0.0000000000 
_pdbx_struct_oper_list.matrix[3][2]         0.0000000000 
_pdbx_struct_oper_list.matrix[3][3]         1.0000000000 
_pdbx_struct_oper_list.vector[3]            0.0000000000 
# 
_struct_biol.id   1 
# 
_struct_conf.conf_type_id            HELX_P 
_struct_conf.id                      HELX_P1 
_struct_conf.pdbx_PDB_helix_id       1 
_struct_conf.beg_label_comp_id       ASN 
_struct_conf.beg_label_asym_id       A 
_struct_conf.beg_label_seq_id        2 
_struct_conf.pdbx_beg_PDB_ins_code   ? 
_struct_conf.end_label_comp_id       HIS 
_struct_conf.end_label_asym_id       A 
_struct_conf.end_label_seq_id        7 
_struct_conf.pdbx_end_PDB_ins_code   ? 
_struct_conf.beg_auth_comp_id        ASN 
_struct_conf.beg_auth_asym_id        A 
_struct_conf.beg_auth_seq_id         2 
_struct_conf.end_auth_comp_id        HIS 
_struct_conf.end_auth_asym_id        A 
_struct_conf.end_auth_seq_id         7 
_struct_conf.pdbx_PDB_helix_class    5 
_struct_conf.details                 ? 
_struct_conf.pdbx_PDB_helix_length   6 
# 
_struct_conf_type.id          HELX_P 
_struct_conf_type.criteria    ? 
_struct_conf_type.reference   ? 
# 
loop_
_pdbx_validate_close_contact.id 
_pdbx_validate_close_contact.PDB_model_num 
_pdbx_validate_close_contact.auth_atom_id_1 
_pdbx_validate_close_contact.auth_asym_id_1 
_pdbx_validate_close_contact.auth_comp_id_1 
_pdbx_validate_close_contact.auth_seq_id_1 
_pdbx_validate_close_contact.PDB_ins_code_1 
_pdbx_validate_close_contact.label_alt_id_1 
_pdbx_validate_close_contact.auth_atom_id_2 
_pdbx_validate_close_contact.auth_asym_id_2 
_pdbx_validate_close_contact.auth_comp_id_2 
_pdbx_validate_close_contact.auth_seq_id_2 
_pdbx_validate_close_contact.PDB_ins_code_2 
_pdbx_validate_close_contact.label_alt_id_2 
_pdbx_validate_close_contact.dist 
1  1  O A TYR 3 ? ? H A ALA 6 ? ? 1.59 
2  2  O A TYR 3 ? ? H A ALA 6 ? ? 1.53 
3  2  O A TRP 4 ? ? H A HIS 7 ? ? 1.57 
4  3  O A TYR 3 ? ? H A ALA 6 ? ? 1.57 
5  4  O A TYR 3 ? ? H A ALA 6 ? ? 1.53 
6  4  O A TRP 4 ? ? H A HIS 7 ? ? 1.57 
7  7  O A TRP 4 ? ? H A HIS 7 ? ? 1.58 
8  8  O A TRP 4 ? ? H A HIS 7 ? ? 1.57 
9  9  O A TRP 4 ? ? H A HIS 7 ? ? 1.54 
10 9  O A TYR 3 ? ? H A ALA 6 ? ? 1.57 
11 10 O A TRP 4 ? ? H A HIS 7 ? ? 1.58 
# 
loop_
_pdbx_validate_torsion.id 
_pdbx_validate_torsion.PDB_model_num 
_pdbx_validate_torsion.auth_comp_id 
_pdbx_validate_torsion.auth_asym_id 
_pdbx_validate_torsion.auth_seq_id 
_pdbx_validate_torsion.PDB_ins_code 
_pdbx_validate_torsion.label_alt_id 
_pdbx_validate_torsion.phi 
_pdbx_validate_torsion.psi 
1  1  ALA A 8 ? ? -41.02  -78.54 
2  2  ALA A 8 ? ? -45.12  -78.53 
3  3  ALA A 8 ? ? -55.38  -79.60 
4  4  ALA A 8 ? ? -62.50  -81.52 
5  5  ALA A 8 ? ? -46.82  -77.65 
6  6  HIS A 7 ? ? -147.95 19.68  
7  6  ALA A 8 ? ? -38.98  -78.41 
8  7  ALA A 8 ? ? -46.05  -80.62 
9  8  ALA A 8 ? ? -62.54  -83.36 
10 9  ASN A 2 ? ? -164.84 -43.61 
11 9  ALA A 8 ? ? -49.07  -77.97 
12 10 ALA A 8 ? ? -46.52  -79.42 
# 
_pdbx_nmr_ensemble.entry_id                                      2DX2 
_pdbx_nmr_ensemble.conformers_calculated_total_number            50 
_pdbx_nmr_ensemble.conformers_submitted_total_number             10 
_pdbx_nmr_ensemble.conformer_selection_criteria                  'structures with the least restraint violations' 
_pdbx_nmr_ensemble.average_constraints_per_residue               ? 
_pdbx_nmr_ensemble.average_constraint_violations_per_residue     ? 
_pdbx_nmr_ensemble.maximum_distance_constraint_violation         ? 
_pdbx_nmr_ensemble.average_distance_constraint_violation         ? 
_pdbx_nmr_ensemble.maximum_upper_distance_constraint_violation   ? 
_pdbx_nmr_ensemble.maximum_lower_distance_constraint_violation   ? 
_pdbx_nmr_ensemble.distance_constraint_violation_method          ? 
_pdbx_nmr_ensemble.maximum_torsion_angle_constraint_violation    ? 
_pdbx_nmr_ensemble.average_torsion_angle_constraint_violation    ? 
_pdbx_nmr_ensemble.torsion_angle_constraint_violation_method     ? 
# 
_pdbx_nmr_representative.entry_id             2DX2 
_pdbx_nmr_representative.conformer_id         1 
_pdbx_nmr_representative.selection_criteria   'fewest violations' 
# 
_pdbx_nmr_sample_details.solution_id      1 
_pdbx_nmr_sample_details.contents         '1mM TP; 10mM acetic acid-3mM NAOH buffer, 90% H2O, 10% D2O' 
_pdbx_nmr_sample_details.solvent_system   '90% H2O/10% D2O' 
# 
_pdbx_nmr_exptl_sample_conditions.conditions_id       1 
_pdbx_nmr_exptl_sample_conditions.temperature         283 
_pdbx_nmr_exptl_sample_conditions.pressure            ambient 
_pdbx_nmr_exptl_sample_conditions.pH                  4.5 
_pdbx_nmr_exptl_sample_conditions.ionic_strength      6.5mM 
_pdbx_nmr_exptl_sample_conditions.pressure_units      . 
_pdbx_nmr_exptl_sample_conditions.temperature_units   K 
# 
loop_
_pdbx_nmr_exptl.experiment_id 
_pdbx_nmr_exptl.conditions_id 
_pdbx_nmr_exptl.type 
_pdbx_nmr_exptl.solution_id 
1 1 '2D NOESY' 1 
2 1 '2D TOCSY' 1 
3 1 DQF-COSY   1 
# 
_pdbx_nmr_details.entry_id   2DX2 
_pdbx_nmr_details.text       'This structures were determined using standard 2D homonuclear techniques' 
# 
_pdbx_nmr_refine.entry_id           2DX2 
_pdbx_nmr_refine.method             'distance geometry' 
_pdbx_nmr_refine.details            ? 
_pdbx_nmr_refine.software_ordinal   1 
# 
loop_
_pdbx_nmr_software.classification 
_pdbx_nmr_software.name 
_pdbx_nmr_software.version 
_pdbx_nmr_software.authors 
_pdbx_nmr_software.ordinal 
'structure solution' DYANA   1.5 ? 1 
processing           NMRPipe 1.7 ? 2 
processing           XwinNMR 1.3 ? 3 
refinement           DYANA   1.5 ? 4 
# 
loop_
_chem_comp_atom.comp_id 
_chem_comp_atom.atom_id 
_chem_comp_atom.type_symbol 
_chem_comp_atom.pdbx_aromatic_flag 
_chem_comp_atom.pdbx_stereo_config 
_chem_comp_atom.pdbx_ordinal 
ALA N    N N N 1   
ALA CA   C N S 2   
ALA C    C N N 3   
ALA O    O N N 4   
ALA CB   C N N 5   
ALA OXT  O N N 6   
ALA H    H N N 7   
ALA H2   H N N 8   
ALA HA   H N N 9   
ALA HB1  H N N 10  
ALA HB2  H N N 11  
ALA HB3  H N N 12  
ALA HXT  H N N 13  
ASN N    N N N 14  
ASN CA   C N S 15  
ASN C    C N N 16  
ASN O    O N N 17  
ASN CB   C N N 18  
ASN CG   C N N 19  
ASN OD1  O N N 20  
ASN ND2  N N N 21  
ASN OXT  O N N 22  
ASN H    H N N 23  
ASN H2   H N N 24  
ASN HA   H N N 25  
ASN HB2  H N N 26  
ASN HB3  H N N 27  
ASN HD21 H N N 28  
ASN HD22 H N N 29  
ASN HXT  H N N 30  
GLY N    N N N 31  
GLY CA   C N N 32  
GLY C    C N N 33  
GLY O    O N N 34  
GLY OXT  O N N 35  
GLY H    H N N 36  
GLY H2   H N N 37  
GLY HA2  H N N 38  
GLY HA3  H N N 39  
GLY HXT  H N N 40  
HIS N    N N N 41  
HIS CA   C N S 42  
HIS C    C N N 43  
HIS O    O N N 44  
HIS CB   C N N 45  
HIS CG   C Y N 46  
HIS ND1  N Y N 47  
HIS CD2  C Y N 48  
HIS CE1  C Y N 49  
HIS NE2  N Y N 50  
HIS OXT  O N N 51  
HIS H    H N N 52  
HIS H2   H N N 53  
HIS HA   H N N 54  
HIS HB2  H N N 55  
HIS HB3  H N N 56  
HIS HD1  H N N 57  
HIS HD2  H N N 58  
HIS HE1  H N N 59  
HIS HE2  H N N 60  
HIS HXT  H N N 61  
ILE N    N N N 62  
ILE CA   C N S 63  
ILE C    C N N 64  
ILE O    O N N 65  
ILE CB   C N S 66  
ILE CG1  C N N 67  
ILE CG2  C N N 68  
ILE CD1  C N N 69  
ILE OXT  O N N 70  
ILE H    H N N 71  
ILE H2   H N N 72  
ILE HA   H N N 73  
ILE HB   H N N 74  
ILE HG12 H N N 75  
ILE HG13 H N N 76  
ILE HG21 H N N 77  
ILE HG22 H N N 78  
ILE HG23 H N N 79  
ILE HD11 H N N 80  
ILE HD12 H N N 81  
ILE HD13 H N N 82  
ILE HXT  H N N 83  
LEU N    N N N 84  
LEU CA   C N S 85  
LEU C    C N N 86  
LEU O    O N N 87  
LEU CB   C N N 88  
LEU CG   C N N 89  
LEU CD1  C N N 90  
LEU CD2  C N N 91  
LEU OXT  O N N 92  
LEU H    H N N 93  
LEU H2   H N N 94  
LEU HA   H N N 95  
LEU HB2  H N N 96  
LEU HB3  H N N 97  
LEU HG   H N N 98  
LEU HD11 H N N 99  
LEU HD12 H N N 100 
LEU HD13 H N N 101 
LEU HD21 H N N 102 
LEU HD22 H N N 103 
LEU HD23 H N N 104 
LEU HXT  H N N 105 
LYS N    N N N 106 
LYS CA   C N S 107 
LYS C    C N N 108 
LYS O    O N N 109 
LYS CB   C N N 110 
LYS CG   C N N 111 
LYS CD   C N N 112 
LYS CE   C N N 113 
LYS NZ   N N N 114 
LYS OXT  O N N 115 
LYS H    H N N 116 
LYS H2   H N N 117 
LYS HA   H N N 118 
LYS HB2  H N N 119 
LYS HB3  H N N 120 
LYS HG2  H N N 121 
LYS HG3  H N N 122 
LYS HD2  H N N 123 
LYS HD3  H N N 124 
LYS HE2  H N N 125 
LYS HE3  H N N 126 
LYS HZ1  H N N 127 
LYS HZ2  H N N 128 
LYS HZ3  H N N 129 
LYS HXT  H N N 130 
TRP N    N N N 131 
TRP CA   C N S 132 
TRP C    C N N 133 
TRP O    O N N 134 
TRP CB   C N N 135 
TRP CG   C Y N 136 
TRP CD1  C Y N 137 
TRP CD2  C Y N 138 
TRP NE1  N Y N 139 
TRP CE2  C Y N 140 
TRP CE3  C Y N 141 
TRP CZ2  C Y N 142 
TRP CZ3  C Y N 143 
TRP CH2  C Y N 144 
TRP OXT  O N N 145 
TRP H    H N N 146 
TRP H2   H N N 147 
TRP HA   H N N 148 
TRP HB2  H N N 149 
TRP HB3  H N N 150 
TRP HD1  H N N 151 
TRP HE1  H N N 152 
TRP HE3  H N N 153 
TRP HZ2  H N N 154 
TRP HZ3  H N N 155 
TRP HH2  H N N 156 
TRP HXT  H N N 157 
TYR N    N N N 158 
TYR CA   C N S 159 
TYR C    C N N 160 
TYR O    O N N 161 
TYR CB   C N N 162 
TYR CG   C Y N 163 
TYR CD1  C Y N 164 
TYR CD2  C Y N 165 
TYR CE1  C Y N 166 
TYR CE2  C Y N 167 
TYR CZ   C Y N 168 
TYR OH   O N N 169 
TYR OXT  O N N 170 
TYR H    H N N 171 
TYR H2   H N N 172 
TYR HA   H N N 173 
TYR HB2  H N N 174 
TYR HB3  H N N 175 
TYR HD1  H N N 176 
TYR HD2  H N N 177 
TYR HE1  H N N 178 
TYR HE2  H N N 179 
TYR HH   H N N 180 
TYR HXT  H N N 181 
# 
loop_
_chem_comp_bond.comp_id 
_chem_comp_bond.atom_id_1 
_chem_comp_bond.atom_id_2 
_chem_comp_bond.value_order 
_chem_comp_bond.pdbx_aromatic_flag 
_chem_comp_bond.pdbx_stereo_config 
_chem_comp_bond.pdbx_ordinal 
ALA N   CA   sing N N 1   
ALA N   H    sing N N 2   
ALA N   H2   sing N N 3   
ALA CA  C    sing N N 4   
ALA CA  CB   sing N N 5   
ALA CA  HA   sing N N 6   
ALA C   O    doub N N 7   
ALA C   OXT  sing N N 8   
ALA CB  HB1  sing N N 9   
ALA CB  HB2  sing N N 10  
ALA CB  HB3  sing N N 11  
ALA OXT HXT  sing N N 12  
ASN N   CA   sing N N 13  
ASN N   H    sing N N 14  
ASN N   H2   sing N N 15  
ASN CA  C    sing N N 16  
ASN CA  CB   sing N N 17  
ASN CA  HA   sing N N 18  
ASN C   O    doub N N 19  
ASN C   OXT  sing N N 20  
ASN CB  CG   sing N N 21  
ASN CB  HB2  sing N N 22  
ASN CB  HB3  sing N N 23  
ASN CG  OD1  doub N N 24  
ASN CG  ND2  sing N N 25  
ASN ND2 HD21 sing N N 26  
ASN ND2 HD22 sing N N 27  
ASN OXT HXT  sing N N 28  
GLY N   CA   sing N N 29  
GLY N   H    sing N N 30  
GLY N   H2   sing N N 31  
GLY CA  C    sing N N 32  
GLY CA  HA2  sing N N 33  
GLY CA  HA3  sing N N 34  
GLY C   O    doub N N 35  
GLY C   OXT  sing N N 36  
GLY OXT HXT  sing N N 37  
HIS N   CA   sing N N 38  
HIS N   H    sing N N 39  
HIS N   H2   sing N N 40  
HIS CA  C    sing N N 41  
HIS CA  CB   sing N N 42  
HIS CA  HA   sing N N 43  
HIS C   O    doub N N 44  
HIS C   OXT  sing N N 45  
HIS CB  CG   sing N N 46  
HIS CB  HB2  sing N N 47  
HIS CB  HB3  sing N N 48  
HIS CG  ND1  sing Y N 49  
HIS CG  CD2  doub Y N 50  
HIS ND1 CE1  doub Y N 51  
HIS ND1 HD1  sing N N 52  
HIS CD2 NE2  sing Y N 53  
HIS CD2 HD2  sing N N 54  
HIS CE1 NE2  sing Y N 55  
HIS CE1 HE1  sing N N 56  
HIS NE2 HE2  sing N N 57  
HIS OXT HXT  sing N N 58  
ILE N   CA   sing N N 59  
ILE N   H    sing N N 60  
ILE N   H2   sing N N 61  
ILE CA  C    sing N N 62  
ILE CA  CB   sing N N 63  
ILE CA  HA   sing N N 64  
ILE C   O    doub N N 65  
ILE C   OXT  sing N N 66  
ILE CB  CG1  sing N N 67  
ILE CB  CG2  sing N N 68  
ILE CB  HB   sing N N 69  
ILE CG1 CD1  sing N N 70  
ILE CG1 HG12 sing N N 71  
ILE CG1 HG13 sing N N 72  
ILE CG2 HG21 sing N N 73  
ILE CG2 HG22 sing N N 74  
ILE CG2 HG23 sing N N 75  
ILE CD1 HD11 sing N N 76  
ILE CD1 HD12 sing N N 77  
ILE CD1 HD13 sing N N 78  
ILE OXT HXT  sing N N 79  
LEU N   CA   sing N N 80  
LEU N   H    sing N N 81  
LEU N   H2   sing N N 82  
LEU CA  C    sing N N 83  
LEU CA  CB   sing N N 84  
LEU CA  HA   sing N N 85  
LEU C   O    doub N N 86  
LEU C   OXT  sing N N 87  
LEU CB  CG   sing N N 88  
LEU CB  HB2  sing N N 89  
LEU CB  HB3  sing N N 90  
LEU CG  CD1  sing N N 91  
LEU CG  CD2  sing N N 92  
LEU CG  HG   sing N N 93  
LEU CD1 HD11 sing N N 94  
LEU CD1 HD12 sing N N 95  
LEU CD1 HD13 sing N N 96  
LEU CD2 HD21 sing N N 97  
LEU CD2 HD22 sing N N 98  
LEU CD2 HD23 sing N N 99  
LEU OXT HXT  sing N N 100 
LYS N   CA   sing N N 101 
LYS N   H    sing N N 102 
LYS N   H2   sing N N 103 
LYS CA  C    sing N N 104 
LYS CA  CB   sing N N 105 
LYS CA  HA   sing N N 106 
LYS C   O    doub N N 107 
LYS C   OXT  sing N N 108 
LYS CB  CG   sing N N 109 
LYS CB  HB2  sing N N 110 
LYS CB  HB3  sing N N 111 
LYS CG  CD   sing N N 112 
LYS CG  HG2  sing N N 113 
LYS CG  HG3  sing N N 114 
LYS CD  CE   sing N N 115 
LYS CD  HD2  sing N N 116 
LYS CD  HD3  sing N N 117 
LYS CE  NZ   sing N N 118 
LYS CE  HE2  sing N N 119 
LYS CE  HE3  sing N N 120 
LYS NZ  HZ1  sing N N 121 
LYS NZ  HZ2  sing N N 122 
LYS NZ  HZ3  sing N N 123 
LYS OXT HXT  sing N N 124 
TRP N   CA   sing N N 125 
TRP N   H    sing N N 126 
TRP N   H2   sing N N 127 
TRP CA  C    sing N N 128 
TRP CA  CB   sing N N 129 
TRP CA  HA   sing N N 130 
TRP C   O    doub N N 131 
TRP C   OXT  sing N N 132 
TRP CB  CG   sing N N 133 
TRP CB  HB2  sing N N 134 
TRP CB  HB3  sing N N 135 
TRP CG  CD1  doub Y N 136 
TRP CG  CD2  sing Y N 137 
TRP CD1 NE1  sing Y N 138 
TRP CD1 HD1  sing N N 139 
TRP CD2 CE2  doub Y N 140 
TRP CD2 CE3  sing Y N 141 
TRP NE1 CE2  sing Y N 142 
TRP NE1 HE1  sing N N 143 
TRP CE2 CZ2  sing Y N 144 
TRP CE3 CZ3  doub Y N 145 
TRP CE3 HE3  sing N N 146 
TRP CZ2 CH2  doub Y N 147 
TRP CZ2 HZ2  sing N N 148 
TRP CZ3 CH2  sing Y N 149 
TRP CZ3 HZ3  sing N N 150 
TRP CH2 HH2  sing N N 151 
TRP OXT HXT  sing N N 152 
TYR N   CA   sing N N 153 
TYR N   H    sing N N 154 
TYR N   H2   sing N N 155 
TYR CA  C    sing N N 156 
TYR CA  CB   sing N N 157 
TYR CA  HA   sing N N 158 
TYR C   O    doub N N 159 
TYR C   OXT  sing N N 160 
TYR CB  CG   sing N N 161 
TYR CB  HB2  sing N N 162 
TYR CB  HB3  sing N N 163 
TYR CG  CD1  doub Y N 164 
TYR CG  CD2  sing Y N 165 
TYR CD1 CE1  sing Y N 166 
TYR CD1 HD1  sing N N 167 
TYR CD2 CE2  doub Y N 168 
TYR CD2 HD2  sing N N 169 
TYR CE1 CZ   doub Y N 170 
TYR CE1 HE1  sing N N 171 
TYR CE2 CZ   sing Y N 172 
TYR CE2 HE2  sing N N 173 
TYR CZ  OH   sing N N 174 
TYR OH  HH   sing N N 175 
TYR OXT HXT  sing N N 176 
# 
_pdbx_nmr_spectrometer.spectrometer_id   1 
_pdbx_nmr_spectrometer.model             DMX 
_pdbx_nmr_spectrometer.manufacturer      Bruker 
_pdbx_nmr_spectrometer.field_strength    750 
_pdbx_nmr_spectrometer.type              ? 
# 
_atom_sites.entry_id                    2DX2 
_atom_sites.fract_transf_matrix[1][1]   1.000000 
_atom_sites.fract_transf_matrix[1][2]   0.000000 
_atom_sites.fract_transf_matrix[1][3]   0.000000 
_atom_sites.fract_transf_matrix[2][1]   0.000000 
_atom_sites.fract_transf_matrix[2][2]   1.000000 
_atom_sites.fract_transf_matrix[2][3]   0.000000 
_atom_sites.fract_transf_matrix[3][1]   0.000000 
_atom_sites.fract_transf_matrix[3][2]   0.000000 
_atom_sites.fract_transf_matrix[3][3]   1.000000 
_atom_sites.fract_transf_vector[1]      0.00000 
_atom_sites.fract_transf_vector[2]      0.00000 
_atom_sites.fract_transf_vector[3]      0.00000 
# 
loop_
_atom_type.symbol 
C 
H 
N 
O 
# 
loop_
_atom_site.group_PDB 
_atom_site.id 
_atom_site.type_symbol 
_atom_site.label_atom_id 
_atom_site.label_alt_id 
_atom_site.label_comp_id 
_atom_site.label_asym_id 
_atom_site.label_entity_id 
_atom_site.label_seq_id 
_atom_site.pdbx_PDB_ins_code 
_atom_site.Cartn_x 
_atom_site.Cartn_y 
_atom_site.Cartn_z 
_atom_site.occupancy 
_atom_site.B_iso_or_equiv 
_atom_site.pdbx_formal_charge 
_atom_site.auth_seq_id 
_atom_site.auth_comp_id 
_atom_site.auth_asym_id 
_atom_site.auth_atom_id 
_atom_site.pdbx_PDB_model_num 
ATOM 1    N N    . ILE A 1 1  ? 2.633  -9.308  1.833  1.00 0.00 ? 1  ILE A N    1  
ATOM 2    C CA   . ILE A 1 1  ? 2.455  -8.368  2.926  1.00 0.00 ? 1  ILE A CA   1  
ATOM 3    C C    . ILE A 1 1  ? 1.130  -7.625  2.745  1.00 0.00 ? 1  ILE A C    1  
ATOM 4    O O    . ILE A 1 1  ? 0.574  -7.598  1.649  1.00 0.00 ? 1  ILE A O    1  
ATOM 5    C CB   . ILE A 1 1  ? 3.669  -7.442  3.039  1.00 0.00 ? 1  ILE A CB   1  
ATOM 6    C CG1  . ILE A 1 1  ? 4.130  -6.972  1.659  1.00 0.00 ? 1  ILE A CG1  1  
ATOM 7    C CG2  . ILE A 1 1  ? 4.798  -8.113  3.825  1.00 0.00 ? 1  ILE A CG2  1  
ATOM 8    C CD1  . ILE A 1 1  ? 3.184  -5.910  1.096  1.00 0.00 ? 1  ILE A CD1  1  
ATOM 9    H H1   . ILE A 1 1  ? 3.557  -9.678  1.739  1.00 0.00 ? 1  ILE A H1   1  
ATOM 10   H HA   . ILE A 1 1  ? 2.405  -8.946  3.850  1.00 0.00 ? 1  ILE A HA   1  
ATOM 11   H HB   . ILE A 1 1  ? 3.371  -6.556  3.598  1.00 0.00 ? 1  ILE A HB   1  
ATOM 12   H HG12 . ILE A 1 1  ? 5.140  -6.566  1.728  1.00 0.00 ? 1  ILE A HG12 1  
ATOM 13   H HG13 . ILE A 1 1  ? 4.175  -7.823  0.978  1.00 0.00 ? 1  ILE A HG13 1  
ATOM 14   H HG21 . ILE A 1 1  ? 4.834  -9.172  3.576  1.00 0.00 ? 1  ILE A HG21 1  
ATOM 15   H HG22 . ILE A 1 1  ? 5.748  -7.646  3.564  1.00 0.00 ? 1  ILE A HG22 1  
ATOM 16   H HG23 . ILE A 1 1  ? 4.618  -7.995  4.893  1.00 0.00 ? 1  ILE A HG23 1  
ATOM 17   H HD11 . ILE A 1 1  ? 3.044  -5.122  1.835  1.00 0.00 ? 1  ILE A HD11 1  
ATOM 18   H HD12 . ILE A 1 1  ? 3.613  -5.487  0.188  1.00 0.00 ? 1  ILE A HD12 1  
ATOM 19   H HD13 . ILE A 1 1  ? 2.222  -6.367  0.863  1.00 0.00 ? 1  ILE A HD13 1  
ATOM 20   N N    . ASN A 1 2  ? 0.662  -7.040  3.838  1.00 0.00 ? 2  ASN A N    1  
ATOM 21   C CA   . ASN A 1 2  ? -0.588 -6.300  3.814  1.00 0.00 ? 2  ASN A CA   1  
ATOM 22   C C    . ASN A 1 2  ? -0.300 -4.815  4.045  1.00 0.00 ? 2  ASN A C    1  
ATOM 23   O O    . ASN A 1 2  ? -1.167 -3.970  3.830  1.00 0.00 ? 2  ASN A O    1  
ATOM 24   C CB   . ASN A 1 2  ? -1.532 -6.775  4.919  1.00 0.00 ? 2  ASN A CB   1  
ATOM 25   C CG   . ASN A 1 2  ? -2.969 -6.877  4.406  1.00 0.00 ? 2  ASN A CG   1  
ATOM 26   O OD1  . ASN A 1 2  ? -3.599 -7.922  4.451  1.00 0.00 ? 2  ASN A OD1  1  
ATOM 27   N ND2  . ASN A 1 2  ? -3.452 -5.739  3.917  1.00 0.00 ? 2  ASN A ND2  1  
ATOM 28   H H    . ASN A 1 2  ? 1.120  -7.067  4.727  1.00 0.00 ? 2  ASN A H    1  
ATOM 29   H HA   . ASN A 1 2  ? -1.016 -6.494  2.831  1.00 0.00 ? 2  ASN A HA   1  
ATOM 30   H HB2  . ASN A 1 2  ? -1.204 -7.747  5.289  1.00 0.00 ? 2  ASN A HB2  1  
ATOM 31   H HB3  . ASN A 1 2  ? -1.491 -6.084  5.761  1.00 0.00 ? 2  ASN A HB3  1  
ATOM 32   H HD21 . ASN A 1 2  ? -2.882 -4.917  3.911  1.00 0.00 ? 2  ASN A HD21 1  
ATOM 33   H HD22 . ASN A 1 2  ? -4.384 -5.704  3.557  1.00 0.00 ? 2  ASN A HD22 1  
ATOM 34   N N    . TYR A 1 3  ? 0.922  -4.542  4.481  1.00 0.00 ? 3  TYR A N    1  
ATOM 35   C CA   . TYR A 1 3  ? 1.334  -3.174  4.743  1.00 0.00 ? 3  TYR A CA   1  
ATOM 36   C C    . TYR A 1 3  ? 1.249  -2.322  3.475  1.00 0.00 ? 3  TYR A C    1  
ATOM 37   O O    . TYR A 1 3  ? 1.210  -1.096  3.549  1.00 0.00 ? 3  TYR A O    1  
ATOM 38   C CB   . TYR A 1 3  ? 2.795  -3.254  5.193  1.00 0.00 ? 3  TYR A CB   1  
ATOM 39   C CG   . TYR A 1 3  ? 3.569  -1.943  5.028  1.00 0.00 ? 3  TYR A CG   1  
ATOM 40   C CD1  . TYR A 1 3  ? 3.412  -0.929  5.950  1.00 0.00 ? 3  TYR A CD1  1  
ATOM 41   C CD2  . TYR A 1 3  ? 4.423  -1.777  3.958  1.00 0.00 ? 3  TYR A CD2  1  
ATOM 42   C CE1  . TYR A 1 3  ? 4.140  0.304   5.796  1.00 0.00 ? 3  TYR A CE1  1  
ATOM 43   C CE2  . TYR A 1 3  ? 5.151  -0.544  3.803  1.00 0.00 ? 3  TYR A CE2  1  
ATOM 44   C CZ   . TYR A 1 3  ? 4.973  0.436   4.730  1.00 0.00 ? 3  TYR A CZ   1  
ATOM 45   O OH   . TYR A 1 3  ? 5.661  1.600   4.584  1.00 0.00 ? 3  TYR A OH   1  
ATOM 46   H H    . TYR A 1 3  ? 1.621  -5.236  4.653  1.00 0.00 ? 3  TYR A H    1  
ATOM 47   H HA   . TYR A 1 3  ? 0.665  -2.759  5.497  1.00 0.00 ? 3  TYR A HA   1  
ATOM 48   H HB2  . TYR A 1 3  ? 2.827  -3.554  6.240  1.00 0.00 ? 3  TYR A HB2  1  
ATOM 49   H HB3  . TYR A 1 3  ? 3.298  -4.035  4.621  1.00 0.00 ? 3  TYR A HB3  1  
ATOM 50   H HD1  . TYR A 1 3  ? 2.736  -1.062  6.796  1.00 0.00 ? 3  TYR A HD1  1  
ATOM 51   H HD2  . TYR A 1 3  ? 4.547  -2.578  3.230  1.00 0.00 ? 3  TYR A HD2  1  
ATOM 52   H HE1  . TYR A 1 3  ? 4.024  1.113   6.517  1.00 0.00 ? 3  TYR A HE1  1  
ATOM 53   H HE2  . TYR A 1 3  ? 5.830  -0.399  2.962  1.00 0.00 ? 3  TYR A HE2  1  
ATOM 54   H HH   . TYR A 1 3  ? 5.611  2.135   5.428  1.00 0.00 ? 3  TYR A HH   1  
ATOM 55   N N    . TRP A 1 4  ? 1.223  -3.007  2.342  1.00 0.00 ? 4  TRP A N    1  
ATOM 56   C CA   . TRP A 1 4  ? 1.142  -2.329  1.059  1.00 0.00 ? 4  TRP A CA   1  
ATOM 57   C C    . TRP A 1 4  ? -0.081 -1.410  1.086  1.00 0.00 ? 4  TRP A C    1  
ATOM 58   O O    . TRP A 1 4  ? -0.109 -0.388  0.402  1.00 0.00 ? 4  TRP A O    1  
ATOM 59   C CB   . TRP A 1 4  ? 1.108  -3.335  -0.093 1.00 0.00 ? 4  TRP A CB   1  
ATOM 60   C CG   . TRP A 1 4  ? 2.175  -3.094  -1.162 1.00 0.00 ? 4  TRP A CG   1  
ATOM 61   C CD1  . TRP A 1 4  ? 1.994  -2.865  -2.470 1.00 0.00 ? 4  TRP A CD1  1  
ATOM 62   C CD2  . TRP A 1 4  ? 3.604  -3.066  -0.962 1.00 0.00 ? 4  TRP A CD2  1  
ATOM 63   N NE1  . TRP A 1 4  ? 3.197  -2.692  -3.125 1.00 0.00 ? 4  TRP A NE1  1  
ATOM 64   C CE2  . TRP A 1 4  ? 4.206  -2.819  -2.177 1.00 0.00 ? 4  TRP A CE2  1  
ATOM 65   C CE3  . TRP A 1 4  ? 4.361  -3.245  0.209  1.00 0.00 ? 4  TRP A CE3  1  
ATOM 66   C CZ2  . TRP A 1 4  ? 5.594  -2.728  -2.341 1.00 0.00 ? 4  TRP A CZ2  1  
ATOM 67   C CZ3  . TRP A 1 4  ? 5.746  -3.151  0.030  1.00 0.00 ? 4  TRP A CZ3  1  
ATOM 68   C CH2  . TRP A 1 4  ? 6.368  -2.902  -1.188 1.00 0.00 ? 4  TRP A CH2  1  
ATOM 69   H H    . TRP A 1 4  ? 1.255  -4.005  2.290  1.00 0.00 ? 4  TRP A H    1  
ATOM 70   H HA   . TRP A 1 4  ? 2.049  -1.738  0.937  1.00 0.00 ? 4  TRP A HA   1  
ATOM 71   H HB2  . TRP A 1 4  ? 1.235  -4.339  0.312  1.00 0.00 ? 4  TRP A HB2  1  
ATOM 72   H HB3  . TRP A 1 4  ? 0.124  -3.303  -0.561 1.00 0.00 ? 4  TRP A HB3  1  
ATOM 73   H HD1  . TRP A 1 4  ? 1.019  -2.819  -2.956 1.00 0.00 ? 4  TRP A HD1  1  
ATOM 74   H HE1  . TRP A 1 4  ? 3.330  -2.493  -4.187 1.00 0.00 ? 4  TRP A HE1  1  
ATOM 75   H HE3  . TRP A 1 4  ? 3.909  -3.442  1.181  1.00 0.00 ? 4  TRP A HE3  1  
ATOM 76   H HZ2  . TRP A 1 4  ? 6.046  -2.530  -3.313 1.00 0.00 ? 4  TRP A HZ2  1  
ATOM 77   H HZ3  . TRP A 1 4  ? 6.380  -3.281  0.906  1.00 0.00 ? 4  TRP A HZ3  1  
ATOM 78   H HH2  . TRP A 1 4  ? 7.456  -2.842  -1.245 1.00 0.00 ? 4  TRP A HH2  1  
ATOM 79   N N    . LEU A 1 5  ? -1.062 -1.807  1.884  1.00 0.00 ? 5  LEU A N    1  
ATOM 80   C CA   . LEU A 1 5  ? -2.284 -1.031  2.009  1.00 0.00 ? 5  LEU A CA   1  
ATOM 81   C C    . LEU A 1 5  ? -1.945 0.368   2.524  1.00 0.00 ? 5  LEU A C    1  
ATOM 82   O O    . LEU A 1 5  ? -2.747 1.292   2.398  1.00 0.00 ? 5  LEU A O    1  
ATOM 83   C CB   . LEU A 1 5  ? -3.304 -1.774  2.875  1.00 0.00 ? 5  LEU A CB   1  
ATOM 84   C CG   . LEU A 1 5  ? -4.647 -2.085  2.212  1.00 0.00 ? 5  LEU A CG   1  
ATOM 85   C CD1  . LEU A 1 5  ? -4.455 -2.943  0.960  1.00 0.00 ? 5  LEU A CD1  1  
ATOM 86   C CD2  . LEU A 1 5  ? -5.613 -2.731  3.207  1.00 0.00 ? 5  LEU A CD2  1  
ATOM 87   H H    . LEU A 1 5  ? -1.031 -2.639  2.437  1.00 0.00 ? 5  LEU A H    1  
ATOM 88   H HA   . LEU A 1 5  ? -2.715 -0.937  1.013  1.00 0.00 ? 5  LEU A HA   1  
ATOM 89   H HB2  . LEU A 1 5  ? -2.856 -2.713  3.203  1.00 0.00 ? 5  LEU A HB2  1  
ATOM 90   H HB3  . LEU A 1 5  ? -3.491 -1.181  3.770  1.00 0.00 ? 5  LEU A HB3  1  
ATOM 91   H HG   . LEU A 1 5  ? -5.095 -1.144  1.893  1.00 0.00 ? 5  LEU A HG   1  
ATOM 92   H HD11 . LEU A 1 5  ? -3.833 -2.405  0.243  1.00 0.00 ? 5  LEU A HD11 1  
ATOM 93   H HD12 . LEU A 1 5  ? -3.969 -3.880  1.232  1.00 0.00 ? 5  LEU A HD12 1  
ATOM 94   H HD13 . LEU A 1 5  ? -5.426 -3.154  0.512  1.00 0.00 ? 5  LEU A HD13 1  
ATOM 95   H HD21 . LEU A 1 5  ? -6.074 -1.957  3.821  1.00 0.00 ? 5  LEU A HD21 1  
ATOM 96   H HD22 . LEU A 1 5  ? -6.387 -3.272  2.663  1.00 0.00 ? 5  LEU A HD22 1  
ATOM 97   H HD23 . LEU A 1 5  ? -5.066 -3.424  3.847  1.00 0.00 ? 5  LEU A HD23 1  
ATOM 98   N N    . ALA A 1 6  ? -0.754 0.483   3.093  1.00 0.00 ? 6  ALA A N    1  
ATOM 99   C CA   . ALA A 1 6  ? -0.297 1.755   3.627  1.00 0.00 ? 6  ALA A CA   1  
ATOM 100  C C    . ALA A 1 6  ? 0.230  2.623   2.484  1.00 0.00 ? 6  ALA A C    1  
ATOM 101  O O    . ALA A 1 6  ? 0.409  3.829   2.648  1.00 0.00 ? 6  ALA A O    1  
ATOM 102  C CB   . ALA A 1 6  ? 0.759  1.506   4.706  1.00 0.00 ? 6  ALA A CB   1  
ATOM 103  H H    . ALA A 1 6  ? -0.107 -0.273  3.192  1.00 0.00 ? 6  ALA A H    1  
ATOM 104  H HA   . ALA A 1 6  ? -1.155 2.250   4.082  1.00 0.00 ? 6  ALA A HA   1  
ATOM 105  H HB1  . ALA A 1 6  ? 1.594  0.954   4.278  1.00 0.00 ? 6  ALA A HB1  1  
ATOM 106  H HB2  . ALA A 1 6  ? 1.114  2.462   5.093  1.00 0.00 ? 6  ALA A HB2  1  
ATOM 107  H HB3  . ALA A 1 6  ? 0.318  0.928   5.518  1.00 0.00 ? 6  ALA A HB3  1  
ATOM 108  N N    . HIS A 1 7  ? 0.466  1.977   1.352  1.00 0.00 ? 7  HIS A N    1  
ATOM 109  C CA   . HIS A 1 7  ? 0.970  2.675   0.182  1.00 0.00 ? 7  HIS A CA   1  
ATOM 110  C C    . HIS A 1 7  ? 0.116  2.318   -1.037 1.00 0.00 ? 7  HIS A C    1  
ATOM 111  O O    . HIS A 1 7  ? 0.526  2.543   -2.174 1.00 0.00 ? 7  HIS A O    1  
ATOM 112  C CB   . HIS A 1 7  ? 2.456  2.378   -0.029 1.00 0.00 ? 7  HIS A CB   1  
ATOM 113  C CG   . HIS A 1 7  ? 3.346  2.870   1.088  1.00 0.00 ? 7  HIS A CG   1  
ATOM 114  N ND1  . HIS A 1 7  ? 3.679  4.204   1.251  1.00 0.00 ? 7  HIS A ND1  1  
ATOM 115  C CD2  . HIS A 1 7  ? 3.964  2.193   2.098  1.00 0.00 ? 7  HIS A CD2  1  
ATOM 116  C CE1  . HIS A 1 7  ? 4.464  4.312   2.311  1.00 0.00 ? 7  HIS A CE1  1  
ATOM 117  N NE2  . HIS A 1 7  ? 4.641  3.065   2.835  1.00 0.00 ? 7  HIS A NE2  1  
ATOM 118  H H    . HIS A 1 7  ? 0.318  0.996   1.227  1.00 0.00 ? 7  HIS A H    1  
ATOM 119  H HA   . HIS A 1 7  ? 0.869  3.741   0.386  1.00 0.00 ? 7  HIS A HA   1  
ATOM 120  H HB2  . HIS A 1 7  ? 2.590  1.303   -0.139 1.00 0.00 ? 7  HIS A HB2  1  
ATOM 121  H HB3  . HIS A 1 7  ? 2.779  2.838   -0.964 1.00 0.00 ? 7  HIS A HB3  1  
ATOM 122  H HD1  . HIS A 1 7  ? 3.377  4.957   0.665  1.00 0.00 ? 7  HIS A HD1  1  
ATOM 123  H HD2  . HIS A 1 7  ? 3.912  1.117   2.269  1.00 0.00 ? 7  HIS A HD2  1  
ATOM 124  H HE1  . HIS A 1 7  ? 4.894  5.236   2.699  1.00 0.00 ? 7  HIS A HE1  1  
ATOM 125  H HE2  . HIS A 1 7  ? 5.143  2.853   3.673  1.00 0.00 ? 7  HIS A HE2  1  
ATOM 126  N N    . ALA A 1 8  ? -1.056 1.768   -0.756 1.00 0.00 ? 8  ALA A N    1  
ATOM 127  C CA   . ALA A 1 8  ? -1.972 1.378   -1.815 1.00 0.00 ? 8  ALA A CA   1  
ATOM 128  C C    . ALA A 1 8  ? -1.977 2.455   -2.902 1.00 0.00 ? 8  ALA A C    1  
ATOM 129  O O    . ALA A 1 8  ? -1.345 2.293   -3.945 1.00 0.00 ? 8  ALA A O    1  
ATOM 130  C CB   . ALA A 1 8  ? -3.363 1.138   -1.225 1.00 0.00 ? 8  ALA A CB   1  
ATOM 131  H H    . ALA A 1 8  ? -1.383 1.588   0.171  1.00 0.00 ? 8  ALA A H    1  
ATOM 132  H HA   . ALA A 1 8  ? -1.606 0.444   -2.243 1.00 0.00 ? 8  ALA A HA   1  
ATOM 133  H HB1  . ALA A 1 8  ? -4.061 1.870   -1.632 1.00 0.00 ? 8  ALA A HB1  1  
ATOM 134  H HB2  . ALA A 1 8  ? -3.698 0.133   -1.482 1.00 0.00 ? 8  ALA A HB2  1  
ATOM 135  H HB3  . ALA A 1 8  ? -3.319 1.241   -0.141 1.00 0.00 ? 8  ALA A HB3  1  
ATOM 136  N N    . LYS A 1 9  ? -2.696 3.531   -2.621 1.00 0.00 ? 9  LYS A N    1  
ATOM 137  C CA   . LYS A 1 9  ? -2.792 4.634   -3.561 1.00 0.00 ? 9  LYS A CA   1  
ATOM 138  C C    . LYS A 1 9  ? -1.434 4.845   -4.234 1.00 0.00 ? 9  LYS A C    1  
ATOM 139  O O    . LYS A 1 9  ? -1.358 4.990   -5.453 1.00 0.00 ? 9  LYS A O    1  
ATOM 140  C CB   . LYS A 1 9  ? -3.334 5.885   -2.866 1.00 0.00 ? 9  LYS A CB   1  
ATOM 141  C CG   . LYS A 1 9  ? -4.855 5.977   -3.009 1.00 0.00 ? 9  LYS A CG   1  
ATOM 142  C CD   . LYS A 1 9  ? -5.269 7.317   -3.620 1.00 0.00 ? 9  LYS A CD   1  
ATOM 143  C CE   . LYS A 1 9  ? -6.657 7.225   -4.255 1.00 0.00 ? 9  LYS A CE   1  
ATOM 144  N NZ   . LYS A 1 9  ? -6.590 7.558   -5.695 1.00 0.00 ? 9  LYS A NZ   1  
ATOM 145  H H    . LYS A 1 9  ? -3.208 3.655   -1.770 1.00 0.00 ? 9  LYS A H    1  
ATOM 146  H HA   . LYS A 1 9  ? -3.516 4.351   -4.324 1.00 0.00 ? 9  LYS A HA   1  
ATOM 147  H HB2  . LYS A 1 9  ? -3.065 5.865   -1.810 1.00 0.00 ? 9  LYS A HB2  1  
ATOM 148  H HB3  . LYS A 1 9  ? -2.871 6.773   -3.295 1.00 0.00 ? 9  LYS A HB3  1  
ATOM 149  H HG2  . LYS A 1 9  ? -5.214 5.161   -3.636 1.00 0.00 ? 9  LYS A HG2  1  
ATOM 150  H HG3  . LYS A 1 9  ? -5.324 5.858   -2.031 1.00 0.00 ? 9  LYS A HG3  1  
ATOM 151  H HD2  . LYS A 1 9  ? -5.268 8.088   -2.848 1.00 0.00 ? 9  LYS A HD2  1  
ATOM 152  H HD3  . LYS A 1 9  ? -4.539 7.619   -4.371 1.00 0.00 ? 9  LYS A HD3  1  
ATOM 153  H HE2  . LYS A 1 9  ? -7.056 6.219   -4.126 1.00 0.00 ? 9  LYS A HE2  1  
ATOM 154  H HE3  . LYS A 1 9  ? -7.341 7.906   -3.750 1.00 0.00 ? 9  LYS A HE3  1  
ATOM 155  H HZ1  . LYS A 1 9  ? -7.109 6.882   -6.219 1.00 0.00 ? 9  LYS A HZ1  1  
ATOM 156  H HZ2  . LYS A 1 9  ? -6.980 8.467   -5.846 1.00 0.00 ? 9  LYS A HZ2  1  
ATOM 157  H HZ3  . LYS A 1 9  ? -5.637 7.551   -5.996 1.00 0.00 ? 9  LYS A HZ3  1  
ATOM 158  N N    . ALA A 1 10 ? -0.397 4.854   -3.410 1.00 0.00 ? 10 ALA A N    1  
ATOM 159  C CA   . ALA A 1 10 ? 0.954  5.044   -3.911 1.00 0.00 ? 10 ALA A CA   1  
ATOM 160  C C    . ALA A 1 10 ? 1.130  4.247   -5.206 1.00 0.00 ? 10 ALA A C    1  
ATOM 161  O O    . ALA A 1 10 ? 0.993  3.026   -5.211 1.00 0.00 ? 10 ALA A O    1  
ATOM 162  C CB   . ALA A 1 10 ? 1.960  4.634   -2.833 1.00 0.00 ? 10 ALA A CB   1  
ATOM 163  H H    . ALA A 1 10 ? -0.468 4.736   -2.420 1.00 0.00 ? 10 ALA A H    1  
ATOM 164  H HA   . ALA A 1 10 ? 1.083  6.105   -4.126 1.00 0.00 ? 10 ALA A HA   1  
ATOM 165  H HB1  . ALA A 1 10 ? 1.446  4.530   -1.878 1.00 0.00 ? 10 ALA A HB1  1  
ATOM 166  H HB2  . ALA A 1 10 ? 2.417  3.682   -3.106 1.00 0.00 ? 10 ALA A HB2  1  
ATOM 167  H HB3  . ALA A 1 10 ? 2.734  5.397   -2.750 1.00 0.00 ? 10 ALA A HB3  1  
ATOM 168  N N    . GLY A 1 11 ? 1.431  4.974   -6.273 1.00 0.00 ? 11 GLY A N    1  
ATOM 169  C CA   . GLY A 1 11 ? 1.628  4.351   -7.570 1.00 0.00 ? 11 GLY A CA   1  
ATOM 170  C C    . GLY A 1 11 ? 1.737  5.405   -8.674 1.00 0.00 ? 11 GLY A C    1  
ATOM 171  O O    . GLY A 1 11 ? 0.832  5.547   -9.493 1.00 0.00 ? 11 GLY A O    1  
ATOM 172  H H    . GLY A 1 11 ? 1.542  5.968   -6.259 1.00 0.00 ? 11 GLY A H    1  
ATOM 173  H HA2  . GLY A 1 11 ? 2.533  3.742   -7.553 1.00 0.00 ? 11 GLY A HA2  1  
ATOM 174  H HA3  . GLY A 1 11 ? 0.797  3.680   -7.785 1.00 0.00 ? 11 GLY A HA3  1  
ATOM 175  N N    . ILE A 1 1  ? 2.332  -9.349  2.407  1.00 0.00 ? 1  ILE A N    2  
ATOM 176  C CA   . ILE A 1 1  ? 2.259  -8.159  3.237  1.00 0.00 ? 1  ILE A CA   2  
ATOM 177  C C    . ILE A 1 1  ? 0.946  -7.425  2.955  1.00 0.00 ? 1  ILE A C    2  
ATOM 178  O O    . ILE A 1 1  ? 0.440  -7.460  1.834  1.00 0.00 ? 1  ILE A O    2  
ATOM 179  C CB   . ILE A 1 1  ? 3.504  -7.290  3.039  1.00 0.00 ? 1  ILE A CB   2  
ATOM 180  C CG1  . ILE A 1 1  ? 3.853  -7.165  1.555  1.00 0.00 ? 1  ILE A CG1  2  
ATOM 181  C CG2  . ILE A 1 1  ? 4.679  -7.821  3.862  1.00 0.00 ? 1  ILE A CG2  2  
ATOM 182  C CD1  . ILE A 1 1  ? 3.805  -5.704  1.102  1.00 0.00 ? 1  ILE A CD1  2  
ATOM 183  H H1   . ILE A 1 1  ? 1.597  -10.012 2.552  1.00 0.00 ? 1  ILE A H1   2  
ATOM 184  H HA   . ILE A 1 1  ? 2.256  -8.486  4.276  1.00 0.00 ? 1  ILE A HA   2  
ATOM 185  H HB   . ILE A 1 1  ? 3.281  -6.288  3.405  1.00 0.00 ? 1  ILE A HB   2  
ATOM 186  H HG12 . ILE A 1 1  ? 4.849  -7.571  1.377  1.00 0.00 ? 1  ILE A HG12 2  
ATOM 187  H HG13 . ILE A 1 1  ? 3.156  -7.756  0.962  1.00 0.00 ? 1  ILE A HG13 2  
ATOM 188  H HG21 . ILE A 1 1  ? 4.461  -7.702  4.924  1.00 0.00 ? 1  ILE A HG21 2  
ATOM 189  H HG22 . ILE A 1 1  ? 4.832  -8.877  3.639  1.00 0.00 ? 1  ILE A HG22 2  
ATOM 190  H HG23 . ILE A 1 1  ? 5.580  -7.263  3.611  1.00 0.00 ? 1  ILE A HG23 2  
ATOM 191  H HD11 . ILE A 1 1  ? 2.835  -5.277  1.359  1.00 0.00 ? 1  ILE A HD11 2  
ATOM 192  H HD12 . ILE A 1 1  ? 4.594  -5.142  1.602  1.00 0.00 ? 1  ILE A HD12 2  
ATOM 193  H HD13 . ILE A 1 1  ? 3.950  -5.653  0.023  1.00 0.00 ? 1  ILE A HD13 2  
ATOM 194  N N    . ASN A 1 2  ? 0.432  -6.780  3.991  1.00 0.00 ? 2  ASN A N    2  
ATOM 195  C CA   . ASN A 1 2  ? -0.812 -6.039  3.869  1.00 0.00 ? 2  ASN A CA   2  
ATOM 196  C C    . ASN A 1 2  ? -0.529 -4.545  4.030  1.00 0.00 ? 2  ASN A C    2  
ATOM 197  O O    . ASN A 1 2  ? -1.382 -3.711  3.728  1.00 0.00 ? 2  ASN A O    2  
ATOM 198  C CB   . ASN A 1 2  ? -1.808 -6.451  4.955  1.00 0.00 ? 2  ASN A CB   2  
ATOM 199  C CG   . ASN A 1 2  ? -3.221 -6.580  4.384  1.00 0.00 ? 2  ASN A CG   2  
ATOM 200  O OD1  . ASN A 1 2  ? -3.958 -7.504  4.683  1.00 0.00 ? 2  ASN A OD1  2  
ATOM 201  N ND2  . ASN A 1 2  ? -3.556 -5.602  3.546  1.00 0.00 ? 2  ASN A ND2  2  
ATOM 202  H H    . ASN A 1 2  ? 0.850  -6.757  4.899  1.00 0.00 ? 2  ASN A H    2  
ATOM 203  H HA   . ASN A 1 2  ? -1.197 -6.286  2.879  1.00 0.00 ? 2  ASN A HA   2  
ATOM 204  H HB2  . ASN A 1 2  ? -1.501 -7.403  5.391  1.00 0.00 ? 2  ASN A HB2  2  
ATOM 205  H HB3  . ASN A 1 2  ? -1.801 -5.715  5.758  1.00 0.00 ? 2  ASN A HB3  2  
ATOM 206  H HD21 . ASN A 1 2  ? -2.903 -4.872  3.342  1.00 0.00 ? 2  ASN A HD21 2  
ATOM 207  H HD22 . ASN A 1 2  ? -4.460 -5.597  3.119  1.00 0.00 ? 2  ASN A HD22 2  
ATOM 208  N N    . TYR A 1 3  ? 0.672  -4.251  4.507  1.00 0.00 ? 3  TYR A N    2  
ATOM 209  C CA   . TYR A 1 3  ? 1.077  -2.870  4.713  1.00 0.00 ? 3  TYR A CA   2  
ATOM 210  C C    . TYR A 1 3  ? 1.064  -2.093  3.395  1.00 0.00 ? 3  TYR A C    2  
ATOM 211  O O    . TYR A 1 3  ? 0.974  -0.866  3.395  1.00 0.00 ? 3  TYR A O    2  
ATOM 212  C CB   . TYR A 1 3  ? 2.512  -2.927  5.243  1.00 0.00 ? 3  TYR A CB   2  
ATOM 213  C CG   . TYR A 1 3  ? 3.288  -1.619  5.079  1.00 0.00 ? 3  TYR A CG   2  
ATOM 214  C CD1  . TYR A 1 3  ? 3.181  -0.628  6.033  1.00 0.00 ? 3  TYR A CD1  2  
ATOM 215  C CD2  . TYR A 1 3  ? 4.096  -1.431  3.976  1.00 0.00 ? 3  TYR A CD2  2  
ATOM 216  C CE1  . TYR A 1 3  ? 3.912  0.603   5.878  1.00 0.00 ? 3  TYR A CE1  2  
ATOM 217  C CE2  . TYR A 1 3  ? 4.827  -0.200  3.821  1.00 0.00 ? 3  TYR A CE2  2  
ATOM 218  C CZ   . TYR A 1 3  ? 4.699  0.756   4.780  1.00 0.00 ? 3  TYR A CZ   2  
ATOM 219  O OH   . TYR A 1 3  ? 5.390  1.918   4.632  1.00 0.00 ? 3  TYR A OH   2  
ATOM 220  H H    . TYR A 1 3  ? 1.360  -4.934  4.751  1.00 0.00 ? 3  TYR A H    2  
ATOM 221  H HA   . TYR A 1 3  ? 0.371  -2.411  5.404  1.00 0.00 ? 3  TYR A HA   2  
ATOM 222  H HB2  . TYR A 1 3  ? 2.487  -3.192  6.301  1.00 0.00 ? 3  TYR A HB2  2  
ATOM 223  H HB3  . TYR A 1 3  ? 3.048  -3.723  4.728  1.00 0.00 ? 3  TYR A HB3  2  
ATOM 224  H HD1  . TYR A 1 3  ? 2.543  -0.777  6.904  1.00 0.00 ? 3  TYR A HD1  2  
ATOM 225  H HD2  . TYR A 1 3  ? 4.181  -2.214  3.222  1.00 0.00 ? 3  TYR A HD2  2  
ATOM 226  H HE1  . TYR A 1 3  ? 3.836  1.394   6.624  1.00 0.00 ? 3  TYR A HE1  2  
ATOM 227  H HE2  . TYR A 1 3  ? 5.469  -0.039  2.955  1.00 0.00 ? 3  TYR A HE2  2  
ATOM 228  H HH   . TYR A 1 3  ? 6.163  1.939   5.266  1.00 0.00 ? 3  TYR A HH   2  
ATOM 229  N N    . TRP A 1 4  ? 1.156  -2.839  2.304  1.00 0.00 ? 4  TRP A N    2  
ATOM 230  C CA   . TRP A 1 4  ? 1.156  -2.235  0.982  1.00 0.00 ? 4  TRP A CA   2  
ATOM 231  C C    . TRP A 1 4  ? -0.060 -1.312  0.884  1.00 0.00 ? 4  TRP A C    2  
ATOM 232  O O    . TRP A 1 4  ? -0.021 -0.299  0.189  1.00 0.00 ? 4  TRP A O    2  
ATOM 233  C CB   . TRP A 1 4  ? 1.182  -3.305  -0.109 1.00 0.00 ? 4  TRP A CB   2  
ATOM 234  C CG   . TRP A 1 4  ? 2.293  -3.110  -1.145 1.00 0.00 ? 4  TRP A CG   2  
ATOM 235  C CD1  . TRP A 1 4  ? 2.167  -2.965  -2.471 1.00 0.00 ? 4  TRP A CD1  2  
ATOM 236  C CD2  . TRP A 1 4  ? 3.710  -3.046  -0.884 1.00 0.00 ? 4  TRP A CD2  2  
ATOM 237  N NE1  . TRP A 1 4  ? 3.395  -2.811  -3.082 1.00 0.00 ? 4  TRP A NE1  2  
ATOM 238  C CE2  . TRP A 1 4  ? 4.363  -2.862  -2.086 1.00 0.00 ? 4  TRP A CE2  2  
ATOM 239  C CE3  . TRP A 1 4  ? 4.417  -3.140  0.327  1.00 0.00 ? 4  TRP A CE3  2  
ATOM 240  C CZ2  . TRP A 1 4  ? 5.755  -2.756  -2.194 1.00 0.00 ? 4  TRP A CZ2  2  
ATOM 241  C CZ3  . TRP A 1 4  ? 5.807  -3.032  0.202  1.00 0.00 ? 4  TRP A CZ3  2  
ATOM 242  C CH2  . TRP A 1 4  ? 6.481  -2.846  -1.000 1.00 0.00 ? 4  TRP A CH2  2  
ATOM 243  H H    . TRP A 1 4  ? 1.229  -3.836  2.313  1.00 0.00 ? 4  TRP A H    2  
ATOM 244  H HA   . TRP A 1 4  ? 2.073  -1.655  0.881  1.00 0.00 ? 4  TRP A HA   2  
ATOM 245  H HB2  . TRP A 1 4  ? 1.303  -4.283  0.357  1.00 0.00 ? 4  TRP A HB2  2  
ATOM 246  H HB3  . TRP A 1 4  ? 0.221  -3.313  -0.621 1.00 0.00 ? 4  TRP A HB3  2  
ATOM 247  H HD1  . TRP A 1 4  ? 1.214  -2.967  -3.001 1.00 0.00 ? 4  TRP A HD1  2  
ATOM 248  H HE1  . TRP A 1 4  ? 3.572  -2.674  -4.148 1.00 0.00 ? 4  TRP A HE1  2  
ATOM 249  H HE3  . TRP A 1 4  ? 3.925  -3.285  1.289  1.00 0.00 ? 4  TRP A HE3  2  
ATOM 250  H HZ2  . TRP A 1 4  ? 6.247  -2.611  -3.155 1.00 0.00 ? 4  TRP A HZ2  2  
ATOM 251  H HZ3  . TRP A 1 4  ? 6.404  -3.098  1.111  1.00 0.00 ? 4  TRP A HZ3  2  
ATOM 252  H HH2  . TRP A 1 4  ? 7.567  -2.772  -1.013 1.00 0.00 ? 4  TRP A HH2  2  
ATOM 253  N N    . LEU A 1 5  ? -1.113 -1.696  1.592  1.00 0.00 ? 5  LEU A N    2  
ATOM 254  C CA   . LEU A 1 5  ? -2.338 -0.915  1.594  1.00 0.00 ? 5  LEU A CA   2  
ATOM 255  C C    . LEU A 1 5  ? -2.029 0.512   2.049  1.00 0.00 ? 5  LEU A C    2  
ATOM 256  O O    . LEU A 1 5  ? -2.810 1.430   1.805  1.00 0.00 ? 5  LEU A O    2  
ATOM 257  C CB   . LEU A 1 5  ? -3.414 -1.607  2.434  1.00 0.00 ? 5  LEU A CB   2  
ATOM 258  C CG   . LEU A 1 5  ? -4.731 -1.913  1.717  1.00 0.00 ? 5  LEU A CG   2  
ATOM 259  C CD1  . LEU A 1 5  ? -4.503 -2.854  0.532  1.00 0.00 ? 5  LEU A CD1  2  
ATOM 260  C CD2  . LEU A 1 5  ? -5.771 -2.464  2.694  1.00 0.00 ? 5  LEU A CD2  2  
ATOM 261  H H    . LEU A 1 5  ? -1.137 -2.521  2.156  1.00 0.00 ? 5  LEU A H    2  
ATOM 262  H HA   . LEU A 1 5  ? -2.704 -0.879  0.568  1.00 0.00 ? 5  LEU A HA   2  
ATOM 263  H HB2  . LEU A 1 5  ? -3.003 -2.543  2.813  1.00 0.00 ? 5  LEU A HB2  2  
ATOM 264  H HB3  . LEU A 1 5  ? -3.631 -0.981  3.298  1.00 0.00 ? 5  LEU A HB3  2  
ATOM 265  H HG   . LEU A 1 5  ? -5.127 -0.980  1.317  1.00 0.00 ? 5  LEU A HG   2  
ATOM 266  H HD11 . LEU A 1 5  ? -4.487 -3.885  0.884  1.00 0.00 ? 5  LEU A HD11 2  
ATOM 267  H HD12 . LEU A 1 5  ? -5.310 -2.729  -0.191 1.00 0.00 ? 5  LEU A HD12 2  
ATOM 268  H HD13 . LEU A 1 5  ? -3.551 -2.617  0.056  1.00 0.00 ? 5  LEU A HD13 2  
ATOM 269  H HD21 . LEU A 1 5  ? -6.297 -1.637  3.170  1.00 0.00 ? 5  LEU A HD21 2  
ATOM 270  H HD22 . LEU A 1 5  ? -6.486 -3.085  2.152  1.00 0.00 ? 5  LEU A HD22 2  
ATOM 271  H HD23 . LEU A 1 5  ? -5.273 -3.064  3.455  1.00 0.00 ? 5  LEU A HD23 2  
ATOM 272  N N    . ALA A 1 6  ? -0.885 0.656   2.703  1.00 0.00 ? 6  ALA A N    2  
ATOM 273  C CA   . ALA A 1 6  ? -0.462 1.957   3.193  1.00 0.00 ? 6  ALA A CA   2  
ATOM 274  C C    . ALA A 1 6  ? 0.139  2.762   2.039  1.00 0.00 ? 6  ALA A C    2  
ATOM 275  O O    . ALA A 1 6  ? 0.299  3.977   2.143  1.00 0.00 ? 6  ALA A O    2  
ATOM 276  C CB   . ALA A 1 6  ? 0.524  1.770   4.349  1.00 0.00 ? 6  ALA A CB   2  
ATOM 277  H H    . ALA A 1 6  ? -0.253 -0.094  2.897  1.00 0.00 ? 6  ALA A H    2  
ATOM 278  H HA   . ALA A 1 6  ? -1.345 2.475   3.566  1.00 0.00 ? 6  ALA A HA   2  
ATOM 279  H HB1  . ALA A 1 6  ? 1.473  1.401   3.961  1.00 0.00 ? 6  ALA A HB1  2  
ATOM 280  H HB2  . ALA A 1 6  ? 0.683  2.726   4.848  1.00 0.00 ? 6  ALA A HB2  2  
ATOM 281  H HB3  . ALA A 1 6  ? 0.118  1.051   5.060  1.00 0.00 ? 6  ALA A HB3  2  
ATOM 282  N N    . HIS A 1 7  ? 0.455  2.053   0.966  1.00 0.00 ? 7  HIS A N    2  
ATOM 283  C CA   . HIS A 1 7  ? 1.034  2.686   -0.206 1.00 0.00 ? 7  HIS A CA   2  
ATOM 284  C C    . HIS A 1 7  ? 0.266  2.251   -1.456 1.00 0.00 ? 7  HIS A C    2  
ATOM 285  O O    . HIS A 1 7  ? 0.757  2.402   -2.575 1.00 0.00 ? 7  HIS A O    2  
ATOM 286  C CB   . HIS A 1 7  ? 2.533  2.391   -0.299 1.00 0.00 ? 7  HIS A CB   2  
ATOM 287  C CG   . HIS A 1 7  ? 3.337  2.934   0.858  1.00 0.00 ? 7  HIS A CG   2  
ATOM 288  N ND1  . HIS A 1 7  ? 3.708  4.263   0.956  1.00 0.00 ? 7  HIS A ND1  2  
ATOM 289  C CD2  . HIS A 1 7  ? 3.837  2.312   1.965  1.00 0.00 ? 7  HIS A CD2  2  
ATOM 290  C CE1  . HIS A 1 7  ? 4.400  4.424   2.074  1.00 0.00 ? 7  HIS A CE1  2  
ATOM 291  N NE2  . HIS A 1 7  ? 4.479  3.213   2.697  1.00 0.00 ? 7  HIS A NE2  2  
ATOM 292  H H    . HIS A 1 7  ? 0.321  1.064   0.889  1.00 0.00 ? 7  HIS A H    2  
ATOM 293  H HA   . HIS A 1 7  ? 0.914  3.761   -0.073 1.00 0.00 ? 7  HIS A HA   2  
ATOM 294  H HB2  . HIS A 1 7  ? 2.678  1.312   -0.354 1.00 0.00 ? 7  HIS A HB2  2  
ATOM 295  H HB3  . HIS A 1 7  ? 2.919  2.814   -1.226 1.00 0.00 ? 7  HIS A HB3  2  
ATOM 296  H HD1  . HIS A 1 7  ? 3.490  4.981   0.295  1.00 0.00 ? 7  HIS A HD1  2  
ATOM 297  H HD2  . HIS A 1 7  ? 3.728  1.255   2.206  1.00 0.00 ? 7  HIS A HD2  2  
ATOM 298  H HE1  . HIS A 1 7  ? 4.830  5.359   2.433  1.00 0.00 ? 7  HIS A HE1  2  
ATOM 299  H HE2  . HIS A 1 7  ? 4.896  3.046   3.591  1.00 0.00 ? 7  HIS A HE2  2  
ATOM 300  N N    . ALA A 1 8  ? -0.926 1.721   -1.226 1.00 0.00 ? 8  ALA A N    2  
ATOM 301  C CA   . ALA A 1 8  ? -1.766 1.264   -2.319 1.00 0.00 ? 8  ALA A CA   2  
ATOM 302  C C    . ALA A 1 8  ? -1.768 2.316   -3.430 1.00 0.00 ? 8  ALA A C    2  
ATOM 303  O O    . ALA A 1 8  ? -1.076 2.164   -4.436 1.00 0.00 ? 8  ALA A O    2  
ATOM 304  C CB   . ALA A 1 8  ? -3.172 0.969   -1.793 1.00 0.00 ? 8  ALA A CB   2  
ATOM 305  H H    . ALA A 1 8  ? -1.318 1.602   -0.313 1.00 0.00 ? 8  ALA A H    2  
ATOM 306  H HA   . ALA A 1 8  ? -1.334 0.340   -2.705 1.00 0.00 ? 8  ALA A HA   2  
ATOM 307  H HB1  . ALA A 1 8  ? -3.448 -0.054  -2.049 1.00 0.00 ? 8  ALA A HB1  2  
ATOM 308  H HB2  . ALA A 1 8  ? -3.189 1.090   -0.710 1.00 0.00 ? 8  ALA A HB2  2  
ATOM 309  H HB3  . ALA A 1 8  ? -3.882 1.661   -2.247 1.00 0.00 ? 8  ALA A HB3  2  
ATOM 310  N N    . LYS A 1 9  ? -2.553 3.361   -3.211 1.00 0.00 ? 9  LYS A N    2  
ATOM 311  C CA   . LYS A 1 9  ? -2.654 4.437   -4.180 1.00 0.00 ? 9  LYS A CA   2  
ATOM 312  C C    . LYS A 1 9  ? -1.275 4.701   -4.788 1.00 0.00 ? 9  LYS A C    2  
ATOM 313  O O    . LYS A 1 9  ? -1.142 4.817   -6.006 1.00 0.00 ? 9  LYS A O    2  
ATOM 314  C CB   . LYS A 1 9  ? -3.291 5.675   -3.544 1.00 0.00 ? 9  LYS A CB   2  
ATOM 315  C CG   . LYS A 1 9  ? -4.807 5.678   -3.751 1.00 0.00 ? 9  LYS A CG   2  
ATOM 316  C CD   . LYS A 1 9  ? -5.540 5.360   -2.444 1.00 0.00 ? 9  LYS A CD   2  
ATOM 317  C CE   . LYS A 1 9  ? -6.344 6.568   -1.960 1.00 0.00 ? 9  LYS A CE   2  
ATOM 318  N NZ   . LYS A 1 9  ? -6.507 6.525   -0.490 1.00 0.00 ? 9  LYS A NZ   2  
ATOM 319  H H    . LYS A 1 9  ? -3.113 3.477   -2.391 1.00 0.00 ? 9  LYS A H    2  
ATOM 320  H HA   . LYS A 1 9  ? -3.323 4.103   -4.973 1.00 0.00 ? 9  LYS A HA   2  
ATOM 321  H HB2  . LYS A 1 9  ? -3.066 5.696   -2.477 1.00 0.00 ? 9  LYS A HB2  2  
ATOM 322  H HB3  . LYS A 1 9  ? -2.859 6.576   -3.978 1.00 0.00 ? 9  LYS A HB3  2  
ATOM 323  H HG2  . LYS A 1 9  ? -5.125 6.652   -4.121 1.00 0.00 ? 9  LYS A HG2  2  
ATOM 324  H HG3  . LYS A 1 9  ? -5.075 4.944   -4.510 1.00 0.00 ? 9  LYS A HG3  2  
ATOM 325  H HD2  . LYS A 1 9  ? -6.205 4.511   -2.595 1.00 0.00 ? 9  LYS A HD2  2  
ATOM 326  H HD3  . LYS A 1 9  ? -4.819 5.069   -1.681 1.00 0.00 ? 9  LYS A HD3  2  
ATOM 327  H HE2  . LYS A 1 9  ? -5.840 7.489   -2.249 1.00 0.00 ? 9  LYS A HE2  2  
ATOM 328  H HE3  . LYS A 1 9  ? -7.323 6.577   -2.441 1.00 0.00 ? 9  LYS A HE3  2  
ATOM 329  H HZ1  . LYS A 1 9  ? -6.791 5.607   -0.212 1.00 0.00 ? 9  LYS A HZ1  2  
ATOM 330  H HZ2  . LYS A 1 9  ? -5.638 6.753   -0.051 1.00 0.00 ? 9  LYS A HZ2  2  
ATOM 331  H HZ3  . LYS A 1 9  ? -7.204 7.187   -0.213 1.00 0.00 ? 9  LYS A HZ3  2  
ATOM 332  N N    . ALA A 1 10 ? -0.284 4.787   -3.914 1.00 0.00 ? 10 ALA A N    2  
ATOM 333  C CA   . ALA A 1 10 ? 1.080  5.035   -4.350 1.00 0.00 ? 10 ALA A CA   2  
ATOM 334  C C    . ALA A 1 10 ? 1.360  4.227   -5.618 1.00 0.00 ? 10 ALA A C    2  
ATOM 335  O O    . ALA A 1 10 ? 0.983  3.059   -5.710 1.00 0.00 ? 10 ALA A O    2  
ATOM 336  C CB   . ALA A 1 10 ? 2.048  4.694   -3.215 1.00 0.00 ? 10 ALA A CB   2  
ATOM 337  H H    . ALA A 1 10 ? -0.401 4.692   -2.926 1.00 0.00 ? 10 ALA A H    2  
ATOM 338  H HA   . ALA A 1 10 ? 1.168  6.097   -4.579 1.00 0.00 ? 10 ALA A HA   2  
ATOM 339  H HB1  . ALA A 1 10 ? 2.860  5.422   -3.200 1.00 0.00 ? 10 ALA A HB1  2  
ATOM 340  H HB2  . ALA A 1 10 ? 1.517  4.723   -2.264 1.00 0.00 ? 10 ALA A HB2  2  
ATOM 341  H HB3  . ALA A 1 10 ? 2.458  3.696   -3.374 1.00 0.00 ? 10 ALA A HB3  2  
ATOM 342  N N    . GLY A 1 11 ? 2.018  4.879   -6.565 1.00 0.00 ? 11 GLY A N    2  
ATOM 343  C CA   . GLY A 1 11 ? 2.353  4.235   -7.824 1.00 0.00 ? 11 GLY A CA   2  
ATOM 344  C C    . GLY A 1 11 ? 3.634  4.825   -8.417 1.00 0.00 ? 11 GLY A C    2  
ATOM 345  O O    . GLY A 1 11 ? 4.042  4.453   -9.516 1.00 0.00 ? 11 GLY A O    2  
ATOM 346  H H    . GLY A 1 11 ? 2.321  5.828   -6.482 1.00 0.00 ? 11 GLY A H    2  
ATOM 347  H HA2  . GLY A 1 11 ? 2.480  3.164   -7.666 1.00 0.00 ? 11 GLY A HA2  2  
ATOM 348  H HA3  . GLY A 1 11 ? 1.531  4.359   -8.529 1.00 0.00 ? 11 GLY A HA3  2  
ATOM 349  N N    . ILE A 1 1  ? 2.009  -9.448  2.621  1.00 0.00 ? 1  ILE A N    3  
ATOM 350  C CA   . ILE A 1 1  ? 1.927  -8.260  3.452  1.00 0.00 ? 1  ILE A CA   3  
ATOM 351  C C    . ILE A 1 1  ? 0.688  -7.452  3.059  1.00 0.00 ? 1  ILE A C    3  
ATOM 352  O O    . ILE A 1 1  ? 0.254  -7.495  1.908  1.00 0.00 ? 1  ILE A O    3  
ATOM 353  C CB   . ILE A 1 1  ? 3.230  -7.462  3.378  1.00 0.00 ? 1  ILE A CB   3  
ATOM 354  C CG1  . ILE A 1 1  ? 3.709  -7.328  1.931  1.00 0.00 ? 1  ILE A CG1  3  
ATOM 355  C CG2  . ILE A 1 1  ? 4.301  -8.075  4.283  1.00 0.00 ? 1  ILE A CG2  3  
ATOM 356  C CD1  . ILE A 1 1  ? 3.727  -5.864  1.492  1.00 0.00 ? 1  ILE A CD1  3  
ATOM 357  H H1   . ILE A 1 1  ? 1.275  -9.546  1.949  1.00 0.00 ? 1  ILE A H1   3  
ATOM 358  H HA   . ILE A 1 1  ? 1.809  -8.591  4.485  1.00 0.00 ? 1  ILE A HA   3  
ATOM 359  H HB   . ILE A 1 1  ? 3.035  -6.455  3.747  1.00 0.00 ? 1  ILE A HB   3  
ATOM 360  H HG12 . ILE A 1 1  ? 4.709  -7.753  1.836  1.00 0.00 ? 1  ILE A HG12 3  
ATOM 361  H HG13 . ILE A 1 1  ? 3.056  -7.902  1.274  1.00 0.00 ? 1  ILE A HG13 3  
ATOM 362  H HG21 . ILE A 1 1  ? 5.175  -7.425  4.304  1.00 0.00 ? 1  ILE A HG21 3  
ATOM 363  H HG22 . ILE A 1 1  ? 3.904  -8.183  5.293  1.00 0.00 ? 1  ILE A HG22 3  
ATOM 364  H HG23 . ILE A 1 1  ? 4.585  -9.054  3.897  1.00 0.00 ? 1  ILE A HG23 3  
ATOM 365  H HD11 . ILE A 1 1  ? 4.495  -5.721  0.731  1.00 0.00 ? 1  ILE A HD11 3  
ATOM 366  H HD12 . ILE A 1 1  ? 2.753  -5.596  1.081  1.00 0.00 ? 1  ILE A HD12 3  
ATOM 367  H HD13 . ILE A 1 1  ? 3.945  -5.229  2.351  1.00 0.00 ? 1  ILE A HD13 3  
ATOM 368  N N    . ASN A 1 2  ? 0.154  -6.734  4.035  1.00 0.00 ? 2  ASN A N    3  
ATOM 369  C CA   . ASN A 1 2  ? -1.027 -5.919  3.806  1.00 0.00 ? 2  ASN A CA   3  
ATOM 370  C C    . ASN A 1 2  ? -0.657 -4.441  3.955  1.00 0.00 ? 2  ASN A C    3  
ATOM 371  O O    . ASN A 1 2  ? -1.440 -3.563  3.595  1.00 0.00 ? 2  ASN A O    3  
ATOM 372  C CB   . ASN A 1 2  ? -2.124 -6.237  4.823  1.00 0.00 ? 2  ASN A CB   3  
ATOM 373  C CG   . ASN A 1 2  ? -3.493 -6.322  4.146  1.00 0.00 ? 2  ASN A CG   3  
ATOM 374  O OD1  . ASN A 1 2  ? -4.224 -7.288  4.285  1.00 0.00 ? 2  ASN A OD1  3  
ATOM 375  N ND2  . ASN A 1 2  ? -3.797 -5.259  3.406  1.00 0.00 ? 2  ASN A ND2  3  
ATOM 376  H H    . ASN A 1 2  ? 0.513  -6.705  4.969  1.00 0.00 ? 2  ASN A H    3  
ATOM 377  H HA   . ASN A 1 2  ? -1.354 -6.166  2.796  1.00 0.00 ? 2  ASN A HA   3  
ATOM 378  H HB2  . ASN A 1 2  ? -1.901 -7.181  5.320  1.00 0.00 ? 2  ASN A HB2  3  
ATOM 379  H HB3  . ASN A 1 2  ? -2.143 -5.467  5.596  1.00 0.00 ? 2  ASN A HB3  3  
ATOM 380  H HD21 . ASN A 1 2  ? -3.151 -4.499  3.334  1.00 0.00 ? 2  ASN A HD21 3  
ATOM 381  H HD22 . ASN A 1 2  ? -4.671 -5.220  2.922  1.00 0.00 ? 2  ASN A HD22 3  
ATOM 382  N N    . TYR A 1 3  ? 0.535  -4.213  4.487  1.00 0.00 ? 3  TYR A N    3  
ATOM 383  C CA   . TYR A 1 3  ? 1.017  -2.858  4.688  1.00 0.00 ? 3  TYR A CA   3  
ATOM 384  C C    . TYR A 1 3  ? 1.103  -2.104  3.359  1.00 0.00 ? 3  TYR A C    3  
ATOM 385  O O    . TYR A 1 3  ? 1.120  -0.873  3.340  1.00 0.00 ? 3  TYR A O    3  
ATOM 386  C CB   . TYR A 1 3  ? 2.424  -2.994  5.275  1.00 0.00 ? 3  TYR A CB   3  
ATOM 387  C CG   . TYR A 1 3  ? 3.303  -1.758  5.077  1.00 0.00 ? 3  TYR A CG   3  
ATOM 388  C CD1  . TYR A 1 3  ? 4.053  -1.621  3.926  1.00 0.00 ? 3  TYR A CD1  3  
ATOM 389  C CD2  . TYR A 1 3  ? 3.347  -0.779  6.049  1.00 0.00 ? 3  TYR A CD2  3  
ATOM 390  C CE1  . TYR A 1 3  ? 4.880  -0.458  3.739  1.00 0.00 ? 3  TYR A CE1  3  
ATOM 391  C CE2  . TYR A 1 3  ? 4.175  0.385   5.863  1.00 0.00 ? 3  TYR A CE2  3  
ATOM 392  C CZ   . TYR A 1 3  ? 4.901  0.488   4.717  1.00 0.00 ? 3  TYR A CZ   3  
ATOM 393  O OH   . TYR A 1 3  ? 5.682  1.587   4.541  1.00 0.00 ? 3  TYR A OH   3  
ATOM 394  H H    . TYR A 1 3  ? 1.165  -4.934  4.776  1.00 0.00 ? 3  TYR A H    3  
ATOM 395  H HA   . TYR A 1 3  ? 0.315  -2.345  5.344  1.00 0.00 ? 3  TYR A HA   3  
ATOM 396  H HB2  . TYR A 1 3  ? 2.343  -3.202  6.342  1.00 0.00 ? 3  TYR A HB2  3  
ATOM 397  H HB3  . TYR A 1 3  ? 2.916  -3.854  4.820  1.00 0.00 ? 3  TYR A HB3  3  
ATOM 398  H HD1  . TYR A 1 3  ? 4.019  -2.394  3.159  1.00 0.00 ? 3  TYR A HD1  3  
ATOM 399  H HD2  . TYR A 1 3  ? 2.756  -0.887  6.958  1.00 0.00 ? 3  TYR A HD2  3  
ATOM 400  H HE1  . TYR A 1 3  ? 5.477  -0.338  2.835  1.00 0.00 ? 3  TYR A HE1  3  
ATOM 401  H HE2  . TYR A 1 3  ? 4.219  1.165   6.622  1.00 0.00 ? 3  TYR A HE2  3  
ATOM 402  H HH   . TYR A 1 3  ? 5.653  2.162   5.358  1.00 0.00 ? 3  TYR A HH   3  
ATOM 403  N N    . TRP A 1 4  ? 1.156  -2.872  2.281  1.00 0.00 ? 4  TRP A N    3  
ATOM 404  C CA   . TRP A 1 4  ? 1.239  -2.291  0.952  1.00 0.00 ? 4  TRP A CA   3  
ATOM 405  C C    . TRP A 1 4  ? 0.085  -1.300  0.796  1.00 0.00 ? 4  TRP A C    3  
ATOM 406  O O    . TRP A 1 4  ? 0.196  -0.322  0.057  1.00 0.00 ? 4  TRP A O    3  
ATOM 407  C CB   . TRP A 1 4  ? 1.243  -3.380  -0.123 1.00 0.00 ? 4  TRP A CB   3  
ATOM 408  C CG   . TRP A 1 4  ? 2.404  -3.275  -1.112 1.00 0.00 ? 4  TRP A CG   3  
ATOM 409  C CD1  . TRP A 1 4  ? 2.344  -3.157  -2.446 1.00 0.00 ? 4  TRP A CD1  3  
ATOM 410  C CD2  . TRP A 1 4  ? 3.812  -3.282  -0.790 1.00 0.00 ? 4  TRP A CD2  3  
ATOM 411  N NE1  . TRP A 1 4  ? 3.605  -3.088  -3.005 1.00 0.00 ? 4  TRP A NE1  3  
ATOM 412  C CE2  . TRP A 1 4  ? 4.525  -3.167  -1.966 1.00 0.00 ? 4  TRP A CE2  3  
ATOM 413  C CE3  . TRP A 1 4  ? 4.459  -3.383  0.454  1.00 0.00 ? 4  TRP A CE3  3  
ATOM 414  C CZ2  . TRP A 1 4  ? 5.924  -3.141  -2.014 1.00 0.00 ? 4  TRP A CZ2  3  
ATOM 415  C CZ3  . TRP A 1 4  ? 5.858  -3.356  0.388  1.00 0.00 ? 4  TRP A CZ3  3  
ATOM 416  C CH2  . TRP A 1 4  ? 6.591  -3.240  -0.787 1.00 0.00 ? 4  TRP A CH2  3  
ATOM 417  H H    . TRP A 1 4  ? 1.142  -3.871  2.306  1.00 0.00 ? 4  TRP A H    3  
ATOM 418  H HA   . TRP A 1 4  ? 2.193  -1.768  0.877  1.00 0.00 ? 4  TRP A HA   3  
ATOM 419  H HB2  . TRP A 1 4  ? 1.279  -4.355  0.363  1.00 0.00 ? 4  TRP A HB2  3  
ATOM 420  H HB3  . TRP A 1 4  ? 0.304  -3.334  -0.675 1.00 0.00 ? 4  TRP A HB3  3  
ATOM 421  H HD1  . TRP A 1 4  ? 1.417  -3.120  -3.017 1.00 0.00 ? 4  TRP A HD1  3  
ATOM 422  H HE1  . TRP A 1 4  ? 3.836  -2.990  -4.065 1.00 0.00 ? 4  TRP A HE1  3  
ATOM 423  H HE3  . TRP A 1 4  ? 3.919  -3.475  1.395  1.00 0.00 ? 4  TRP A HE3  3  
ATOM 424  H HZ2  . TRP A 1 4  ? 6.464  -3.050  -2.956 1.00 0.00 ? 4  TRP A HZ2  3  
ATOM 425  H HZ3  . TRP A 1 4  ? 6.410  -3.431  1.324  1.00 0.00 ? 4  TRP A HZ3  3  
ATOM 426  H HH2  . TRP A 1 4  ? 7.680  -3.227  -0.754 1.00 0.00 ? 4  TRP A HH2  3  
ATOM 427  N N    . LEU A 1 5  ? -0.998 -1.586  1.503  1.00 0.00 ? 5  LEU A N    3  
ATOM 428  C CA   . LEU A 1 5  ? -2.173 -0.732  1.452  1.00 0.00 ? 5  LEU A CA   3  
ATOM 429  C C    . LEU A 1 5  ? -1.789 0.683   1.889  1.00 0.00 ? 5  LEU A C    3  
ATOM 430  O O    . LEU A 1 5  ? -2.507 1.640   1.606  1.00 0.00 ? 5  LEU A O    3  
ATOM 431  C CB   . LEU A 1 5  ? -3.314 -1.340  2.270  1.00 0.00 ? 5  LEU A CB   3  
ATOM 432  C CG   . LEU A 1 5  ? -4.629 -1.567  1.522  1.00 0.00 ? 5  LEU A CG   3  
ATOM 433  C CD1  . LEU A 1 5  ? -4.414 -2.439  0.284  1.00 0.00 ? 5  LEU A CD1  3  
ATOM 434  C CD2  . LEU A 1 5  ? -5.696 -2.146  2.452  1.00 0.00 ? 5  LEU A CD2  3  
ATOM 435  H H    . LEU A 1 5  ? -1.081 -2.384  2.101  1.00 0.00 ? 5  LEU A H    3  
ATOM 436  H HA   . LEU A 1 5  ? -2.505 -0.695  0.414  1.00 0.00 ? 5  LEU A HA   3  
ATOM 437  H HB2  . LEU A 1 5  ? -2.977 -2.297  2.671  1.00 0.00 ? 5  LEU A HB2  3  
ATOM 438  H HB3  . LEU A 1 5  ? -3.511 -0.690  3.122  1.00 0.00 ? 5  LEU A HB3  3  
ATOM 439  H HG   . LEU A 1 5  ? -4.996 -0.599  1.175  1.00 0.00 ? 5  LEU A HG   3  
ATOM 440  H HD11 . LEU A 1 5  ? -4.867 -1.958  -0.583 1.00 0.00 ? 5  LEU A HD11 3  
ATOM 441  H HD12 . LEU A 1 5  ? -3.345 -2.565  0.110  1.00 0.00 ? 5  LEU A HD12 3  
ATOM 442  H HD13 . LEU A 1 5  ? -4.874 -3.414  0.442  1.00 0.00 ? 5  LEU A HD13 3  
ATOM 443  H HD21 . LEU A 1 5  ? -6.536 -2.511  1.860  1.00 0.00 ? 5  LEU A HD21 3  
ATOM 444  H HD22 . LEU A 1 5  ? -5.271 -2.971  3.025  1.00 0.00 ? 5  LEU A HD22 3  
ATOM 445  H HD23 . LEU A 1 5  ? -6.044 -1.371  3.135  1.00 0.00 ? 5  LEU A HD23 3  
ATOM 446  N N    . ALA A 1 6  ? -0.657 0.770   2.572  1.00 0.00 ? 6  ALA A N    3  
ATOM 447  C CA   . ALA A 1 6  ? -0.169 2.051   3.051  1.00 0.00 ? 6  ALA A CA   3  
ATOM 448  C C    . ALA A 1 6  ? 0.511  2.796   1.900  1.00 0.00 ? 6  ALA A C    3  
ATOM 449  O O    . ALA A 1 6  ? 0.752  3.999   1.991  1.00 0.00 ? 6  ALA A O    3  
ATOM 450  C CB   . ALA A 1 6  ? 0.772  1.828   4.237  1.00 0.00 ? 6  ALA A CB   3  
ATOM 451  H H    . ALA A 1 6  ? -0.079 -0.014  2.798  1.00 0.00 ? 6  ALA A H    3  
ATOM 452  H HA   . ALA A 1 6  ? -1.029 2.629   3.389  1.00 0.00 ? 6  ALA A HA   3  
ATOM 453  H HB1  . ALA A 1 6  ? 1.805  1.931   3.906  1.00 0.00 ? 6  ALA A HB1  3  
ATOM 454  H HB2  . ALA A 1 6  ? 0.563  2.568   5.010  1.00 0.00 ? 6  ALA A HB2  3  
ATOM 455  H HB3  . ALA A 1 6  ? 0.617  0.828   4.641  1.00 0.00 ? 6  ALA A HB3  3  
ATOM 456  N N    . HIS A 1 7  ? 0.800  2.050   0.844  1.00 0.00 ? 7  HIS A N    3  
ATOM 457  C CA   . HIS A 1 7  ? 1.447  2.625   -0.323 1.00 0.00 ? 7  HIS A CA   3  
ATOM 458  C C    . HIS A 1 7  ? 0.675  2.230   -1.584 1.00 0.00 ? 7  HIS A C    3  
ATOM 459  O O    . HIS A 1 7  ? 1.196  2.337   -2.693 1.00 0.00 ? 7  HIS A O    3  
ATOM 460  C CB   . HIS A 1 7  ? 2.922  2.222   -0.380 1.00 0.00 ? 7  HIS A CB   3  
ATOM 461  C CG   . HIS A 1 7  ? 3.745  2.740   0.775  1.00 0.00 ? 7  HIS A CG   3  
ATOM 462  N ND1  . HIS A 1 7  ? 4.158  4.057   0.870  1.00 0.00 ? 7  HIS A ND1  3  
ATOM 463  C CD2  . HIS A 1 7  ? 4.227  2.104   1.881  1.00 0.00 ? 7  HIS A CD2  3  
ATOM 464  C CE1  . HIS A 1 7  ? 4.856  4.197   1.987  1.00 0.00 ? 7  HIS A CE1  3  
ATOM 465  N NE2  . HIS A 1 7  ? 4.899  2.985   2.612  1.00 0.00 ? 7  HIS A NE2  3  
ATOM 466  H H    . HIS A 1 7  ? 0.600  1.073   0.778  1.00 0.00 ? 7  HIS A H    3  
ATOM 467  H HA   . HIS A 1 7  ? 1.403  3.708   -0.204 1.00 0.00 ? 7  HIS A HA   3  
ATOM 468  H HB2  . HIS A 1 7  ? 2.990  1.135   -0.403 1.00 0.00 ? 7  HIS A HB2  3  
ATOM 469  H HB3  . HIS A 1 7  ? 3.352  2.589   -1.312 1.00 0.00 ? 7  HIS A HB3  3  
ATOM 470  H HD1  . HIS A 1 7  ? 3.962  4.781   0.209  1.00 0.00 ? 7  HIS A HD1  3  
ATOM 471  H HD2  . HIS A 1 7  ? 4.083  1.051   2.124  1.00 0.00 ? 7  HIS A HD2  3  
ATOM 472  H HE1  . HIS A 1 7  ? 5.317  5.118   2.345  1.00 0.00 ? 7  HIS A HE1  3  
ATOM 473  H HE2  . HIS A 1 7  ? 5.311  2.806   3.505  1.00 0.00 ? 7  HIS A HE2  3  
ATOM 474  N N    . ALA A 1 8  ? -0.553 1.783   -1.371 1.00 0.00 ? 8  ALA A N    3  
ATOM 475  C CA   . ALA A 1 8  ? -1.402 1.372   -2.477 1.00 0.00 ? 8  ALA A CA   3  
ATOM 476  C C    . ALA A 1 8  ? -1.516 2.521   -3.481 1.00 0.00 ? 8  ALA A C    3  
ATOM 477  O O    . ALA A 1 8  ? -0.839 2.521   -4.509 1.00 0.00 ? 8  ALA A O    3  
ATOM 478  C CB   . ALA A 1 8  ? -2.766 0.933   -1.938 1.00 0.00 ? 8  ALA A CB   3  
ATOM 479  H H    . ALA A 1 8  ? -0.969 1.700   -0.466 1.00 0.00 ? 8  ALA A H    3  
ATOM 480  H HA   . ALA A 1 8  ? -0.926 0.521   -2.962 1.00 0.00 ? 8  ALA A HA   3  
ATOM 481  H HB1  . ALA A 1 8  ? -2.776 1.031   -0.853 1.00 0.00 ? 8  ALA A HB1  3  
ATOM 482  H HB2  . ALA A 1 8  ? -3.546 1.561   -2.367 1.00 0.00 ? 8  ALA A HB2  3  
ATOM 483  H HB3  . ALA A 1 8  ? -2.945 -0.107  -2.211 1.00 0.00 ? 8  ALA A HB3  3  
ATOM 484  N N    . LYS A 1 9  ? -2.376 3.472   -3.150 1.00 0.00 ? 9  LYS A N    3  
ATOM 485  C CA   . LYS A 1 9  ? -2.586 4.624   -4.010 1.00 0.00 ? 9  LYS A CA   3  
ATOM 486  C C    . LYS A 1 9  ? -1.248 5.055   -4.615 1.00 0.00 ? 9  LYS A C    3  
ATOM 487  O O    . LYS A 1 9  ? -1.157 5.302   -5.816 1.00 0.00 ? 9  LYS A O    3  
ATOM 488  C CB   . LYS A 1 9  ? -3.304 5.739   -3.247 1.00 0.00 ? 9  LYS A CB   3  
ATOM 489  C CG   . LYS A 1 9  ? -4.819 5.651   -3.443 1.00 0.00 ? 9  LYS A CG   3  
ATOM 490  C CD   . LYS A 1 9  ? -5.494 5.025   -2.221 1.00 0.00 ? 9  LYS A CD   3  
ATOM 491  C CE   . LYS A 1 9  ? -6.956 5.462   -2.119 1.00 0.00 ? 9  LYS A CE   3  
ATOM 492  N NZ   . LYS A 1 9  ? -7.587 4.883   -0.911 1.00 0.00 ? 9  LYS A NZ   3  
ATOM 493  H H    . LYS A 1 9  ? -2.923 3.465   -2.312 1.00 0.00 ? 9  LYS A H    3  
ATOM 494  H HA   . LYS A 1 9  ? -3.246 4.311   -4.819 1.00 0.00 ? 9  LYS A HA   3  
ATOM 495  H HB2  . LYS A 1 9  ? -3.066 5.670   -2.186 1.00 0.00 ? 9  LYS A HB2  3  
ATOM 496  H HB3  . LYS A 1 9  ? -2.945 6.709   -3.591 1.00 0.00 ? 9  LYS A HB3  3  
ATOM 497  H HG2  . LYS A 1 9  ? -5.225 6.647   -3.617 1.00 0.00 ? 9  LYS A HG2  3  
ATOM 498  H HG3  . LYS A 1 9  ? -5.040 5.056   -4.330 1.00 0.00 ? 9  LYS A HG3  3  
ATOM 499  H HD2  . LYS A 1 9  ? -5.439 3.938   -2.287 1.00 0.00 ? 9  LYS A HD2  3  
ATOM 500  H HD3  . LYS A 1 9  ? -4.959 5.316   -1.317 1.00 0.00 ? 9  LYS A HD3  3  
ATOM 501  H HE2  . LYS A 1 9  ? -7.015 6.550   -2.080 1.00 0.00 ? 9  LYS A HE2  3  
ATOM 502  H HE3  . LYS A 1 9  ? -7.500 5.145   -3.008 1.00 0.00 ? 9  LYS A HE3  3  
ATOM 503  H HZ1  . LYS A 1 9  ? -8.034 5.608   -0.388 1.00 0.00 ? 9  LYS A HZ1  3  
ATOM 504  H HZ2  . LYS A 1 9  ? -8.267 4.202   -1.185 1.00 0.00 ? 9  LYS A HZ2  3  
ATOM 505  H HZ3  . LYS A 1 9  ? -6.887 4.447   -0.346 1.00 0.00 ? 9  LYS A HZ3  3  
ATOM 506  N N    . ALA A 1 10 ? -0.244 5.130   -3.754 1.00 0.00 ? 10 ALA A N    3  
ATOM 507  C CA   . ALA A 1 10 ? 1.085  5.527   -4.188 1.00 0.00 ? 10 ALA A CA   3  
ATOM 508  C C    . ALA A 1 10 ? 1.392  4.874   -5.537 1.00 0.00 ? 10 ALA A C    3  
ATOM 509  O O    . ALA A 1 10 ? 1.491  3.652   -5.632 1.00 0.00 ? 10 ALA A O    3  
ATOM 510  C CB   . ALA A 1 10 ? 2.107  5.151   -3.113 1.00 0.00 ? 10 ALA A CB   3  
ATOM 511  H H    . ALA A 1 10 ? -0.326 4.927   -2.778 1.00 0.00 ? 10 ALA A H    3  
ATOM 512  H HA   . ALA A 1 10 ? 1.085  6.611   -4.310 1.00 0.00 ? 10 ALA A HA   3  
ATOM 513  H HB1  . ALA A 1 10 ? 2.942  4.625   -3.574 1.00 0.00 ? 10 ALA A HB1  3  
ATOM 514  H HB2  . ALA A 1 10 ? 2.472  6.056   -2.627 1.00 0.00 ? 10 ALA A HB2  3  
ATOM 515  H HB3  . ALA A 1 10 ? 1.635  4.506   -2.372 1.00 0.00 ? 10 ALA A HB3  3  
ATOM 516  N N    . GLY A 1 11 ? 1.534  5.718   -6.549 1.00 0.00 ? 11 GLY A N    3  
ATOM 517  C CA   . GLY A 1 11 ? 1.828  5.239   -7.889 1.00 0.00 ? 11 GLY A CA   3  
ATOM 518  C C    . GLY A 1 11 ? 3.181  5.762   -8.374 1.00 0.00 ? 11 GLY A C    3  
ATOM 519  O O    . GLY A 1 11 ? 3.303  6.929   -8.742 1.00 0.00 ? 11 GLY A O    3  
ATOM 520  H H    . GLY A 1 11 ? 1.451  6.711   -6.463 1.00 0.00 ? 11 GLY A H    3  
ATOM 521  H HA2  . GLY A 1 11 ? 1.832  4.149   -7.895 1.00 0.00 ? 11 GLY A HA2  3  
ATOM 522  H HA3  . GLY A 1 11 ? 1.042  5.559   -8.573 1.00 0.00 ? 11 GLY A HA3  3  
ATOM 523  N N    . ILE A 1 1  ? 2.491  -8.534  2.076  1.00 0.00 ? 1  ILE A N    4  
ATOM 524  C CA   . ILE A 1 1  ? 1.936  -7.934  3.278  1.00 0.00 ? 1  ILE A CA   4  
ATOM 525  C C    . ILE A 1 1  ? 0.831  -6.951  2.888  1.00 0.00 ? 1  ILE A C    4  
ATOM 526  O O    . ILE A 1 1  ? 0.867  -6.369  1.804  1.00 0.00 ? 1  ILE A O    4  
ATOM 527  C CB   . ILE A 1 1  ? 3.046  -7.309  4.126  1.00 0.00 ? 1  ILE A CB   4  
ATOM 528  C CG1  . ILE A 1 1  ? 4.191  -6.805  3.245  1.00 0.00 ? 1  ILE A CG1  4  
ATOM 529  C CG2  . ILE A 1 1  ? 3.533  -8.285  5.198  1.00 0.00 ? 1  ILE A CG2  4  
ATOM 530  C CD1  . ILE A 1 1  ? 3.741  -5.626  2.380  1.00 0.00 ? 1  ILE A CD1  4  
ATOM 531  H H1   . ILE A 1 1  ? 3.104  -9.308  2.235  1.00 0.00 ? 1  ILE A H1   4  
ATOM 532  H HA   . ILE A 1 1  ? 1.493  -8.735  3.868  1.00 0.00 ? 1  ILE A HA   4  
ATOM 533  H HB   . ILE A 1 1  ? 2.633  -6.443  4.643  1.00 0.00 ? 1  ILE A HB   4  
ATOM 534  H HG12 . ILE A 1 1  ? 5.029  -6.501  3.873  1.00 0.00 ? 1  ILE A HG12 4  
ATOM 535  H HG13 . ILE A 1 1  ? 4.547  -7.614  2.608  1.00 0.00 ? 1  ILE A HG13 4  
ATOM 536  H HG21 . ILE A 1 1  ? 3.125  -9.277  4.999  1.00 0.00 ? 1  ILE A HG21 4  
ATOM 537  H HG22 . ILE A 1 1  ? 4.622  -8.330  5.181  1.00 0.00 ? 1  ILE A HG22 4  
ATOM 538  H HG23 . ILE A 1 1  ? 3.199  -7.946  6.178  1.00 0.00 ? 1  ILE A HG23 4  
ATOM 539  H HD11 . ILE A 1 1  ? 2.690  -5.411  2.578  1.00 0.00 ? 1  ILE A HD11 4  
ATOM 540  H HD12 . ILE A 1 1  ? 4.342  -4.750  2.618  1.00 0.00 ? 1  ILE A HD12 4  
ATOM 541  H HD13 . ILE A 1 1  ? 3.867  -5.880  1.327  1.00 0.00 ? 1  ILE A HD13 4  
ATOM 542  N N    . ASN A 1 2  ? -0.125 -6.794  3.792  1.00 0.00 ? 2  ASN A N    4  
ATOM 543  C CA   . ASN A 1 2  ? -1.237 -5.891  3.556  1.00 0.00 ? 2  ASN A CA   4  
ATOM 544  C C    . ASN A 1 2  ? -0.765 -4.448  3.742  1.00 0.00 ? 2  ASN A C    4  
ATOM 545  O O    . ASN A 1 2  ? -1.491 -3.507  3.420  1.00 0.00 ? 2  ASN A O    4  
ATOM 546  C CB   . ASN A 1 2  ? -2.375 -6.147  4.546  1.00 0.00 ? 2  ASN A CB   4  
ATOM 547  C CG   . ASN A 1 2  ? -3.728 -6.173  3.833  1.00 0.00 ? 2  ASN A CG   4  
ATOM 548  O OD1  . ASN A 1 2  ? -4.533 -7.073  4.004  1.00 0.00 ? 2  ASN A OD1  4  
ATOM 549  N ND2  . ASN A 1 2  ? -3.933 -5.137  3.025  1.00 0.00 ? 2  ASN A ND2  4  
ATOM 550  H H    . ASN A 1 2  ? -0.147 -7.271  4.670  1.00 0.00 ? 2  ASN A H    4  
ATOM 551  H HA   . ASN A 1 2  ? -1.562 -6.095  2.535  1.00 0.00 ? 2  ASN A HA   4  
ATOM 552  H HB2  . ASN A 1 2  ? -2.211 -7.097  5.055  1.00 0.00 ? 2  ASN A HB2  4  
ATOM 553  H HB3  . ASN A 1 2  ? -2.378 -5.372  5.312  1.00 0.00 ? 2  ASN A HB3  4  
ATOM 554  H HD21 . ASN A 1 2  ? -3.231 -4.431  2.930  1.00 0.00 ? 2  ASN A HD21 4  
ATOM 555  H HD22 . ASN A 1 2  ? -4.790 -5.062  2.513  1.00 0.00 ? 2  ASN A HD22 4  
ATOM 556  N N    . TYR A 1 3  ? 0.447  -4.317  4.260  1.00 0.00 ? 3  TYR A N    4  
ATOM 557  C CA   . TYR A 1 3  ? 1.023  -3.004  4.493  1.00 0.00 ? 3  TYR A CA   4  
ATOM 558  C C    . TYR A 1 3  ? 1.108  -2.204  3.192  1.00 0.00 ? 3  TYR A C    4  
ATOM 559  O O    . TYR A 1 3  ? 1.162  -0.975  3.217  1.00 0.00 ? 3  TYR A O    4  
ATOM 560  C CB   . TYR A 1 3  ? 2.439  -3.252  5.017  1.00 0.00 ? 3  TYR A CB   4  
ATOM 561  C CG   . TYR A 1 3  ? 3.403  -2.088  4.781  1.00 0.00 ? 3  TYR A CG   4  
ATOM 562  C CD1  . TYR A 1 3  ? 3.028  -0.803  5.116  1.00 0.00 ? 3  TYR A CD1  4  
ATOM 563  C CD2  . TYR A 1 3  ? 4.649  -2.323  4.235  1.00 0.00 ? 3  TYR A CD2  4  
ATOM 564  C CE1  . TYR A 1 3  ? 3.935  0.293   4.895  1.00 0.00 ? 3  TYR A CE1  4  
ATOM 565  C CE2  . TYR A 1 3  ? 5.556  -1.227  4.013  1.00 0.00 ? 3  TYR A CE2  4  
ATOM 566  C CZ   . TYR A 1 3  ? 5.154  0.027   4.354  1.00 0.00 ? 3  TYR A CZ   4  
ATOM 567  O OH   . TYR A 1 3  ? 6.011  1.063   4.145  1.00 0.00 ? 3  TYR A OH   4  
ATOM 568  H H    . TYR A 1 3  ? 1.030  -5.087  4.519  1.00 0.00 ? 3  TYR A H    4  
ATOM 569  H HA   . TYR A 1 3  ? 0.381  -2.474  5.196  1.00 0.00 ? 3  TYR A HA   4  
ATOM 570  H HB2  . TYR A 1 3  ? 2.389  -3.459  6.086  1.00 0.00 ? 3  TYR A HB2  4  
ATOM 571  H HB3  . TYR A 1 3  ? 2.841  -4.146  4.539  1.00 0.00 ? 3  TYR A HB3  4  
ATOM 572  H HD1  . TYR A 1 3  ? 2.044  -0.617  5.548  1.00 0.00 ? 3  TYR A HD1  4  
ATOM 573  H HD2  . TYR A 1 3  ? 4.945  -3.338  3.971  1.00 0.00 ? 3  TYR A HD2  4  
ATOM 574  H HE1  . TYR A 1 3  ? 3.652  1.313   5.154  1.00 0.00 ? 3  TYR A HE1  4  
ATOM 575  H HE2  . TYR A 1 3  ? 6.542  -1.399  3.583  1.00 0.00 ? 3  TYR A HE2  4  
ATOM 576  H HH   . TYR A 1 3  ? 6.950  0.722   4.088  1.00 0.00 ? 3  TYR A HH   4  
ATOM 577  N N    . TRP A 1 4  ? 1.116  -2.933  2.085  1.00 0.00 ? 4  TRP A N    4  
ATOM 578  C CA   . TRP A 1 4  ? 1.192  -2.307  0.776  1.00 0.00 ? 4  TRP A CA   4  
ATOM 579  C C    . TRP A 1 4  ? 0.095  -1.243  0.696  1.00 0.00 ? 4  TRP A C    4  
ATOM 580  O O    . TRP A 1 4  ? 0.254  -0.233  0.013  1.00 0.00 ? 4  TRP A O    4  
ATOM 581  C CB   . TRP A 1 4  ? 1.095  -3.350  -0.338 1.00 0.00 ? 4  TRP A CB   4  
ATOM 582  C CG   . TRP A 1 4  ? 2.206  -3.248  -1.385 1.00 0.00 ? 4  TRP A CG   4  
ATOM 583  C CD1  . TRP A 1 4  ? 2.081  -3.055  -2.704 1.00 0.00 ? 4  TRP A CD1  4  
ATOM 584  C CD2  . TRP A 1 4  ? 3.627  -3.342  -1.144 1.00 0.00 ? 4  TRP A CD2  4  
ATOM 585  N NE1  . TRP A 1 4  ? 3.310  -3.018  -3.329 1.00 0.00 ? 4  TRP A NE1  4  
ATOM 586  C CE2  . TRP A 1 4  ? 4.280  -3.197  -2.350 1.00 0.00 ? 4  TRP A CE2  4  
ATOM 587  C CE3  . TRP A 1 4  ? 4.334  -3.542  0.055  1.00 0.00 ? 4  TRP A CE3  4  
ATOM 588  C CZ2  . TRP A 1 4  ? 5.674  -3.238  -2.477 1.00 0.00 ? 4  TRP A CZ2  4  
ATOM 589  C CZ3  . TRP A 1 4  ? 5.727  -3.580  -0.089 1.00 0.00 ? 4  TRP A CZ3  4  
ATOM 590  C CH2  . TRP A 1 4  ? 6.400  -3.436  -1.296 1.00 0.00 ? 4  TRP A CH2  4  
ATOM 591  H H    . TRP A 1 4  ? 1.071  -3.932  2.073  1.00 0.00 ? 4  TRP A H    4  
ATOM 592  H HA   . TRP A 1 4  ? 2.172  -1.838  0.688  1.00 0.00 ? 4  TRP A HA   4  
ATOM 593  H HB2  . TRP A 1 4  ? 1.119  -4.345  0.108  1.00 0.00 ? 4  TRP A HB2  4  
ATOM 594  H HB3  . TRP A 1 4  ? 0.131  -3.248  -0.835 1.00 0.00 ? 4  TRP A HB3  4  
ATOM 595  H HD1  . TRP A 1 4  ? 1.127  -2.942  -3.220 1.00 0.00 ? 4  TRP A HD1  4  
ATOM 596  H HE1  . TRP A 1 4  ? 3.488  -2.873  -4.395 1.00 0.00 ? 4  TRP A HE1  4  
ATOM 597  H HE3  . TRP A 1 4  ? 3.841  -3.658  1.020  1.00 0.00 ? 4  TRP A HE3  4  
ATOM 598  H HZ2  . TRP A 1 4  ? 6.167  -3.121  -3.441 1.00 0.00 ? 4  TRP A HZ2  4  
ATOM 599  H HZ3  . TRP A 1 4  ? 6.324  -3.732  0.810  1.00 0.00 ? 4  TRP A HZ3  4  
ATOM 600  H HH2  . TRP A 1 4  ? 7.489  -3.477  -1.323 1.00 0.00 ? 4  TRP A HH2  4  
ATOM 601  N N    . LEU A 1 5  ? -0.994 -1.507  1.405  1.00 0.00 ? 5  LEU A N    4  
ATOM 602  C CA   . LEU A 1 5  ? -2.117 -0.585  1.422  1.00 0.00 ? 5  LEU A CA   4  
ATOM 603  C C    . LEU A 1 5  ? -1.637 0.788   1.895  1.00 0.00 ? 5  LEU A C    4  
ATOM 604  O O    . LEU A 1 5  ? -2.301 1.796   1.662  1.00 0.00 ? 5  LEU A O    4  
ATOM 605  C CB   . LEU A 1 5  ? -3.265 -1.156  2.257  1.00 0.00 ? 5  LEU A CB   4  
ATOM 606  C CG   . LEU A 1 5  ? -4.636 -1.184  1.580  1.00 0.00 ? 5  LEU A CG   4  
ATOM 607  C CD1  . LEU A 1 5  ? -4.561 -1.874  0.216  1.00 0.00 ? 5  LEU A CD1  4  
ATOM 608  C CD2  . LEU A 1 5  ? -5.685 -1.827  2.490  1.00 0.00 ? 5  LEU A CD2  4  
ATOM 609  H H    . LEU A 1 5  ? -1.114 -2.331  1.958  1.00 0.00 ? 5  LEU A H    4  
ATOM 610  H HA   . LEU A 1 5  ? -2.478 -0.491  0.398  1.00 0.00 ? 5  LEU A HA   4  
ATOM 611  H HB2  . LEU A 1 5  ? -3.005 -2.174  2.548  1.00 0.00 ? 5  LEU A HB2  4  
ATOM 612  H HB3  . LEU A 1 5  ? -3.347 -0.573  3.174  1.00 0.00 ? 5  LEU A HB3  4  
ATOM 613  H HG   . LEU A 1 5  ? -4.951 -0.156  1.403  1.00 0.00 ? 5  LEU A HG   4  
ATOM 614  H HD11 . LEU A 1 5  ? -3.703 -2.546  0.197  1.00 0.00 ? 5  LEU A HD11 4  
ATOM 615  H HD12 . LEU A 1 5  ? -5.474 -2.445  0.047  1.00 0.00 ? 5  LEU A HD12 4  
ATOM 616  H HD13 . LEU A 1 5  ? -4.452 -1.123  -0.565 1.00 0.00 ? 5  LEU A HD13 4  
ATOM 617  H HD21 . LEU A 1 5  ? -6.386 -2.403  1.887  1.00 0.00 ? 5  LEU A HD21 4  
ATOM 618  H HD22 . LEU A 1 5  ? -5.191 -2.488  3.203  1.00 0.00 ? 5  LEU A HD22 4  
ATOM 619  H HD23 . LEU A 1 5  ? -6.224 -1.048  3.029  1.00 0.00 ? 5  LEU A HD23 4  
ATOM 620  N N    . ALA A 1 6  ? -0.485 0.784   2.552  1.00 0.00 ? 6  ALA A N    4  
ATOM 621  C CA   . ALA A 1 6  ? 0.091  2.017   3.059  1.00 0.00 ? 6  ALA A CA   4  
ATOM 622  C C    . ALA A 1 6  ? 0.783  2.760   1.915  1.00 0.00 ? 6  ALA A C    4  
ATOM 623  O O    . ALA A 1 6  ? 1.105  3.940   2.042  1.00 0.00 ? 6  ALA A O    4  
ATOM 624  C CB   . ALA A 1 6  ? 1.049  1.697   4.210  1.00 0.00 ? 6  ALA A CB   4  
ATOM 625  H H    . ALA A 1 6  ? 0.049  -0.041  2.737  1.00 0.00 ? 6  ALA A H    4  
ATOM 626  H HA   . ALA A 1 6  ? -0.723 2.631   3.442  1.00 0.00 ? 6  ALA A HA   4  
ATOM 627  H HB1  . ALA A 1 6  ? 2.073  1.694   3.839  1.00 0.00 ? 6  ALA A HB1  4  
ATOM 628  H HB2  . ALA A 1 6  ? 0.946  2.453   4.989  1.00 0.00 ? 6  ALA A HB2  4  
ATOM 629  H HB3  . ALA A 1 6  ? 0.809  0.716   4.620  1.00 0.00 ? 6  ALA A HB3  4  
ATOM 630  N N    . HIS A 1 7  ? 0.991  2.039   0.824  1.00 0.00 ? 7  HIS A N    4  
ATOM 631  C CA   . HIS A 1 7  ? 1.639  2.616   -0.343 1.00 0.00 ? 7  HIS A CA   4  
ATOM 632  C C    . HIS A 1 7  ? 0.827  2.286   -1.596 1.00 0.00 ? 7  HIS A C    4  
ATOM 633  O O    . HIS A 1 7  ? 1.332  2.388   -2.712 1.00 0.00 ? 7  HIS A O    4  
ATOM 634  C CB   . HIS A 1 7  ? 3.094  2.153   -0.440 1.00 0.00 ? 7  HIS A CB   4  
ATOM 635  C CG   . HIS A 1 7  ? 3.962  2.612   0.707  1.00 0.00 ? 7  HIS A CG   4  
ATOM 636  N ND1  . HIS A 1 7  ? 4.418  3.913   0.828  1.00 0.00 ? 7  HIS A ND1  4  
ATOM 637  C CD2  . HIS A 1 7  ? 4.454  1.930   1.781  1.00 0.00 ? 7  HIS A CD2  4  
ATOM 638  C CE1  . HIS A 1 7  ? 5.149  3.999   1.930  1.00 0.00 ? 7  HIS A CE1  4  
ATOM 639  N NE2  . HIS A 1 7  ? 5.171  2.768   2.518  1.00 0.00 ? 7  HIS A NE2  4  
ATOM 640  H H    . HIS A 1 7  ? 0.727  1.079   0.729  1.00 0.00 ? 7  HIS A H    4  
ATOM 641  H HA   . HIS A 1 7  ? 1.643  3.696   -0.196 1.00 0.00 ? 7  HIS A HA   4  
ATOM 642  H HB2  . HIS A 1 7  ? 3.116  1.064   -0.486 1.00 0.00 ? 7  HIS A HB2  4  
ATOM 643  H HB3  . HIS A 1 7  ? 3.519  2.520   -1.374 1.00 0.00 ? 7  HIS A HB3  4  
ATOM 644  H HD1  . HIS A 1 7  ? 4.227  4.661   0.194  1.00 0.00 ? 7  HIS A HD1  4  
ATOM 645  H HD2  . HIS A 1 7  ? 4.286  0.875   1.997  1.00 0.00 ? 7  HIS A HD2  4  
ATOM 646  H HE1  . HIS A 1 7  ? 5.646  4.896   2.300  1.00 0.00 ? 7  HIS A HE1  4  
ATOM 647  H HE2  . HIS A 1 7  ? 5.601  2.551   3.394  1.00 0.00 ? 7  HIS A HE2  4  
ATOM 648  N N    . ALA A 1 8  ? -0.420 1.897   -1.370 1.00 0.00 ? 8  ALA A N    4  
ATOM 649  C CA   . ALA A 1 8  ? -1.307 1.552   -2.467 1.00 0.00 ? 8  ALA A CA   4  
ATOM 650  C C    . ALA A 1 8  ? -1.521 2.782   -3.351 1.00 0.00 ? 8  ALA A C    4  
ATOM 651  O O    . ALA A 1 8  ? -0.873 2.926   -4.387 1.00 0.00 ? 8  ALA A O    4  
ATOM 652  C CB   . ALA A 1 8  ? -2.620 1.001   -1.908 1.00 0.00 ? 8  ALA A CB   4  
ATOM 653  H H    . ALA A 1 8  ? -0.823 1.816   -0.458 1.00 0.00 ? 8  ALA A H    4  
ATOM 654  H HA   . ALA A 1 8  ? -0.821 0.773   -3.054 1.00 0.00 ? 8  ALA A HA   4  
ATOM 655  H HB1  . ALA A 1 8  ? -2.723 -0.047  -2.188 1.00 0.00 ? 8  ALA A HB1  4  
ATOM 656  H HB2  . ALA A 1 8  ? -2.617 1.087   -0.821 1.00 0.00 ? 8  ALA A HB2  4  
ATOM 657  H HB3  . ALA A 1 8  ? -3.456 1.569   -2.316 1.00 0.00 ? 8  ALA A HB3  4  
ATOM 658  N N    . LYS A 1 9  ? -2.430 3.638   -2.909 1.00 0.00 ? 9  LYS A N    4  
ATOM 659  C CA   . LYS A 1 9  ? -2.738 4.851   -3.649 1.00 0.00 ? 9  LYS A CA   4  
ATOM 660  C C    . LYS A 1 9  ? -1.446 5.425   -4.235 1.00 0.00 ? 9  LYS A C    4  
ATOM 661  O O    . LYS A 1 9  ? -1.407 5.805   -5.404 1.00 0.00 ? 9  LYS A O    4  
ATOM 662  C CB   . LYS A 1 9  ? -3.503 5.837   -2.764 1.00 0.00 ? 9  LYS A CB   4  
ATOM 663  C CG   . LYS A 1 9  ? -5.014 5.683   -2.952 1.00 0.00 ? 9  LYS A CG   4  
ATOM 664  C CD   . LYS A 1 9  ? -5.591 4.676   -1.953 1.00 0.00 ? 9  LYS A CD   4  
ATOM 665  C CE   . LYS A 1 9  ? -6.610 3.757   -2.629 1.00 0.00 ? 9  LYS A CE   4  
ATOM 666  N NZ   . LYS A 1 9  ? -7.945 3.925   -2.015 1.00 0.00 ? 9  LYS A NZ   4  
ATOM 667  H H    . LYS A 1 9  ? -2.952 3.513   -2.067 1.00 0.00 ? 9  LYS A H    4  
ATOM 668  H HA   . LYS A 1 9  ? -3.398 4.575   -4.470 1.00 0.00 ? 9  LYS A HA   4  
ATOM 669  H HB2  . LYS A 1 9  ? -3.244 5.671   -1.718 1.00 0.00 ? 9  LYS A HB2  4  
ATOM 670  H HB3  . LYS A 1 9  ? -3.205 6.857   -3.008 1.00 0.00 ? 9  LYS A HB3  4  
ATOM 671  H HG2  . LYS A 1 9  ? -5.500 6.649   -2.821 1.00 0.00 ? 9  LYS A HG2  4  
ATOM 672  H HG3  . LYS A 1 9  ? -5.226 5.354   -3.969 1.00 0.00 ? 9  LYS A HG3  4  
ATOM 673  H HD2  . LYS A 1 9  ? -4.785 4.080   -1.527 1.00 0.00 ? 9  LYS A HD2  4  
ATOM 674  H HD3  . LYS A 1 9  ? -6.066 5.208   -1.129 1.00 0.00 ? 9  LYS A HD3  4  
ATOM 675  H HE2  . LYS A 1 9  ? -6.661 3.982   -3.694 1.00 0.00 ? 9  LYS A HE2  4  
ATOM 676  H HE3  . LYS A 1 9  ? -6.289 2.719   -2.539 1.00 0.00 ? 9  LYS A HE3  4  
ATOM 677  H HZ1  . LYS A 1 9  ? -8.482 3.091   -2.150 1.00 0.00 ? 9  LYS A HZ1  4  
ATOM 678  H HZ2  . LYS A 1 9  ? -7.843 4.100   -1.036 1.00 0.00 ? 9  LYS A HZ2  4  
ATOM 679  H HZ3  . LYS A 1 9  ? -8.415 4.696   -2.445 1.00 0.00 ? 9  LYS A HZ3  4  
ATOM 680  N N    . ALA A 1 10 ? -0.423 5.472   -3.396 1.00 0.00 ? 10 ALA A N    4  
ATOM 681  C CA   . ALA A 1 10 ? 0.867  5.994   -3.817 1.00 0.00 ? 10 ALA A CA   4  
ATOM 682  C C    . ALA A 1 10 ? 1.169  5.509   -5.237 1.00 0.00 ? 10 ALA A C    4  
ATOM 683  O O    . ALA A 1 10 ? 0.815  4.391   -5.603 1.00 0.00 ? 10 ALA A O    4  
ATOM 684  C CB   . ALA A 1 10 ? 1.942  5.570   -2.815 1.00 0.00 ? 10 ALA A CB   4  
ATOM 685  H H    . ALA A 1 10 ? -0.463 5.161   -2.447 1.00 0.00 ? 10 ALA A H    4  
ATOM 686  H HA   . ALA A 1 10 ? 0.799  7.082   -3.821 1.00 0.00 ? 10 ALA A HA   4  
ATOM 687  H HB1  . ALA A 1 10 ? 1.684  5.945   -1.825 1.00 0.00 ? 10 ALA A HB1  4  
ATOM 688  H HB2  . ALA A 1 10 ? 2.004  4.482   -2.788 1.00 0.00 ? 10 ALA A HB2  4  
ATOM 689  H HB3  . ALA A 1 10 ? 2.905  5.980   -3.119 1.00 0.00 ? 10 ALA A HB3  4  
ATOM 690  N N    . GLY A 1 11 ? 1.821  6.378   -5.998 1.00 0.00 ? 11 GLY A N    4  
ATOM 691  C CA   . GLY A 1 11 ? 2.175  6.052   -7.368 1.00 0.00 ? 11 GLY A CA   4  
ATOM 692  C C    . GLY A 1 11 ? 0.930  5.989   -8.256 1.00 0.00 ? 11 GLY A C    4  
ATOM 693  O O    . GLY A 1 11 ? 0.975  5.441   -9.357 1.00 0.00 ? 11 GLY A O    4  
ATOM 694  H H    . GLY A 1 11 ? 2.105  7.286   -5.691 1.00 0.00 ? 11 GLY A H    4  
ATOM 695  H HA2  . GLY A 1 11 ? 2.866  6.800   -7.757 1.00 0.00 ? 11 GLY A HA2  4  
ATOM 696  H HA3  . GLY A 1 11 ? 2.695  5.094   -7.397 1.00 0.00 ? 11 GLY A HA3  4  
ATOM 697  N N    . ILE A 1 1  ? 2.179  -9.027  1.780  1.00 0.00 ? 1  ILE A N    5  
ATOM 698  C CA   . ILE A 1 1  ? 1.864  -8.126  2.875  1.00 0.00 ? 1  ILE A CA   5  
ATOM 699  C C    . ILE A 1 1  ? 0.708  -7.213  2.463  1.00 0.00 ? 1  ILE A C    5  
ATOM 700  O O    . ILE A 1 1  ? 0.476  -6.997  1.275  1.00 0.00 ? 1  ILE A O    5  
ATOM 701  C CB   . ILE A 1 1  ? 3.116  -7.369  3.323  1.00 0.00 ? 1  ILE A CB   5  
ATOM 702  C CG1  . ILE A 1 1  ? 3.868  -6.794  2.121  1.00 0.00 ? 1  ILE A CG1  5  
ATOM 703  C CG2  . ILE A 1 1  ? 4.013  -8.255  4.189  1.00 0.00 ? 1  ILE A CG2  5  
ATOM 704  C CD1  . ILE A 1 1  ? 3.283  -5.443  1.703  1.00 0.00 ? 1  ILE A CD1  5  
ATOM 705  H H1   . ILE A 1 1  ? 2.053  -9.998  1.982  1.00 0.00 ? 1  ILE A H1   5  
ATOM 706  H HA   . ILE A 1 1  ? 1.539  -8.737  3.717  1.00 0.00 ? 1  ILE A HA   5  
ATOM 707  H HB   . ILE A 1 1  ? 2.803  -6.527  3.940  1.00 0.00 ? 1  ILE A HB   5  
ATOM 708  H HG12 . ILE A 1 1  ? 4.923  -6.677  2.370  1.00 0.00 ? 1  ILE A HG12 5  
ATOM 709  H HG13 . ILE A 1 1  ? 3.814  -7.492  1.286  1.00 0.00 ? 1  ILE A HG13 5  
ATOM 710  H HG21 . ILE A 1 1  ? 4.088  -9.245  3.740  1.00 0.00 ? 1  ILE A HG21 5  
ATOM 711  H HG22 . ILE A 1 1  ? 5.006  -7.811  4.259  1.00 0.00 ? 1  ILE A HG22 5  
ATOM 712  H HG23 . ILE A 1 1  ? 3.583  -8.341  5.188  1.00 0.00 ? 1  ILE A HG23 5  
ATOM 713  H HD11 . ILE A 1 1  ? 3.557  -4.686  2.437  1.00 0.00 ? 1  ILE A HD11 5  
ATOM 714  H HD12 . ILE A 1 1  ? 3.681  -5.162  0.727  1.00 0.00 ? 1  ILE A HD12 5  
ATOM 715  H HD13 . ILE A 1 1  ? 2.198  -5.520  1.645  1.00 0.00 ? 1  ILE A HD13 5  
ATOM 716  N N    . ASN A 1 2  ? 0.013  -6.701  3.468  1.00 0.00 ? 2  ASN A N    5  
ATOM 717  C CA   . ASN A 1 2  ? -1.114 -5.817  3.224  1.00 0.00 ? 2  ASN A CA   5  
ATOM 718  C C    . ASN A 1 2  ? -0.707 -4.378  3.548  1.00 0.00 ? 2  ASN A C    5  
ATOM 719  O O    . ASN A 1 2  ? -1.453 -3.440  3.271  1.00 0.00 ? 2  ASN A O    5  
ATOM 720  C CB   . ASN A 1 2  ? -2.303 -6.182  4.114  1.00 0.00 ? 2  ASN A CB   5  
ATOM 721  C CG   . ASN A 1 2  ? -3.600 -6.233  3.304  1.00 0.00 ? 2  ASN A CG   5  
ATOM 722  O OD1  . ASN A 1 2  ? -4.613 -5.659  3.668  1.00 0.00 ? 2  ASN A OD1  5  
ATOM 723  N ND2  . ASN A 1 2  ? -3.512 -6.950  2.187  1.00 0.00 ? 2  ASN A ND2  5  
ATOM 724  H H    . ASN A 1 2  ? 0.208  -6.881  4.432  1.00 0.00 ? 2  ASN A H    5  
ATOM 725  H HA   . ASN A 1 2  ? -1.364 -5.953  2.173  1.00 0.00 ? 2  ASN A HA   5  
ATOM 726  H HB2  . ASN A 1 2  ? -2.126 -7.150  4.585  1.00 0.00 ? 2  ASN A HB2  5  
ATOM 727  H HB3  . ASN A 1 2  ? -2.401 -5.451  4.917  1.00 0.00 ? 2  ASN A HB3  5  
ATOM 728  H HD21 . ASN A 1 2  ? -2.650 -7.396  1.946  1.00 0.00 ? 2  ASN A HD21 5  
ATOM 729  H HD22 . ASN A 1 2  ? -4.308 -7.044  1.588  1.00 0.00 ? 2  ASN A HD22 5  
ATOM 730  N N    . TYR A 1 3  ? 0.477  -4.248  4.129  1.00 0.00 ? 3  TYR A N    5  
ATOM 731  C CA   . TYR A 1 3  ? 0.993  -2.940  4.494  1.00 0.00 ? 3  TYR A CA   5  
ATOM 732  C C    . TYR A 1 3  ? 1.080  -2.025  3.270  1.00 0.00 ? 3  TYR A C    5  
ATOM 733  O O    . TYR A 1 3  ? 1.199  -0.809  3.407  1.00 0.00 ? 3  TYR A O    5  
ATOM 734  C CB   . TYR A 1 3  ? 2.403  -3.178  5.038  1.00 0.00 ? 3  TYR A CB   5  
ATOM 735  C CG   . TYR A 1 3  ? 3.328  -1.966  4.922  1.00 0.00 ? 3  TYR A CG   5  
ATOM 736  C CD1  . TYR A 1 3  ? 2.948  -0.754  5.463  1.00 0.00 ? 3  TYR A CD1  5  
ATOM 737  C CD2  . TYR A 1 3  ? 4.544  -2.084  4.277  1.00 0.00 ? 3  TYR A CD2  5  
ATOM 738  C CE1  . TYR A 1 3  ? 3.820  0.387   5.353  1.00 0.00 ? 3  TYR A CE1  5  
ATOM 739  C CE2  . TYR A 1 3  ? 5.414  -0.942  4.169  1.00 0.00 ? 3  TYR A CE2  5  
ATOM 740  C CZ   . TYR A 1 3  ? 5.010  0.237   4.712  1.00 0.00 ? 3  TYR A CZ   5  
ATOM 741  O OH   . TYR A 1 3  ? 5.832  1.315   4.609  1.00 0.00 ? 3  TYR A OH   5  
ATOM 742  H H    . TYR A 1 3  ? 1.078  -5.016  4.351  1.00 0.00 ? 3  TYR A H    5  
ATOM 743  H HA   . TYR A 1 3  ? 0.311  -2.499  5.220  1.00 0.00 ? 3  TYR A HA   5  
ATOM 744  H HB2  . TYR A 1 3  ? 2.332  -3.471  6.086  1.00 0.00 ? 3  TYR A HB2  5  
ATOM 745  H HB3  . TYR A 1 3  ? 2.851  -4.017  4.503  1.00 0.00 ? 3  TYR A HB3  5  
ATOM 746  H HD1  . TYR A 1 3  ? 1.990  -0.661  5.971  1.00 0.00 ? 3  TYR A HD1  5  
ATOM 747  H HD2  . TYR A 1 3  ? 4.843  -3.040  3.850  1.00 0.00 ? 3  TYR A HD2  5  
ATOM 748  H HE1  . TYR A 1 3  ? 3.531  1.350   5.777  1.00 0.00 ? 3  TYR A HE1  5  
ATOM 749  H HE2  . TYR A 1 3  ? 6.376  -1.021  3.662  1.00 0.00 ? 3  TYR A HE2  5  
ATOM 750  H HH   . TYR A 1 3  ? 5.442  2.091   5.105  1.00 0.00 ? 3  TYR A HH   5  
ATOM 751  N N    . TRP A 1 4  ? 1.017  -2.645  2.101  1.00 0.00 ? 4  TRP A N    5  
ATOM 752  C CA   . TRP A 1 4  ? 1.086  -1.903  0.855  1.00 0.00 ? 4  TRP A CA   5  
ATOM 753  C C    . TRP A 1 4  ? -0.078 -0.911  0.829  1.00 0.00 ? 4  TRP A C    5  
ATOM 754  O O    . TRP A 1 4  ? -0.021 0.102   0.134  1.00 0.00 ? 4  TRP A O    5  
ATOM 755  C CB   . TRP A 1 4  ? 1.093  -2.848  -0.348 1.00 0.00 ? 4  TRP A CB   5  
ATOM 756  C CG   . TRP A 1 4  ? 2.267  -2.631  -1.304 1.00 0.00 ? 4  TRP A CG   5  
ATOM 757  C CD1  . TRP A 1 4  ? 2.224  -2.350  -2.614 1.00 0.00 ? 4  TRP A CD1  5  
ATOM 758  C CD2  . TRP A 1 4  ? 3.670  -2.689  -0.971 1.00 0.00 ? 4  TRP A CD2  5  
ATOM 759  N NE1  . TRP A 1 4  ? 3.491  -2.224  -3.147 1.00 0.00 ? 4  TRP A NE1  5  
ATOM 760  C CE2  . TRP A 1 4  ? 4.398  -2.436  -2.114 1.00 0.00 ? 4  TRP A CE2  5  
ATOM 761  C CE3  . TRP A 1 4  ? 4.302  -2.946  0.259  1.00 0.00 ? 4  TRP A CE3  5  
ATOM 762  C CZ2  . TRP A 1 4  ? 5.798  -2.416  -2.145 1.00 0.00 ? 4  TRP A CZ2  5  
ATOM 763  C CZ3  . TRP A 1 4  ? 5.702  -2.923  0.213  1.00 0.00 ? 4  TRP A CZ3  5  
ATOM 764  C CH2  . TRP A 1 4  ? 6.450  -2.670  -0.931 1.00 0.00 ? 4  TRP A CH2  5  
ATOM 765  H H    . TRP A 1 4  ? 0.919  -3.636  1.998  1.00 0.00 ? 4  TRP A H    5  
ATOM 766  H HA   . TRP A 1 4  ? 2.034  -1.364  0.840  1.00 0.00 ? 4  TRP A HA   5  
ATOM 767  H HB2  . TRP A 1 4  ? 1.116  -3.877  0.012  1.00 0.00 ? 4  TRP A HB2  5  
ATOM 768  H HB3  . TRP A 1 4  ? 0.161  -2.725  -0.900 1.00 0.00 ? 4  TRP A HB3  5  
ATOM 769  H HD1  . TRP A 1 4  ? 1.304  -2.237  -3.187 1.00 0.00 ? 4  TRP A HD1  5  
ATOM 770  H HE1  . TRP A 1 4  ? 3.735  -1.998  -4.185 1.00 0.00 ? 4  TRP A HE1  5  
ATOM 771  H HE3  . TRP A 1 4  ? 3.750  -3.149  1.176  1.00 0.00 ? 4  TRP A HE3  5  
ATOM 772  H HZ2  . TRP A 1 4  ? 6.350  -2.214  -3.061 1.00 0.00 ? 4  TRP A HZ2  5  
ATOM 773  H HZ3  . TRP A 1 4  ? 6.243  -3.116  1.139  1.00 0.00 ? 4  TRP A HZ3  5  
ATOM 774  H HH2  . TRP A 1 4  ? 7.539  -2.669  -0.884 1.00 0.00 ? 4  TRP A HH2  5  
ATOM 775  N N    . LEU A 1 5  ? -1.109 -1.239  1.595  1.00 0.00 ? 5  LEU A N    5  
ATOM 776  C CA   . LEU A 1 5  ? -2.286 -0.389  1.669  1.00 0.00 ? 5  LEU A CA   5  
ATOM 777  C C    . LEU A 1 5  ? -1.874 1.005   2.142  1.00 0.00 ? 5  LEU A C    5  
ATOM 778  O O    . LEU A 1 5  ? -2.609 1.973   1.950  1.00 0.00 ? 5  LEU A O    5  
ATOM 779  C CB   . LEU A 1 5  ? -3.362 -1.041  2.538  1.00 0.00 ? 5  LEU A CB   5  
ATOM 780  C CG   . LEU A 1 5  ? -4.512 -1.718  1.789  1.00 0.00 ? 5  LEU A CG   5  
ATOM 781  C CD1  . LEU A 1 5  ? -3.982 -2.720  0.762  1.00 0.00 ? 5  LEU A CD1  5  
ATOM 782  C CD2  . LEU A 1 5  ? -5.498 -2.364  2.764  1.00 0.00 ? 5  LEU A CD2  5  
ATOM 783  H H    . LEU A 1 5  ? -1.148 -2.065  2.156  1.00 0.00 ? 5  LEU A H    5  
ATOM 784  H HA   . LEU A 1 5  ? -2.692 -0.306  0.661  1.00 0.00 ? 5  LEU A HA   5  
ATOM 785  H HB2  . LEU A 1 5  ? -2.886 -1.784  3.178  1.00 0.00 ? 5  LEU A HB2  5  
ATOM 786  H HB3  . LEU A 1 5  ? -3.783 -0.278  3.195  1.00 0.00 ? 5  LEU A HB3  5  
ATOM 787  H HG   . LEU A 1 5  ? -5.058 -0.952  1.238  1.00 0.00 ? 5  LEU A HG   5  
ATOM 788  H HD11 . LEU A 1 5  ? -3.717 -3.650  1.265  1.00 0.00 ? 5  LEU A HD11 5  
ATOM 789  H HD12 . LEU A 1 5  ? -4.751 -2.916  0.015  1.00 0.00 ? 5  LEU A HD12 5  
ATOM 790  H HD13 . LEU A 1 5  ? -3.098 -2.308  0.273  1.00 0.00 ? 5  LEU A HD13 5  
ATOM 791  H HD21 . LEU A 1 5  ? -5.538 -1.777  3.682  1.00 0.00 ? 5  LEU A HD21 5  
ATOM 792  H HD22 . LEU A 1 5  ? -6.489 -2.396  2.311  1.00 0.00 ? 5  LEU A HD22 5  
ATOM 793  H HD23 . LEU A 1 5  ? -5.170 -3.377  2.994  1.00 0.00 ? 5  LEU A HD23 5  
ATOM 794  N N    . ALA A 1 6  ? -0.700 1.065   2.755  1.00 0.00 ? 6  ALA A N    5  
ATOM 795  C CA   . ALA A 1 6  ? -0.182 2.327   3.257  1.00 0.00 ? 6  ALA A CA   5  
ATOM 796  C C    . ALA A 1 6  ? 0.441  3.113   2.102  1.00 0.00 ? 6  ALA A C    5  
ATOM 797  O O    . ALA A 1 6  ? 0.673  4.316   2.220  1.00 0.00 ? 6  ALA A O    5  
ATOM 798  C CB   . ALA A 1 6  ? 0.817  2.054   4.383  1.00 0.00 ? 6  ALA A CB   5  
ATOM 799  H H    . ALA A 1 6  ? -0.108 0.274   2.907  1.00 0.00 ? 6  ALA A H    5  
ATOM 800  H HA   . ALA A 1 6  ? -1.021 2.893   3.661  1.00 0.00 ? 6  ALA A HA   5  
ATOM 801  H HB1  . ALA A 1 6  ? 1.052  2.988   4.895  1.00 0.00 ? 6  ALA A HB1  5  
ATOM 802  H HB2  . ALA A 1 6  ? 0.383  1.351   5.093  1.00 0.00 ? 6  ALA A HB2  5  
ATOM 803  H HB3  . ALA A 1 6  ? 1.731  1.631   3.965  1.00 0.00 ? 6  ALA A HB3  5  
ATOM 804  N N    . HIS A 1 7  ? 0.695  2.403   1.013  1.00 0.00 ? 7  HIS A N    5  
ATOM 805  C CA   . HIS A 1 7  ? 1.286  3.020   -0.162 1.00 0.00 ? 7  HIS A CA   5  
ATOM 806  C C    . HIS A 1 7  ? 0.484  2.630   -1.405 1.00 0.00 ? 7  HIS A C    5  
ATOM 807  O O    . HIS A 1 7  ? 0.962  2.781   -2.529 1.00 0.00 ? 7  HIS A O    5  
ATOM 808  C CB   . HIS A 1 7  ? 2.769  2.661   -0.277 1.00 0.00 ? 7  HIS A CB   5  
ATOM 809  C CG   . HIS A 1 7  ? 3.616  3.179   0.860  1.00 0.00 ? 7  HIS A CG   5  
ATOM 810  N ND1  . HIS A 1 7  ? 3.982  4.509   0.977  1.00 0.00 ? 7  HIS A ND1  5  
ATOM 811  C CD2  . HIS A 1 7  ? 4.163  2.533   1.930  1.00 0.00 ? 7  HIS A CD2  5  
ATOM 812  C CE1  . HIS A 1 7  ? 4.718  4.646   2.070  1.00 0.00 ? 7  HIS A CE1  5  
ATOM 813  N NE2  . HIS A 1 7  ? 4.829  3.420   2.660  1.00 0.00 ? 7  HIS A NE2  5  
ATOM 814  H H    . HIS A 1 7  ? 0.502  1.425   0.926  1.00 0.00 ? 7  HIS A H    5  
ATOM 815  H HA   . HIS A 1 7  ? 1.216  4.099   -0.018 1.00 0.00 ? 7  HIS A HA   5  
ATOM 816  H HB2  . HIS A 1 7  ? 2.867  1.576   -0.324 1.00 0.00 ? 7  HIS A HB2  5  
ATOM 817  H HB3  . HIS A 1 7  ? 3.157  3.057   -1.215 1.00 0.00 ? 7  HIS A HB3  5  
ATOM 818  H HD1  . HIS A 1 7  ? 3.734  5.241   0.343  1.00 0.00 ? 7  HIS A HD1  5  
ATOM 819  H HD2  . HIS A 1 7  ? 4.069  1.470   2.150  1.00 0.00 ? 7  HIS A HD2  5  
ATOM 820  H HE1  . HIS A 1 7  ? 5.157  5.574   2.435  1.00 0.00 ? 7  HIS A HE1  5  
ATOM 821  H HE2  . HIS A 1 7  ? 5.282  3.234   3.532  1.00 0.00 ? 7  HIS A HE2  5  
ATOM 822  N N    . ALA A 1 8  ? -0.721 2.137   -1.162 1.00 0.00 ? 8  ALA A N    5  
ATOM 823  C CA   . ALA A 1 8  ? -1.594 1.725   -2.249 1.00 0.00 ? 8  ALA A CA   5  
ATOM 824  C C    . ALA A 1 8  ? -1.612 2.812   -3.324 1.00 0.00 ? 8  ALA A C    5  
ATOM 825  O O    . ALA A 1 8  ? -0.961 2.677   -4.359 1.00 0.00 ? 8  ALA A O    5  
ATOM 826  C CB   . ALA A 1 8  ? -2.990 1.428   -1.696 1.00 0.00 ? 8  ALA A CB   5  
ATOM 827  H H    . ALA A 1 8  ? -1.102 2.017   -0.245 1.00 0.00 ? 8  ALA A H    5  
ATOM 828  H HA   . ALA A 1 8  ? -1.183 0.809   -2.675 1.00 0.00 ? 8  ALA A HA   5  
ATOM 829  H HB1  . ALA A 1 8  ? -3.195 2.086   -0.853 1.00 0.00 ? 8  ALA A HB1  5  
ATOM 830  H HB2  . ALA A 1 8  ? -3.732 1.595   -2.477 1.00 0.00 ? 8  ALA A HB2  5  
ATOM 831  H HB3  . ALA A 1 8  ? -3.038 0.390   -1.367 1.00 0.00 ? 8  ALA A HB3  5  
ATOM 832  N N    . LYS A 1 9  ? -2.364 3.866   -3.043 1.00 0.00 ? 9  LYS A N    5  
ATOM 833  C CA   . LYS A 1 9  ? -2.476 4.976   -3.973 1.00 0.00 ? 9  LYS A CA   5  
ATOM 834  C C    . LYS A 1 9  ? -1.114 5.229   -4.623 1.00 0.00 ? 9  LYS A C    5  
ATOM 835  O O    . LYS A 1 9  ? -1.021 5.377   -5.841 1.00 0.00 ? 9  LYS A O    5  
ATOM 836  C CB   . LYS A 1 9  ? -3.061 6.205   -3.274 1.00 0.00 ? 9  LYS A CB   5  
ATOM 837  C CG   . LYS A 1 9  ? -4.584 6.243   -3.417 1.00 0.00 ? 9  LYS A CG   5  
ATOM 838  C CD   . LYS A 1 9  ? -5.267 5.778   -2.129 1.00 0.00 ? 9  LYS A CD   5  
ATOM 839  C CE   . LYS A 1 9  ? -5.865 4.381   -2.299 1.00 0.00 ? 9  LYS A CE   5  
ATOM 840  N NZ   . LYS A 1 9  ? -6.943 4.155   -1.310 1.00 0.00 ? 9  LYS A NZ   5  
ATOM 841  H H    . LYS A 1 9  ? -2.892 3.968   -2.199 1.00 0.00 ? 9  LYS A H    5  
ATOM 842  H HA   . LYS A 1 9  ? -3.180 4.682   -4.751 1.00 0.00 ? 9  LYS A HA   5  
ATOM 843  H HB2  . LYS A 1 9  ? -2.791 6.191   -2.218 1.00 0.00 ? 9  LYS A HB2  5  
ATOM 844  H HB3  . LYS A 1 9  ? -2.629 7.110   -3.701 1.00 0.00 ? 9  LYS A HB3  5  
ATOM 845  H HG2  . LYS A 1 9  ? -4.905 7.256   -3.659 1.00 0.00 ? 9  LYS A HG2  5  
ATOM 846  H HG3  . LYS A 1 9  ? -4.891 5.606   -4.246 1.00 0.00 ? 9  LYS A HG3  5  
ATOM 847  H HD2  . LYS A 1 9  ? -4.545 5.773   -1.312 1.00 0.00 ? 9  LYS A HD2  5  
ATOM 848  H HD3  . LYS A 1 9  ? -6.052 6.484   -1.856 1.00 0.00 ? 9  LYS A HD3  5  
ATOM 849  H HE2  . LYS A 1 9  ? -6.261 4.268   -3.308 1.00 0.00 ? 9  LYS A HE2  5  
ATOM 850  H HE3  . LYS A 1 9  ? -5.087 3.628   -2.176 1.00 0.00 ? 9  LYS A HE3  5  
ATOM 851  H HZ1  . LYS A 1 9  ? -6.878 3.222   -0.955 1.00 0.00 ? 9  LYS A HZ1  5  
ATOM 852  H HZ2  . LYS A 1 9  ? -6.846 4.806   -0.557 1.00 0.00 ? 9  LYS A HZ2  5  
ATOM 853  H HZ3  . LYS A 1 9  ? -7.831 4.283   -1.749 1.00 0.00 ? 9  LYS A HZ3  5  
ATOM 854  N N    . ALA A 1 10 ? -0.091 5.270   -3.782 1.00 0.00 ? 10 ALA A N    5  
ATOM 855  C CA   . ALA A 1 10 ? 1.262  5.503   -4.260 1.00 0.00 ? 10 ALA A CA   5  
ATOM 856  C C    . ALA A 1 10 ? 1.480  4.724   -5.559 1.00 0.00 ? 10 ALA A C    5  
ATOM 857  O O    . ALA A 1 10 ? 1.753  5.314   -6.603 1.00 0.00 ? 10 ALA A O    5  
ATOM 858  C CB   . ALA A 1 10 ? 2.262  5.113   -3.171 1.00 0.00 ? 10 ALA A CB   5  
ATOM 859  H H    . ALA A 1 10 ? -0.174 5.149   -2.794 1.00 0.00 ? 10 ALA A H    5  
ATOM 860  H HA   . ALA A 1 10 ? 1.362  6.569   -4.465 1.00 0.00 ? 10 ALA A HA   5  
ATOM 861  H HB1  . ALA A 1 10 ? 1.749  5.052   -2.211 1.00 0.00 ? 10 ALA A HB1  5  
ATOM 862  H HB2  . ALA A 1 10 ? 2.701  4.145   -3.410 1.00 0.00 ? 10 ALA A HB2  5  
ATOM 863  H HB3  . ALA A 1 10 ? 3.049  5.865   -3.114 1.00 0.00 ? 10 ALA A HB3  5  
ATOM 864  N N    . GLY A 1 11 ? 1.352  3.410   -5.451 1.00 0.00 ? 11 GLY A N    5  
ATOM 865  C CA   . GLY A 1 11 ? 1.533  2.544   -6.603 1.00 0.00 ? 11 GLY A CA   5  
ATOM 866  C C    . GLY A 1 11 ? 0.184  2.085   -7.162 1.00 0.00 ? 11 GLY A C    5  
ATOM 867  O O    . GLY A 1 11 ? -0.398 1.118   -6.674 1.00 0.00 ? 11 GLY A O    5  
ATOM 868  H H    . GLY A 1 11 ? 1.131  2.937   -4.598 1.00 0.00 ? 11 GLY A H    5  
ATOM 869  H HA2  . GLY A 1 11 ? 2.091  3.072   -7.376 1.00 0.00 ? 11 GLY A HA2  5  
ATOM 870  H HA3  . GLY A 1 11 ? 2.127  1.674   -6.320 1.00 0.00 ? 11 GLY A HA3  5  
ATOM 871  N N    . ILE A 1 1  ? 2.578  -9.345  1.803  1.00 0.00 ? 1  ILE A N    6  
ATOM 872  C CA   . ILE A 1 1  ? 2.521  -8.240  2.744  1.00 0.00 ? 1  ILE A CA   6  
ATOM 873  C C    . ILE A 1 1  ? 1.175  -7.526  2.605  1.00 0.00 ? 1  ILE A C    6  
ATOM 874  O O    . ILE A 1 1  ? 0.591  -7.500  1.522  1.00 0.00 ? 1  ILE A O    6  
ATOM 875  C CB   . ILE A 1 1  ? 3.728  -7.317  2.563  1.00 0.00 ? 1  ILE A CB   6  
ATOM 876  C CG1  . ILE A 1 1  ? 3.976  -7.025  1.081  1.00 0.00 ? 1  ILE A CG1  6  
ATOM 877  C CG2  . ILE A 1 1  ? 4.967  -7.895  3.249  1.00 0.00 ? 1  ILE A CG2  6  
ATOM 878  C CD1  . ILE A 1 1  ? 3.816  -5.532  0.782  1.00 0.00 ? 1  ILE A CD1  6  
ATOM 879  H H1   . ILE A 1 1  ? 3.472  -9.492  1.379  1.00 0.00 ? 1  ILE A H1   6  
ATOM 880  H HA   . ILE A 1 1  ? 2.585  -8.661  3.748  1.00 0.00 ? 1  ILE A HA   6  
ATOM 881  H HB   . ILE A 1 1  ? 3.506  -6.365  3.046  1.00 0.00 ? 1  ILE A HB   6  
ATOM 882  H HG12 . ILE A 1 1  ? 4.980  -7.348  0.807  1.00 0.00 ? 1  ILE A HG12 6  
ATOM 883  H HG13 . ILE A 1 1  ? 3.278  -7.599  0.472  1.00 0.00 ? 1  ILE A HG13 6  
ATOM 884  H HG21 . ILE A 1 1  ? 5.863  -7.539  2.740  1.00 0.00 ? 1  ILE A HG21 6  
ATOM 885  H HG22 . ILE A 1 1  ? 4.989  -7.573  4.290  1.00 0.00 ? 1  ILE A HG22 6  
ATOM 886  H HG23 . ILE A 1 1  ? 4.933  -8.983  3.205  1.00 0.00 ? 1  ILE A HG23 6  
ATOM 887  H HD11 . ILE A 1 1  ? 4.788  -5.043  0.847  1.00 0.00 ? 1  ILE A HD11 6  
ATOM 888  H HD12 . ILE A 1 1  ? 3.409  -5.405  -0.220 1.00 0.00 ? 1  ILE A HD12 6  
ATOM 889  H HD13 . ILE A 1 1  ? 3.137  -5.088  1.509  1.00 0.00 ? 1  ILE A HD13 6  
ATOM 890  N N    . ASN A 1 2  ? 0.721  -6.964  3.715  1.00 0.00 ? 2  ASN A N    6  
ATOM 891  C CA   . ASN A 1 2  ? -0.545 -6.251  3.730  1.00 0.00 ? 2  ASN A CA   6  
ATOM 892  C C    . ASN A 1 2  ? -0.287 -4.765  3.985  1.00 0.00 ? 2  ASN A C    6  
ATOM 893  O O    . ASN A 1 2  ? -1.182 -3.938  3.820  1.00 0.00 ? 2  ASN A O    6  
ATOM 894  C CB   . ASN A 1 2  ? -1.456 -6.771  4.845  1.00 0.00 ? 2  ASN A CB   6  
ATOM 895  C CG   . ASN A 1 2  ? -2.897 -6.918  4.350  1.00 0.00 ? 2  ASN A CG   6  
ATOM 896  O OD1  . ASN A 1 2  ? -3.493 -7.981  4.405  1.00 0.00 ? 2  ASN A OD1  6  
ATOM 897  N ND2  . ASN A 1 2  ? -3.421 -5.794  3.868  1.00 0.00 ? 2  ASN A ND2  6  
ATOM 898  H H    . ASN A 1 2  ? 1.202  -6.989  4.592  1.00 0.00 ? 2  ASN A H    6  
ATOM 899  H HA   . ASN A 1 2  ? -0.990 -6.435  2.751  1.00 0.00 ? 2  ASN A HA   6  
ATOM 900  H HB2  . ASN A 1 2  ? -1.089 -7.734  5.199  1.00 0.00 ? 2  ASN A HB2  6  
ATOM 901  H HB3  . ASN A 1 2  ? -1.427 -6.086  5.692  1.00 0.00 ? 2  ASN A HB3  6  
ATOM 902  H HD21 . ASN A 1 2  ? -2.877 -4.956  3.852  1.00 0.00 ? 2  ASN A HD21 6  
ATOM 903  H HD22 . ASN A 1 2  ? -4.358 -5.789  3.520  1.00 0.00 ? 2  ASN A HD22 6  
ATOM 904  N N    . TYR A 1 3  ? 0.943  -4.471  4.384  1.00 0.00 ? 3  TYR A N    6  
ATOM 905  C CA   . TYR A 1 3  ? 1.330  -3.100  4.663  1.00 0.00 ? 3  TYR A CA   6  
ATOM 906  C C    . TYR A 1 3  ? 1.187  -2.223  3.417  1.00 0.00 ? 3  TYR A C    6  
ATOM 907  O O    . TYR A 1 3  ? 1.132  -0.998  3.517  1.00 0.00 ? 3  TYR A O    6  
ATOM 908  C CB   . TYR A 1 3  ? 2.805  -3.152  5.068  1.00 0.00 ? 3  TYR A CB   6  
ATOM 909  C CG   . TYR A 1 3  ? 3.550  -1.829  4.876  1.00 0.00 ? 3  TYR A CG   6  
ATOM 910  C CD1  . TYR A 1 3  ? 3.277  -0.757  5.702  1.00 0.00 ? 3  TYR A CD1  6  
ATOM 911  C CD2  . TYR A 1 3  ? 4.495  -1.709  3.878  1.00 0.00 ? 3  TYR A CD2  6  
ATOM 912  C CE1  . TYR A 1 3  ? 3.979  0.487   5.521  1.00 0.00 ? 3  TYR A CE1  6  
ATOM 913  C CE2  . TYR A 1 3  ? 5.197  -0.463  3.698  1.00 0.00 ? 3  TYR A CE2  6  
ATOM 914  C CZ   . TYR A 1 3  ? 4.904  0.572   4.528  1.00 0.00 ? 3  TYR A CZ   6  
ATOM 915  O OH   . TYR A 1 3  ? 5.566  1.747   4.358  1.00 0.00 ? 3  TYR A OH   6  
ATOM 916  H H    . TYR A 1 3  ? 1.665  -5.149  4.516  1.00 0.00 ? 3  TYR A H    6  
ATOM 917  H HA   . TYR A 1 3  ? 0.673  -2.716  5.445  1.00 0.00 ? 3  TYR A HA   6  
ATOM 918  H HB2  . TYR A 1 3  ? 2.874  -3.447  6.115  1.00 0.00 ? 3  TYR A HB2  6  
ATOM 919  H HB3  . TYR A 1 3  ? 3.303  -3.926  4.485  1.00 0.00 ? 3  TYR A HB3  6  
ATOM 920  H HD1  . TYR A 1 3  ? 2.530  -0.853  6.491  1.00 0.00 ? 3  TYR A HD1  6  
ATOM 921  H HD2  . TYR A 1 3  ? 4.710  -2.555  3.226  1.00 0.00 ? 3  TYR A HD2  6  
ATOM 922  H HE1  . TYR A 1 3  ? 3.773  1.342   6.167  1.00 0.00 ? 3  TYR A HE1  6  
ATOM 923  H HE2  . TYR A 1 3  ? 5.945  -0.355  2.913  1.00 0.00 ? 3  TYR A HE2  6  
ATOM 924  H HH   . TYR A 1 3  ? 6.393  1.759   4.921  1.00 0.00 ? 3  TYR A HH   6  
ATOM 925  N N    . TRP A 1 4  ? 1.130  -2.887  2.271  1.00 0.00 ? 4  TRP A N    6  
ATOM 926  C CA   . TRP A 1 4  ? 0.994  -2.184  1.006  1.00 0.00 ? 4  TRP A CA   6  
ATOM 927  C C    . TRP A 1 4  ? -0.253 -1.301  1.087  1.00 0.00 ? 4  TRP A C    6  
ATOM 928  O O    . TRP A 1 4  ? -0.340 -0.278  0.409  1.00 0.00 ? 4  TRP A O    6  
ATOM 929  C CB   . TRP A 1 4  ? 0.955  -3.167  -0.166 1.00 0.00 ? 4  TRP A CB   6  
ATOM 930  C CG   . TRP A 1 4  ? 1.973  -2.863  -1.267 1.00 0.00 ? 4  TRP A CG   6  
ATOM 931  C CD1  . TRP A 1 4  ? 1.738  -2.632  -2.566 1.00 0.00 ? 4  TRP A CD1  6  
ATOM 932  C CD2  . TRP A 1 4  ? 3.404  -2.767  -1.111 1.00 0.00 ? 4  TRP A CD2  6  
ATOM 933  N NE1  . TRP A 1 4  ? 2.910  -2.394  -3.256 1.00 0.00 ? 4  TRP A NE1  6  
ATOM 934  C CE2  . TRP A 1 4  ? 3.954  -2.479  -2.344 1.00 0.00 ? 4  TRP A CE2  6  
ATOM 935  C CE3  . TRP A 1 4  ? 4.208  -2.918  0.033  1.00 0.00 ? 4  TRP A CE3  6  
ATOM 936  C CZ2  . TRP A 1 4  ? 5.330  -2.317  -2.550 1.00 0.00 ? 4  TRP A CZ2  6  
ATOM 937  C CZ3  . TRP A 1 4  ? 5.580  -2.753  -0.190 1.00 0.00 ? 4  TRP A CZ3  6  
ATOM 938  C CH2  . TRP A 1 4  ? 6.149  -2.464  -1.425 1.00 0.00 ? 4  TRP A CH2  6  
ATOM 939  H H    . TRP A 1 4  ? 1.175  -3.882  2.198  1.00 0.00 ? 4  TRP A H    6  
ATOM 940  H HA   . TRP A 1 4  ? 1.881  -1.565  0.872  1.00 0.00 ? 4  TRP A HA   6  
ATOM 941  H HB2  . TRP A 1 4  ? 1.134  -4.174  0.213  1.00 0.00 ? 4  TRP A HB2  6  
ATOM 942  H HB3  . TRP A 1 4  ? -0.045 -3.161  -0.598 1.00 0.00 ? 4  TRP A HB3  6  
ATOM 943  H HD1  . TRP A 1 4  ? 0.748  -2.632  -3.020 1.00 0.00 ? 4  TRP A HD1  6  
ATOM 944  H HE1  . TRP A 1 4  ? 2.999  -2.180  -4.321 1.00 0.00 ? 4  TRP A HE1  6  
ATOM 945  H HE3  . TRP A 1 4  ? 3.797  -3.145  1.017  1.00 0.00 ? 4  TRP A HE3  6  
ATOM 946  H HZ2  . TRP A 1 4  ? 5.740  -2.090  -3.535 1.00 0.00 ? 4  TRP A HZ2  6  
ATOM 947  H HZ3  . TRP A 1 4  ? 6.249  -2.859  0.664  1.00 0.00 ? 4  TRP A HZ3  6  
ATOM 948  H HH2  . TRP A 1 4  ? 7.230  -2.350  -1.516 1.00 0.00 ? 4  TRP A HH2  6  
ATOM 949  N N    . LEU A 1 5  ? -1.189 -1.728  1.924  1.00 0.00 ? 5  LEU A N    6  
ATOM 950  C CA   . LEU A 1 5  ? -2.426 -0.990  2.102  1.00 0.00 ? 5  LEU A CA   6  
ATOM 951  C C    . LEU A 1 5  ? -2.108 0.412   2.627  1.00 0.00 ? 5  LEU A C    6  
ATOM 952  O O    . LEU A 1 5  ? -2.953 1.305   2.576  1.00 0.00 ? 5  LEU A O    6  
ATOM 953  C CB   . LEU A 1 5  ? -3.395 -1.773  2.990  1.00 0.00 ? 5  LEU A CB   6  
ATOM 954  C CG   . LEU A 1 5  ? -4.765 -2.080  2.382  1.00 0.00 ? 5  LEU A CG   6  
ATOM 955  C CD1  . LEU A 1 5  ? -4.620 -2.816  1.048  1.00 0.00 ? 5  LEU A CD1  6  
ATOM 956  C CD2  . LEU A 1 5  ? -5.644 -2.850  3.369  1.00 0.00 ? 5  LEU A CD2  6  
ATOM 957  H H    . LEU A 1 5  ? -1.111 -2.561  2.471  1.00 0.00 ? 5  LEU A H    6  
ATOM 958  H HA   . LEU A 1 5  ? -2.894 -0.894  1.122  1.00 0.00 ? 5  LEU A HA   6  
ATOM 959  H HB2  . LEU A 1 5  ? -2.923 -2.716  3.265  1.00 0.00 ? 5  LEU A HB2  6  
ATOM 960  H HB3  . LEU A 1 5  ? -3.546 -1.212  3.912  1.00 0.00 ? 5  LEU A HB3  6  
ATOM 961  H HG   . LEU A 1 5  ? -5.266 -1.134  2.174  1.00 0.00 ? 5  LEU A HG   6  
ATOM 962  H HD11 . LEU A 1 5  ? -3.564 -2.904  0.794  1.00 0.00 ? 5  LEU A HD11 6  
ATOM 963  H HD12 . LEU A 1 5  ? -5.058 -3.811  1.134  1.00 0.00 ? 5  LEU A HD12 6  
ATOM 964  H HD13 . LEU A 1 5  ? -5.136 -2.258  0.267  1.00 0.00 ? 5  LEU A HD13 6  
ATOM 965  H HD21 . LEU A 1 5  ? -6.356 -3.464  2.819  1.00 0.00 ? 5  LEU A HD21 6  
ATOM 966  H HD22 . LEU A 1 5  ? -5.018 -3.489  3.991  1.00 0.00 ? 5  LEU A HD22 6  
ATOM 967  H HD23 . LEU A 1 5  ? -6.184 -2.145  4.001  1.00 0.00 ? 5  LEU A HD23 6  
ATOM 968  N N    . ALA A 1 6  ? -0.887 0.561   3.120  1.00 0.00 ? 6  ALA A N    6  
ATOM 969  C CA   . ALA A 1 6  ? -0.447 1.839   3.653  1.00 0.00 ? 6  ALA A CA   6  
ATOM 970  C C    . ALA A 1 6  ? 0.122  2.692   2.518  1.00 0.00 ? 6  ALA A C    6  
ATOM 971  O O    . ALA A 1 6  ? 0.492  3.846   2.730  1.00 0.00 ? 6  ALA A O    6  
ATOM 972  C CB   . ALA A 1 6  ? 0.572  1.602   4.770  1.00 0.00 ? 6  ALA A CB   6  
ATOM 973  H H    . ALA A 1 6  ? -0.206 -0.171  3.157  1.00 0.00 ? 6  ALA A H    6  
ATOM 974  H HA   . ALA A 1 6  ? -1.317 2.341   4.073  1.00 0.00 ? 6  ALA A HA   6  
ATOM 975  H HB1  . ALA A 1 6  ? 0.287  2.178   5.650  1.00 0.00 ? 6  ALA A HB1  6  
ATOM 976  H HB2  . ALA A 1 6  ? 0.595  0.541   5.022  1.00 0.00 ? 6  ALA A HB2  6  
ATOM 977  H HB3  . ALA A 1 6  ? 1.560  1.916   4.434  1.00 0.00 ? 6  ALA A HB3  6  
ATOM 978  N N    . HIS A 1 7  ? 0.172  2.093   1.337  1.00 0.00 ? 7  HIS A N    6  
ATOM 979  C CA   . HIS A 1 7  ? 0.688  2.784   0.168  1.00 0.00 ? 7  HIS A CA   6  
ATOM 980  C C    . HIS A 1 7  ? -0.040 2.289   -1.084 1.00 0.00 ? 7  HIS A C    6  
ATOM 981  O O    . HIS A 1 7  ? 0.455  2.449   -2.198 1.00 0.00 ? 7  HIS A O    6  
ATOM 982  C CB   . HIS A 1 7  ? 2.207  2.627   0.071  1.00 0.00 ? 7  HIS A CB   6  
ATOM 983  C CG   . HIS A 1 7  ? 2.980  3.592   0.938  1.00 0.00 ? 7  HIS A CG   6  
ATOM 984  N ND1  . HIS A 1 7  ? 4.187  3.266   1.532  1.00 0.00 ? 7  HIS A ND1  6  
ATOM 985  C CD2  . HIS A 1 7  ? 2.707  4.878   1.304  1.00 0.00 ? 7  HIS A CD2  6  
ATOM 986  C CE1  . HIS A 1 7  ? 4.611  4.315   2.222  1.00 0.00 ? 7  HIS A CE1  6  
ATOM 987  N NE2  . HIS A 1 7  ? 3.692  5.312   2.080  1.00 0.00 ? 7  HIS A NE2  6  
ATOM 988  H H    . HIS A 1 7  ? -0.132 1.154   1.173  1.00 0.00 ? 7  HIS A H    6  
ATOM 989  H HA   . HIS A 1 7  ? 0.471  3.842   0.309  1.00 0.00 ? 7  HIS A HA   6  
ATOM 990  H HB2  . HIS A 1 7  ? 2.476  1.608   0.352  1.00 0.00 ? 7  HIS A HB2  6  
ATOM 991  H HB3  . HIS A 1 7  ? 2.511  2.763   -0.966 1.00 0.00 ? 7  HIS A HB3  6  
ATOM 992  H HD1  . HIS A 1 7  ? 4.658  2.387   1.453  1.00 0.00 ? 7  HIS A HD1  6  
ATOM 993  H HD2  . HIS A 1 7  ? 1.827  5.451   1.008  1.00 0.00 ? 7  HIS A HD2  6  
ATOM 994  H HE1  . HIS A 1 7  ? 5.532  4.370   2.802  1.00 0.00 ? 7  HIS A HE1  6  
ATOM 995  H HE2  . HIS A 1 7  ? 3.778  6.240   2.445  1.00 0.00 ? 7  HIS A HE2  6  
ATOM 996  N N    . ALA A 1 8  ? -1.203 1.696   -0.858 1.00 0.00 ? 8  ALA A N    6  
ATOM 997  C CA   . ALA A 1 8  ? -2.004 1.178   -1.953 1.00 0.00 ? 8  ALA A CA   6  
ATOM 998  C C    . ALA A 1 8  ? -1.927 2.143   -3.137 1.00 0.00 ? 8  ALA A C    6  
ATOM 999  O O    . ALA A 1 8  ? -1.198 1.898   -4.096 1.00 0.00 ? 8  ALA A O    6  
ATOM 1000 C CB   . ALA A 1 8  ? -3.440 0.953   -1.474 1.00 0.00 ? 8  ALA A CB   6  
ATOM 1001 H H    . ALA A 1 8  ? -1.599 1.569   0.052  1.00 0.00 ? 8  ALA A H    6  
ATOM 1002 H HA   . ALA A 1 8  ? -1.579 0.218   -2.249 1.00 0.00 ? 8  ALA A HA   6  
ATOM 1003 H HB1  . ALA A 1 8  ? -4.135 1.280   -2.248 1.00 0.00 ? 8  ALA A HB1  6  
ATOM 1004 H HB2  . ALA A 1 8  ? -3.594 -0.107  -1.272 1.00 0.00 ? 8  ALA A HB2  6  
ATOM 1005 H HB3  . ALA A 1 8  ? -3.613 1.527   -0.564 1.00 0.00 ? 8  ALA A HB3  6  
ATOM 1006 N N    . LYS A 1 9  ? -2.691 3.220   -3.031 1.00 0.00 ? 9  LYS A N    6  
ATOM 1007 C CA   . LYS A 1 9  ? -2.719 4.223   -4.082 1.00 0.00 ? 9  LYS A CA   6  
ATOM 1008 C C    . LYS A 1 9  ? -1.286 4.591   -4.470 1.00 0.00 ? 9  LYS A C    6  
ATOM 1009 O O    . LYS A 1 9  ? -0.981 4.761   -5.649 1.00 0.00 ? 9  LYS A O    6  
ATOM 1010 C CB   . LYS A 1 9  ? -3.567 5.424   -3.654 1.00 0.00 ? 9  LYS A CB   6  
ATOM 1011 C CG   . LYS A 1 9  ? -4.955 5.371   -4.295 1.00 0.00 ? 9  LYS A CG   6  
ATOM 1012 C CD   . LYS A 1 9  ? -5.870 6.448   -3.710 1.00 0.00 ? 9  LYS A CD   6  
ATOM 1013 C CE   . LYS A 1 9  ? -5.471 7.838   -4.209 1.00 0.00 ? 9  LYS A CE   6  
ATOM 1014 N NZ   . LYS A 1 9  ? -5.082 8.704   -3.074 1.00 0.00 ? 9  LYS A NZ   6  
ATOM 1015 H H    . LYS A 1 9  ? -3.282 3.412   -2.248 1.00 0.00 ? 9  LYS A H    6  
ATOM 1016 H HA   . LYS A 1 9  ? -3.208 3.777   -4.948 1.00 0.00 ? 9  LYS A HA   6  
ATOM 1017 H HB2  . LYS A 1 9  ? -3.664 5.437   -2.568 1.00 0.00 ? 9  LYS A HB2  6  
ATOM 1018 H HB3  . LYS A 1 9  ? -3.065 6.348   -3.939 1.00 0.00 ? 9  LYS A HB3  6  
ATOM 1019 H HG2  . LYS A 1 9  ? -4.868 5.509   -5.372 1.00 0.00 ? 9  LYS A HG2  6  
ATOM 1020 H HG3  . LYS A 1 9  ? -5.396 4.388   -4.135 1.00 0.00 ? 9  LYS A HG3  6  
ATOM 1021 H HD2  . LYS A 1 9  ? -6.905 6.242   -3.988 1.00 0.00 ? 9  LYS A HD2  6  
ATOM 1022 H HD3  . LYS A 1 9  ? -5.822 6.420   -2.621 1.00 0.00 ? 9  LYS A HD3  6  
ATOM 1023 H HE2  . LYS A 1 9  ? -4.640 7.754   -4.910 1.00 0.00 ? 9  LYS A HE2  6  
ATOM 1024 H HE3  . LYS A 1 9  ? -6.301 8.290   -4.751 1.00 0.00 ? 9  LYS A HE3  6  
ATOM 1025 H HZ1  . LYS A 1 9  ? -5.904 9.066   -2.634 1.00 0.00 ? 9  LYS A HZ1  6  
ATOM 1026 H HZ2  . LYS A 1 9  ? -4.558 8.170   -2.411 1.00 0.00 ? 9  LYS A HZ2  6  
ATOM 1027 H HZ3  . LYS A 1 9  ? -4.522 9.462   -3.409 1.00 0.00 ? 9  LYS A HZ3  6  
ATOM 1028 N N    . ALA A 1 10 ? -0.442 4.701   -3.453 1.00 0.00 ? 10 ALA A N    6  
ATOM 1029 C CA   . ALA A 1 10 ? 0.952  5.045   -3.673 1.00 0.00 ? 10 ALA A CA   6  
ATOM 1030 C C    . ALA A 1 10 ? 1.463  4.316   -4.918 1.00 0.00 ? 10 ALA A C    6  
ATOM 1031 O O    . ALA A 1 10 ? 1.937  4.948   -5.860 1.00 0.00 ? 10 ALA A O    6  
ATOM 1032 C CB   . ALA A 1 10 ? 1.766  4.703   -2.422 1.00 0.00 ? 10 ALA A CB   6  
ATOM 1033 H H    . ALA A 1 10 ? -0.697 4.561   -2.497 1.00 0.00 ? 10 ALA A H    6  
ATOM 1034 H HA   . ALA A 1 10 ? 1.007  6.120   -3.844 1.00 0.00 ? 10 ALA A HA   6  
ATOM 1035 H HB1  . ALA A 1 10 ? 2.406  3.846   -2.629 1.00 0.00 ? 10 ALA A HB1  6  
ATOM 1036 H HB2  . ALA A 1 10 ? 2.382  5.558   -2.145 1.00 0.00 ? 10 ALA A HB2  6  
ATOM 1037 H HB3  . ALA A 1 10 ? 1.088  4.462   -1.603 1.00 0.00 ? 10 ALA A HB3  6  
ATOM 1038 N N    . GLY A 1 11 ? 1.349  2.997   -4.879 1.00 0.00 ? 11 GLY A N    6  
ATOM 1039 C CA   . GLY A 1 11 ? 1.794  2.175   -5.993 1.00 0.00 ? 11 GLY A CA   6  
ATOM 1040 C C    . GLY A 1 11 ? 1.657  0.687   -5.665 1.00 0.00 ? 11 GLY A C    6  
ATOM 1041 O O    . GLY A 1 11 ? 2.611  -0.075  -5.814 1.00 0.00 ? 11 GLY A O    6  
ATOM 1042 H H    . GLY A 1 11 ? 0.964  2.490   -4.108 1.00 0.00 ? 11 GLY A H    6  
ATOM 1043 H HA2  . GLY A 1 11 ? 1.207  2.411   -6.880 1.00 0.00 ? 11 GLY A HA2  6  
ATOM 1044 H HA3  . GLY A 1 11 ? 2.833  2.406   -6.228 1.00 0.00 ? 11 GLY A HA3  6  
ATOM 1045 N N    . ILE A 1 1  ? 1.373  -6.231  -0.340 1.00 0.00 ? 1  ILE A N    7  
ATOM 1046 C CA   . ILE A 1 1  ? 1.301  -6.796  0.996  1.00 0.00 ? 1  ILE A CA   7  
ATOM 1047 C C    . ILE A 1 1  ? 0.191  -6.097  1.783  1.00 0.00 ? 1  ILE A C    7  
ATOM 1048 O O    . ILE A 1 1  ? -0.282 -5.033  1.385  1.00 0.00 ? 1  ILE A O    7  
ATOM 1049 C CB   . ILE A 1 1  ? 2.670  -6.735  1.678  1.00 0.00 ? 1  ILE A CB   7  
ATOM 1050 C CG1  . ILE A 1 1  ? 3.793  -6.634  0.645  1.00 0.00 ? 1  ILE A CG1  7  
ATOM 1051 C CG2  . ILE A 1 1  ? 2.864  -7.921  2.624  1.00 0.00 ? 1  ILE A CG2  7  
ATOM 1052 C CD1  . ILE A 1 1  ? 4.012  -5.184  0.211  1.00 0.00 ? 1  ILE A CD1  7  
ATOM 1053 H H1   . ILE A 1 1  ? 0.488  -6.067  -0.777 1.00 0.00 ? 1  ILE A H1   7  
ATOM 1054 H HA   . ILE A 1 1  ? 1.040  -7.849  0.892  1.00 0.00 ? 1  ILE A HA   7  
ATOM 1055 H HB   . ILE A 1 1  ? 2.709  -5.830  2.285  1.00 0.00 ? 1  ILE A HB   7  
ATOM 1056 H HG12 . ILE A 1 1  ? 4.715  -7.036  1.064  1.00 0.00 ? 1  ILE A HG12 7  
ATOM 1057 H HG13 . ILE A 1 1  ? 3.547  -7.244  -0.225 1.00 0.00 ? 1  ILE A HG13 7  
ATOM 1058 H HG21 . ILE A 1 1  ? 2.770  -7.584  3.656  1.00 0.00 ? 1  ILE A HG21 7  
ATOM 1059 H HG22 . ILE A 1 1  ? 2.107  -8.678  2.419  1.00 0.00 ? 1  ILE A HG22 7  
ATOM 1060 H HG23 . ILE A 1 1  ? 3.856  -8.349  2.470  1.00 0.00 ? 1  ILE A HG23 7  
ATOM 1061 H HD11 . ILE A 1 1  ? 3.824  -5.091  -0.858 1.00 0.00 ? 1  ILE A HD11 7  
ATOM 1062 H HD12 . ILE A 1 1  ? 3.328  -4.534  0.758  1.00 0.00 ? 1  ILE A HD12 7  
ATOM 1063 H HD13 . ILE A 1 1  ? 5.040  -4.891  0.426  1.00 0.00 ? 1  ILE A HD13 7  
ATOM 1064 N N    . ASN A 1 2  ? -0.194 -6.723  2.886  1.00 0.00 ? 2  ASN A N    7  
ATOM 1065 C CA   . ASN A 1 2  ? -1.240 -6.175  3.732  1.00 0.00 ? 2  ASN A CA   7  
ATOM 1066 C C    . ASN A 1 2  ? -0.872 -4.743  4.127  1.00 0.00 ? 2  ASN A C    7  
ATOM 1067 O O    . ASN A 1 2  ? -1.716 -3.849  4.091  1.00 0.00 ? 2  ASN A O    7  
ATOM 1068 C CB   . ASN A 1 2  ? -1.397 -6.993  5.014  1.00 0.00 ? 2  ASN A CB   7  
ATOM 1069 C CG   . ASN A 1 2  ? -0.343 -6.597  6.051  1.00 0.00 ? 2  ASN A CG   7  
ATOM 1070 O OD1  . ASN A 1 2  ? -0.639 -6.042  7.095  1.00 0.00 ? 2  ASN A OD1  7  
ATOM 1071 N ND2  . ASN A 1 2  ? 0.901  -6.915  5.704  1.00 0.00 ? 2  ASN A ND2  7  
ATOM 1072 H H    . ASN A 1 2  ? 0.196  -7.588  3.203  1.00 0.00 ? 2  ASN A H    7  
ATOM 1073 H HA   . ASN A 1 2  ? -2.148 -6.221  3.131  1.00 0.00 ? 2  ASN A HA   7  
ATOM 1074 H HB2  . ASN A 1 2  ? -2.393 -6.839  5.429  1.00 0.00 ? 2  ASN A HB2  7  
ATOM 1075 H HB3  . ASN A 1 2  ? -1.307 -8.056  4.786  1.00 0.00 ? 2  ASN A HB3  7  
ATOM 1076 H HD21 . ASN A 1 2  ? 1.077  -7.371  4.830  1.00 0.00 ? 2  ASN A HD21 7  
ATOM 1077 H HD22 . ASN A 1 2  ? 1.662  -6.697  6.315  1.00 0.00 ? 2  ASN A HD22 7  
ATOM 1078 N N    . TYR A 1 3  ? 0.389  -4.570  4.496  1.00 0.00 ? 3  TYR A N    7  
ATOM 1079 C CA   . TYR A 1 3  ? 0.878  -3.262  4.897  1.00 0.00 ? 3  TYR A CA   7  
ATOM 1080 C C    . TYR A 1 3  ? 0.956  -2.314  3.699  1.00 0.00 ? 3  TYR A C    7  
ATOM 1081 O O    . TYR A 1 3  ? 0.940  -1.095  3.865  1.00 0.00 ? 3  TYR A O    7  
ATOM 1082 C CB   . TYR A 1 3  ? 2.289  -3.490  5.443  1.00 0.00 ? 3  TYR A CB   7  
ATOM 1083 C CG   . TYR A 1 3  ? 3.191  -2.256  5.374  1.00 0.00 ? 3  TYR A CG   7  
ATOM 1084 C CD1  . TYR A 1 3  ? 2.999  -1.211  6.255  1.00 0.00 ? 3  TYR A CD1  7  
ATOM 1085 C CD2  . TYR A 1 3  ? 4.195  -2.186  4.430  1.00 0.00 ? 3  TYR A CD2  7  
ATOM 1086 C CE1  . TYR A 1 3  ? 3.847  -0.049  6.189  1.00 0.00 ? 3  TYR A CE1  7  
ATOM 1087 C CE2  . TYR A 1 3  ? 5.043  -1.025  4.364  1.00 0.00 ? 3  TYR A CE2  7  
ATOM 1088 C CZ   . TYR A 1 3  ? 4.828  -0.013  5.247  1.00 0.00 ? 3  TYR A CZ   7  
ATOM 1089 O OH   . TYR A 1 3  ? 5.628  1.084   5.185  1.00 0.00 ? 3  TYR A OH   7  
ATOM 1090 H H    . TYR A 1 3  ? 1.069  -5.302  4.523  1.00 0.00 ? 3  TYR A H    7  
ATOM 1091 H HA   . TYR A 1 3  ? 0.184  -2.854  5.631  1.00 0.00 ? 3  TYR A HA   7  
ATOM 1092 H HB2  . TYR A 1 3  ? 2.219  -3.817  6.480  1.00 0.00 ? 3  TYR A HB2  7  
ATOM 1093 H HB3  . TYR A 1 3  ? 2.757  -4.301  4.885  1.00 0.00 ? 3  TYR A HB3  7  
ATOM 1094 H HD1  . TYR A 1 3  ? 2.206  -1.265  7.001  1.00 0.00 ? 3  TYR A HD1  7  
ATOM 1095 H HD2  . TYR A 1 3  ? 4.346  -3.012  3.734  1.00 0.00 ? 3  TYR A HD2  7  
ATOM 1096 H HE1  . TYR A 1 3  ? 3.707  0.783   6.880  1.00 0.00 ? 3  TYR A HE1  7  
ATOM 1097 H HE2  . TYR A 1 3  ? 5.839  -0.958  3.623  1.00 0.00 ? 3  TYR A HE2  7  
ATOM 1098 H HH   . TYR A 1 3  ? 6.066  1.239   6.071  1.00 0.00 ? 3  TYR A HH   7  
ATOM 1099 N N    . TRP A 1 4  ? 1.037  -2.910  2.518  1.00 0.00 ? 4  TRP A N    7  
ATOM 1100 C CA   . TRP A 1 4  ? 1.116  -2.133  1.292  1.00 0.00 ? 4  TRP A CA   7  
ATOM 1101 C C    . TRP A 1 4  ? -0.141 -1.265  1.200  1.00 0.00 ? 4  TRP A C    7  
ATOM 1102 O O    . TRP A 1 4  ? -0.167 -0.280  0.464  1.00 0.00 ? 4  TRP A O    7  
ATOM 1103 C CB   . TRP A 1 4  ? 1.303  -3.044  0.077  1.00 0.00 ? 4  TRP A CB   7  
ATOM 1104 C CG   . TRP A 1 4  ? 2.496  -2.669  -0.804 1.00 0.00 ? 4  TRP A CG   7  
ATOM 1105 C CD1  . TRP A 1 4  ? 2.516  -2.488  -2.132 1.00 0.00 ? 4  TRP A CD1  7  
ATOM 1106 C CD2  . TRP A 1 4  ? 3.850  -2.432  -0.364 1.00 0.00 ? 4  TRP A CD2  7  
ATOM 1107 N NE1  . TRP A 1 4  ? 3.779  -2.155  -2.578 1.00 0.00 ? 4  TRP A NE1  7  
ATOM 1108 C CE2  . TRP A 1 4  ? 4.615  -2.120  -1.468 1.00 0.00 ? 4  TRP A CE2  7  
ATOM 1109 C CE3  . TRP A 1 4  ? 4.409  -2.481  0.926  1.00 0.00 ? 4  TRP A CE3  7  
ATOM 1110 C CZ2  . TRP A 1 4  ? 5.984  -1.833  -1.396 1.00 0.00 ? 4  TRP A CZ2  7  
ATOM 1111 C CZ3  . TRP A 1 4  ? 5.778  -2.192  0.981  1.00 0.00 ? 4  TRP A CZ3  7  
ATOM 1112 C CH2  . TRP A 1 4  ? 6.562  -1.876  -0.122 1.00 0.00 ? 4  TRP A CH2  7  
ATOM 1113 H H    . TRP A 1 4  ? 1.049  -3.901  2.392  1.00 0.00 ? 4  TRP A H    7  
ATOM 1114 H HA   . TRP A 1 4  ? 2.002  -1.501  1.354  1.00 0.00 ? 4  TRP A HA   7  
ATOM 1115 H HB2  . TRP A 1 4  ? 1.428  -4.070  0.421  1.00 0.00 ? 4  TRP A HB2  7  
ATOM 1116 H HB3  . TRP A 1 4  ? 0.396  -3.018  -0.527 1.00 0.00 ? 4  TRP A HB3  7  
ATOM 1117 H HD1  . TRP A 1 4  ? 1.645  -2.592  -2.778 1.00 0.00 ? 4  TRP A HD1  7  
ATOM 1118 H HE1  . TRP A 1 4  ? 4.067  -1.957  -3.610 1.00 0.00 ? 4  TRP A HE1  7  
ATOM 1119 H HE3  . TRP A 1 4  ? 3.826  -2.726  1.814  1.00 0.00 ? 4  TRP A HE3  7  
ATOM 1120 H HZ2  . TRP A 1 4  ? 6.567  -1.589  -2.284 1.00 0.00 ? 4  TRP A HZ2  7  
ATOM 1121 H HZ3  . TRP A 1 4  ? 6.261  -2.216  1.957  1.00 0.00 ? 4  TRP A HZ3  7  
ATOM 1122 H HH2  . TRP A 1 4  ? 7.624  -1.662  0.006  1.00 0.00 ? 4  TRP A HH2  7  
ATOM 1123 N N    . LEU A 1 5  ? -1.152 -1.661  1.959  1.00 0.00 ? 5  LEU A N    7  
ATOM 1124 C CA   . LEU A 1 5  ? -2.409 -0.931  1.972  1.00 0.00 ? 5  LEU A CA   7  
ATOM 1125 C C    . LEU A 1 5  ? -2.138 0.535   2.315  1.00 0.00 ? 5  LEU A C    7  
ATOM 1126 O O    . LEU A 1 5  ? -2.924 1.413   1.964  1.00 0.00 ? 5  LEU A O    7  
ATOM 1127 C CB   . LEU A 1 5  ? -3.410 -1.608  2.911  1.00 0.00 ? 5  LEU A CB   7  
ATOM 1128 C CG   . LEU A 1 5  ? -4.246 -2.735  2.302  1.00 0.00 ? 5  LEU A CG   7  
ATOM 1129 C CD1  . LEU A 1 5  ? -3.374 -3.671  1.462  1.00 0.00 ? 5  LEU A CD1  7  
ATOM 1130 C CD2  . LEU A 1 5  ? -5.021 -3.490  3.383  1.00 0.00 ? 5  LEU A CD2  7  
ATOM 1131 H H    . LEU A 1 5  ? -1.123 -2.463  2.555  1.00 0.00 ? 5  LEU A H    7  
ATOM 1132 H HA   . LEU A 1 5  ? -2.826 -0.980  0.967  1.00 0.00 ? 5  LEU A HA   7  
ATOM 1133 H HB2  . LEU A 1 5  ? -2.865 -2.007  3.766  1.00 0.00 ? 5  LEU A HB2  7  
ATOM 1134 H HB3  . LEU A 1 5  ? -4.089 -0.845  3.295  1.00 0.00 ? 5  LEU A HB3  7  
ATOM 1135 H HG   . LEU A 1 5  ? -4.980 -2.291  1.630  1.00 0.00 ? 5  LEU A HG   7  
ATOM 1136 H HD11 . LEU A 1 5  ? -2.876 -3.100  0.679  1.00 0.00 ? 5  LEU A HD11 7  
ATOM 1137 H HD12 . LEU A 1 5  ? -2.625 -4.139  2.101  1.00 0.00 ? 5  LEU A HD12 7  
ATOM 1138 H HD13 . LEU A 1 5  ? -3.998 -4.441  1.009  1.00 0.00 ? 5  LEU A HD13 7  
ATOM 1139 H HD21 . LEU A 1 5  ? -4.525 -3.357  4.345  1.00 0.00 ? 5  LEU A HD21 7  
ATOM 1140 H HD22 . LEU A 1 5  ? -6.037 -3.099  3.441  1.00 0.00 ? 5  LEU A HD22 7  
ATOM 1141 H HD23 . LEU A 1 5  ? -5.053 -4.551  3.134  1.00 0.00 ? 5  LEU A HD23 7  
ATOM 1142 N N    . ALA A 1 6  ? -1.023 0.755   2.995  1.00 0.00 ? 6  ALA A N    7  
ATOM 1143 C CA   . ALA A 1 6  ? -0.639 2.100   3.388  1.00 0.00 ? 6  ALA A CA   7  
ATOM 1144 C C    . ALA A 1 6  ? -0.061 2.835   2.178  1.00 0.00 ? 6  ALA A C    7  
ATOM 1145 O O    . ALA A 1 6  ? 0.017  4.062   2.172  1.00 0.00 ? 6  ALA A O    7  
ATOM 1146 C CB   . ALA A 1 6  ? 0.350  2.028   4.554  1.00 0.00 ? 6  ALA A CB   7  
ATOM 1147 H H    . ALA A 1 6  ? -0.388 0.035   3.277  1.00 0.00 ? 6  ALA A H    7  
ATOM 1148 H HA   . ALA A 1 6  ? -1.538 2.617   3.723  1.00 0.00 ? 6  ALA A HA   7  
ATOM 1149 H HB1  . ALA A 1 6  ? 1.321  2.402   4.229  1.00 0.00 ? 6  ALA A HB1  7  
ATOM 1150 H HB2  . ALA A 1 6  ? -0.016 2.637   5.380  1.00 0.00 ? 6  ALA A HB2  7  
ATOM 1151 H HB3  . ALA A 1 6  ? 0.451  0.994   4.882  1.00 0.00 ? 6  ALA A HB3  7  
ATOM 1152 N N    . HIS A 1 7  ? 0.328  2.054   1.181  1.00 0.00 ? 7  HIS A N    7  
ATOM 1153 C CA   . HIS A 1 7  ? 0.896  2.615   -0.033 1.00 0.00 ? 7  HIS A CA   7  
ATOM 1154 C C    . HIS A 1 7  ? 0.037  2.216   -1.234 1.00 0.00 ? 7  HIS A C    7  
ATOM 1155 O O    . HIS A 1 7  ? 0.481  2.307   -2.377 1.00 0.00 ? 7  HIS A O    7  
ATOM 1156 C CB   . HIS A 1 7  ? 2.361  2.202   -0.188 1.00 0.00 ? 7  HIS A CB   7  
ATOM 1157 C CG   . HIS A 1 7  ? 3.257  2.676   0.932  1.00 0.00 ? 7  HIS A CG   7  
ATOM 1158 N ND1  . HIS A 1 7  ? 3.778  3.957   0.983  1.00 0.00 ? 7  HIS A ND1  7  
ATOM 1159 C CD2  . HIS A 1 7  ? 3.715  2.029   2.041  1.00 0.00 ? 7  HIS A CD2  7  
ATOM 1160 C CE1  . HIS A 1 7  ? 4.516  4.064   2.078  1.00 0.00 ? 7  HIS A CE1  7  
ATOM 1161 N NE2  . HIS A 1 7  ? 4.477  2.869   2.731  1.00 0.00 ? 7  HIS A NE2  7  
ATOM 1162 H H    . HIS A 1 7  ? 0.262  1.055   1.194  1.00 0.00 ? 7  HIS A H    7  
ATOM 1163 H HA   . HIS A 1 7  ? 0.867  3.699   0.080  1.00 0.00 ? 7  HIS A HA   7  
ATOM 1164 H HB2  . HIS A 1 7  ? 2.417  1.115   -0.248 1.00 0.00 ? 7  HIS A HB2  7  
ATOM 1165 H HB3  . HIS A 1 7  ? 2.740  2.593   -1.133 1.00 0.00 ? 7  HIS A HB3  7  
ATOM 1166 H HD1  . HIS A 1 7  ? 3.623  4.679   0.308  1.00 0.00 ? 7  HIS A HD1  7  
ATOM 1167 H HD2  . HIS A 1 7  ? 3.493  0.997   2.314  1.00 0.00 ? 7  HIS A HD2  7  
ATOM 1168 H HE1  . HIS A 1 7  ? 5.060  4.953   2.399  1.00 0.00 ? 7  HIS A HE1  7  
ATOM 1169 H HE2  . HIS A 1 7  ? 4.897  2.676   3.618  1.00 0.00 ? 7  HIS A HE2  7  
ATOM 1170 N N    . ALA A 1 8  ? -1.178 1.783   -0.933 1.00 0.00 ? 8  ALA A N    7  
ATOM 1171 C CA   . ALA A 1 8  ? -2.104 1.371   -1.974 1.00 0.00 ? 8  ALA A CA   7  
ATOM 1172 C C    . ALA A 1 8  ? -2.100 2.410   -3.096 1.00 0.00 ? 8  ALA A C    7  
ATOM 1173 O O    . ALA A 1 8  ? -1.446 2.221   -4.120 1.00 0.00 ? 8  ALA A O    7  
ATOM 1174 C CB   . ALA A 1 8  ? -3.496 1.170   -1.369 1.00 0.00 ? 8  ALA A CB   7  
ATOM 1175 H H    . ALA A 1 8  ? -1.532 1.712   -0.001 1.00 0.00 ? 8  ALA A H    7  
ATOM 1176 H HA   . ALA A 1 8  ? -1.754 0.418   -2.372 1.00 0.00 ? 8  ALA A HA   7  
ATOM 1177 H HB1  . ALA A 1 8  ? -3.594 1.784   -0.474 1.00 0.00 ? 8  ALA A HB1  7  
ATOM 1178 H HB2  . ALA A 1 8  ? -4.253 1.463   -2.097 1.00 0.00 ? 8  ALA A HB2  7  
ATOM 1179 H HB3  . ALA A 1 8  ? -3.631 0.121   -1.107 1.00 0.00 ? 8  ALA A HB3  7  
ATOM 1180 N N    . LYS A 1 9  ? -2.839 3.485   -2.866 1.00 0.00 ? 9  LYS A N    7  
ATOM 1181 C CA   . LYS A 1 9  ? -2.928 4.556   -3.844 1.00 0.00 ? 9  LYS A CA   7  
ATOM 1182 C C    . LYS A 1 9  ? -1.560 4.760   -4.497 1.00 0.00 ? 9  LYS A C    7  
ATOM 1183 O O    . LYS A 1 9  ? -1.461 4.871   -5.718 1.00 0.00 ? 9  LYS A O    7  
ATOM 1184 C CB   . LYS A 1 9  ? -3.499 5.823   -3.203 1.00 0.00 ? 9  LYS A CB   7  
ATOM 1185 C CG   . LYS A 1 9  ? -5.015 5.897   -3.390 1.00 0.00 ? 9  LYS A CG   7  
ATOM 1186 C CD   . LYS A 1 9  ? -5.375 6.722   -4.627 1.00 0.00 ? 9  LYS A CD   7  
ATOM 1187 C CE   . LYS A 1 9  ? -5.911 8.099   -4.231 1.00 0.00 ? 9  LYS A CE   7  
ATOM 1188 N NZ   . LYS A 1 9  ? -5.519 9.115   -5.233 1.00 0.00 ? 9  LYS A NZ   7  
ATOM 1189 H H    . LYS A 1 9  ? -3.368 3.632   -2.029 1.00 0.00 ? 9  LYS A H    7  
ATOM 1190 H HA   . LYS A 1 9  ? -3.634 4.238   -4.612 1.00 0.00 ? 9  LYS A HA   7  
ATOM 1191 H HB2  . LYS A 1 9  ? -3.258 5.836   -2.139 1.00 0.00 ? 9  LYS A HB2  7  
ATOM 1192 H HB3  . LYS A 1 9  ? -3.031 6.701   -3.645 1.00 0.00 ? 9  LYS A HB3  7  
ATOM 1193 H HG2  . LYS A 1 9  ? -5.423 4.891   -3.488 1.00 0.00 ? 9  LYS A HG2  7  
ATOM 1194 H HG3  . LYS A 1 9  ? -5.473 6.342   -2.506 1.00 0.00 ? 9  LYS A HG3  7  
ATOM 1195 H HD2  . LYS A 1 9  ? -4.496 6.838   -5.260 1.00 0.00 ? 9  LYS A HD2  7  
ATOM 1196 H HD3  . LYS A 1 9  ? -6.124 6.192   -5.216 1.00 0.00 ? 9  LYS A HD3  7  
ATOM 1197 H HE2  . LYS A 1 9  ? -6.997 8.063   -4.145 1.00 0.00 ? 9  LYS A HE2  7  
ATOM 1198 H HE3  . LYS A 1 9  ? -5.524 8.378   -3.250 1.00 0.00 ? 9  LYS A HE3  7  
ATOM 1199 H HZ1  . LYS A 1 9  ? -4.534 9.273   -5.180 1.00 0.00 ? 9  LYS A HZ1  7  
ATOM 1200 H HZ2  . LYS A 1 9  ? -5.757 8.790   -6.148 1.00 0.00 ? 9  LYS A HZ2  7  
ATOM 1201 H HZ3  . LYS A 1 9  ? -6.005 9.970   -5.048 1.00 0.00 ? 9  LYS A HZ3  7  
ATOM 1202 N N    . ALA A 1 10 ? -0.538 4.802   -3.654 1.00 0.00 ? 10 ALA A N    7  
ATOM 1203 C CA   . ALA A 1 10 ? 0.820  4.991   -4.135 1.00 0.00 ? 10 ALA A CA   7  
ATOM 1204 C C    . ALA A 1 10 ? 1.024  4.172   -5.411 1.00 0.00 ? 10 ALA A C    7  
ATOM 1205 O O    . ALA A 1 10 ? 1.227  4.733   -6.487 1.00 0.00 ? 10 ALA A O    7  
ATOM 1206 C CB   . ALA A 1 10 ? 1.809  4.606   -3.033 1.00 0.00 ? 10 ALA A CB   7  
ATOM 1207 H H    . ALA A 1 10 ? -0.627 4.711   -2.663 1.00 0.00 ? 10 ALA A H    7  
ATOM 1208 H HA   . ALA A 1 10 ? 0.946  6.048   -4.368 1.00 0.00 ? 10 ALA A HA   7  
ATOM 1209 H HB1  . ALA A 1 10 ? 2.599  5.356   -2.975 1.00 0.00 ? 10 ALA A HB1  7  
ATOM 1210 H HB2  . ALA A 1 10 ? 1.287  4.556   -2.077 1.00 0.00 ? 10 ALA A HB2  7  
ATOM 1211 H HB3  . ALA A 1 10 ? 2.246  3.634   -3.259 1.00 0.00 ? 10 ALA A HB3  7  
ATOM 1212 N N    . GLY A 1 11 ? 0.961  2.858   -5.250 1.00 0.00 ? 11 GLY A N    7  
ATOM 1213 C CA   . GLY A 1 11 ? 1.136  1.958   -6.376 1.00 0.00 ? 11 GLY A CA   7  
ATOM 1214 C C    . GLY A 1 11 ? -0.078 1.040   -6.538 1.00 0.00 ? 11 GLY A C    7  
ATOM 1215 O O    . GLY A 1 11 ? -0.535 0.801   -7.654 1.00 0.00 ? 11 GLY A O    7  
ATOM 1216 H H    . GLY A 1 11 ? 0.795  2.410   -4.372 1.00 0.00 ? 11 GLY A H    7  
ATOM 1217 H HA2  . GLY A 1 11 ? 1.284  2.534   -7.289 1.00 0.00 ? 11 GLY A HA2  7  
ATOM 1218 H HA3  . GLY A 1 11 ? 2.033  1.357   -6.230 1.00 0.00 ? 11 GLY A HA3  7  
ATOM 1219 N N    . ILE A 1 1  ? 1.022  -6.551  -0.012 1.00 0.00 ? 1  ILE A N    8  
ATOM 1220 C CA   . ILE A 1 1  ? 0.979  -6.970  1.379  1.00 0.00 ? 1  ILE A CA   8  
ATOM 1221 C C    . ILE A 1 1  ? -0.038 -6.111  2.133  1.00 0.00 ? 1  ILE A C    8  
ATOM 1222 O O    . ILE A 1 1  ? -0.371 -5.011  1.699  1.00 0.00 ? 1  ILE A O    8  
ATOM 1223 C CB   . ILE A 1 1  ? 2.381  -6.944  1.992  1.00 0.00 ? 1  ILE A CB   8  
ATOM 1224 C CG1  . ILE A 1 1  ? 3.454  -7.085  0.910  1.00 0.00 ? 1  ILE A CG1  8  
ATOM 1225 C CG2  . ILE A 1 1  ? 2.523  -8.008  3.081  1.00 0.00 ? 1  ILE A CG2  8  
ATOM 1226 C CD1  . ILE A 1 1  ? 3.957  -5.713  0.455  1.00 0.00 ? 1  ILE A CD1  8  
ATOM 1227 H H1   . ILE A 1 1  ? 0.789  -7.262  -0.675 1.00 0.00 ? 1  ILE A H1   8  
ATOM 1228 H HA   . ILE A 1 1  ? 0.638  -8.005  1.397  1.00 0.00 ? 1  ILE A HA   8  
ATOM 1229 H HB   . ILE A 1 1  ? 2.527  -5.975  2.466  1.00 0.00 ? 1  ILE A HB   8  
ATOM 1230 H HG12 . ILE A 1 1  ? 4.287  -7.672  1.295  1.00 0.00 ? 1  ILE A HG12 8  
ATOM 1231 H HG13 . ILE A 1 1  ? 3.046  -7.628  0.057  1.00 0.00 ? 1  ILE A HG13 8  
ATOM 1232 H HG21 . ILE A 1 1  ? 2.690  -7.522  4.043  1.00 0.00 ? 1  ILE A HG21 8  
ATOM 1233 H HG22 . ILE A 1 1  ? 1.611  -8.603  3.130  1.00 0.00 ? 1  ILE A HG22 8  
ATOM 1234 H HG23 . ILE A 1 1  ? 3.368  -8.655  2.850  1.00 0.00 ? 1  ILE A HG23 8  
ATOM 1235 H HD11 . ILE A 1 1  ? 3.130  -5.146  0.031  1.00 0.00 ? 1  ILE A HD11 8  
ATOM 1236 H HD12 . ILE A 1 1  ? 4.366  -5.175  1.310  1.00 0.00 ? 1  ILE A HD12 8  
ATOM 1237 H HD13 . ILE A 1 1  ? 4.734  -5.843  -0.298 1.00 0.00 ? 1  ILE A HD13 8  
ATOM 1238 N N    . ASN A 1 2  ? -0.504 -6.648  3.252  1.00 0.00 ? 2  ASN A N    8  
ATOM 1239 C CA   . ASN A 1 2  ? -1.476 -5.945  4.071  1.00 0.00 ? 2  ASN A CA   8  
ATOM 1240 C C    . ASN A 1 2  ? -0.975 -4.524  4.344  1.00 0.00 ? 2  ASN A C    8  
ATOM 1241 O O    . ASN A 1 2  ? -1.740 -3.565  4.253  1.00 0.00 ? 2  ASN A O    8  
ATOM 1242 C CB   . ASN A 1 2  ? -1.669 -6.644  5.419  1.00 0.00 ? 2  ASN A CB   8  
ATOM 1243 C CG   . ASN A 1 2  ? -0.539 -6.290  6.387  1.00 0.00 ? 2  ASN A CG   8  
ATOM 1244 O OD1  . ASN A 1 2  ? -0.734 -5.642  7.401  1.00 0.00 ? 2  ASN A OD1  8  
ATOM 1245 N ND2  . ASN A 1 2  ? 0.652  -6.753  6.019  1.00 0.00 ? 2  ASN A ND2  8  
ATOM 1246 H H    . ASN A 1 2  ? -0.228 -7.545  3.600  1.00 0.00 ? 2  ASN A H    8  
ATOM 1247 H HA   . ASN A 1 2  ? -2.400 -5.958  3.494  1.00 0.00 ? 2  ASN A HA   8  
ATOM 1248 H HB2  . ASN A 1 2  ? -2.626 -6.351  5.850  1.00 0.00 ? 2  ASN A HB2  8  
ATOM 1249 H HB3  . ASN A 1 2  ? -1.703 -7.723  5.271  1.00 0.00 ? 2  ASN A HB3  8  
ATOM 1250 H HD21 . ASN A 1 2  ? 0.746  -7.280  5.173  1.00 0.00 ? 2  ASN A HD21 8  
ATOM 1251 H HD22 . ASN A 1 2  ? 1.457  -6.574  6.586  1.00 0.00 ? 2  ASN A HD22 8  
ATOM 1252 N N    . TYR A 1 3  ? 0.305  -4.436  4.671  1.00 0.00 ? 3  TYR A N    8  
ATOM 1253 C CA   . TYR A 1 3  ? 0.916  -3.148  4.956  1.00 0.00 ? 3  TYR A CA   8  
ATOM 1254 C C    . TYR A 1 3  ? 1.058  -2.314  3.682  1.00 0.00 ? 3  TYR A C    8  
ATOM 1255 O O    . TYR A 1 3  ? 1.161  -1.090  3.744  1.00 0.00 ? 3  TYR A O    8  
ATOM 1256 C CB   . TYR A 1 3  ? 2.311  -3.457  5.506  1.00 0.00 ? 3  TYR A CB   8  
ATOM 1257 C CG   . TYR A 1 3  ? 3.303  -2.300  5.372  1.00 0.00 ? 3  TYR A CG   8  
ATOM 1258 C CD1  . TYR A 1 3  ? 3.097  -1.129  6.074  1.00 0.00 ? 3  TYR A CD1  8  
ATOM 1259 C CD2  . TYR A 1 3  ? 4.403  -2.427  4.549  1.00 0.00 ? 3  TYR A CD2  8  
ATOM 1260 C CE1  . TYR A 1 3  ? 4.031  -0.041  5.948  1.00 0.00 ? 3  TYR A CE1  8  
ATOM 1261 C CE2  . TYR A 1 3  ? 5.337  -1.338  4.424  1.00 0.00 ? 3  TYR A CE2  8  
ATOM 1262 C CZ   . TYR A 1 3  ? 5.105  -0.199  5.129  1.00 0.00 ? 3  TYR A CZ   8  
ATOM 1263 O OH   . TYR A 1 3  ? 5.987  0.830   5.010  1.00 0.00 ? 3  TYR A OH   8  
ATOM 1264 H H    . TYR A 1 3  ? 0.920  -5.220  4.741  1.00 0.00 ? 3  TYR A H    8  
ATOM 1265 H HA   . TYR A 1 3  ? 0.274  -2.620  5.658  1.00 0.00 ? 3  TYR A HA   8  
ATOM 1266 H HB2  . TYR A 1 3  ? 2.223  -3.727  6.559  1.00 0.00 ? 3  TYR A HB2  8  
ATOM 1267 H HB3  . TYR A 1 3  ? 2.711  -4.327  4.986  1.00 0.00 ? 3  TYR A HB3  8  
ATOM 1268 H HD1  . TYR A 1 3  ? 2.227  -1.029  6.724  1.00 0.00 ? 3  TYR A HD1  8  
ATOM 1269 H HD2  . TYR A 1 3  ? 4.566  -3.351  3.995  1.00 0.00 ? 3  TYR A HD2  8  
ATOM 1270 H HE1  . TYR A 1 3  ? 3.880  0.888   6.497  1.00 0.00 ? 3  TYR A HE1  8  
ATOM 1271 H HE2  . TYR A 1 3  ? 6.210  -1.425  3.777  1.00 0.00 ? 3  TYR A HE2  8  
ATOM 1272 H HH   . TYR A 1 3  ? 6.920  0.497   5.141  1.00 0.00 ? 3  TYR A HH   8  
ATOM 1273 N N    . TRP A 1 4  ? 1.059  -3.010  2.553  1.00 0.00 ? 4  TRP A N    8  
ATOM 1274 C CA   . TRP A 1 4  ? 1.186  -2.348  1.266  1.00 0.00 ? 4  TRP A CA   8  
ATOM 1275 C C    . TRP A 1 4  ? 0.061  -1.319  1.151  1.00 0.00 ? 4  TRP A C    8  
ATOM 1276 O O    . TRP A 1 4  ? 0.200  -0.317  0.451  1.00 0.00 ? 4  TRP A O    8  
ATOM 1277 C CB   . TRP A 1 4  ? 1.186  -3.366  0.124  1.00 0.00 ? 4  TRP A CB   8  
ATOM 1278 C CG   . TRP A 1 4  ? 2.224  -3.082  -0.963 1.00 0.00 ? 4  TRP A CG   8  
ATOM 1279 C CD1  . TRP A 1 4  ? 2.019  -2.915  -2.277 1.00 0.00 ? 4  TRP A CD1  8  
ATOM 1280 C CD2  . TRP A 1 4  ? 3.648  -2.939  -0.775 1.00 0.00 ? 4  TRP A CD2  8  
ATOM 1281 N NE1  . TRP A 1 4  ? 3.201  -2.675  -2.947 1.00 0.00 ? 4  TRP A NE1  8  
ATOM 1282 C CE2  . TRP A 1 4  ? 4.223  -2.691  -2.004 1.00 0.00 ? 4  TRP A CE2  8  
ATOM 1283 C CE3  . TRP A 1 4  ? 4.424  -3.018  0.395  1.00 0.00 ? 4  TRP A CE3  8  
ATOM 1284 C CZ2  . TRP A 1 4  ? 5.599  -2.500  -2.183 1.00 0.00 ? 4  TRP A CZ2  8  
ATOM 1285 C CZ3  . TRP A 1 4  ? 5.797  -2.826  0.199  1.00 0.00 ? 4  TRP A CZ3  8  
ATOM 1286 C CH2  . TRP A 1 4  ? 6.391  -2.574  -1.031 1.00 0.00 ? 4  TRP A CH2  8  
ATOM 1287 H H    . TRP A 1 4  ? 0.976  -4.005  2.511  1.00 0.00 ? 4  TRP A H    8  
ATOM 1288 H HA   . TRP A 1 4  ? 2.154  -1.846  1.243  1.00 0.00 ? 4  TRP A HA   8  
ATOM 1289 H HB2  . TRP A 1 4  ? 1.367  -4.359  0.536  1.00 0.00 ? 4  TRP A HB2  8  
ATOM 1290 H HB3  . TRP A 1 4  ? 0.195  -3.386  -0.331 1.00 0.00 ? 4  TRP A HB3  8  
ATOM 1291 H HD1  . TRP A 1 4  ? 1.041  -2.963  -2.756 1.00 0.00 ? 4  TRP A HD1  8  
ATOM 1292 H HE1  . TRP A 1 4  ? 3.313  -2.505  -4.017 1.00 0.00 ? 4  TRP A HE1  8  
ATOM 1293 H HE3  . TRP A 1 4  ? 3.993  -3.213  1.377  1.00 0.00 ? 4  TRP A HE3  8  
ATOM 1294 H HZ2  . TRP A 1 4  ? 6.029  -2.305  -3.166 1.00 0.00 ? 4  TRP A HZ2  8  
ATOM 1295 H HZ3  . TRP A 1 4  ? 6.445  -2.875  1.075  1.00 0.00 ? 4  TRP A HZ3  8  
ATOM 1296 H HH2  . TRP A 1 4  ? 7.471  -2.435  -1.100 1.00 0.00 ? 4  TRP A HH2  8  
ATOM 1297 N N    . LEU A 1 5  ? -1.030 -1.602  1.847  1.00 0.00 ? 5  LEU A N    8  
ATOM 1298 C CA   . LEU A 1 5  ? -2.180 -0.712  1.831  1.00 0.00 ? 5  LEU A CA   8  
ATOM 1299 C C    . LEU A 1 5  ? -1.738 0.693   2.243  1.00 0.00 ? 5  LEU A C    8  
ATOM 1300 O O    . LEU A 1 5  ? -2.408 1.676   1.930  1.00 0.00 ? 5  LEU A O    8  
ATOM 1301 C CB   . LEU A 1 5  ? -3.309 -1.281  2.694  1.00 0.00 ? 5  LEU A CB   8  
ATOM 1302 C CG   . LEU A 1 5  ? -4.684 -1.368  2.028  1.00 0.00 ? 5  LEU A CG   8  
ATOM 1303 C CD1  . LEU A 1 5  ? -4.630 -2.242  0.773  1.00 0.00 ? 5  LEU A CD1  8  
ATOM 1304 C CD2  . LEU A 1 5  ? -5.743 -1.853  3.019  1.00 0.00 ? 5  LEU A CD2  8  
ATOM 1305 H H    . LEU A 1 5  ? -1.136 -2.419  2.414  1.00 0.00 ? 5  LEU A H    8  
ATOM 1306 H HA   . LEU A 1 5  ? -2.547 -0.673  0.806  1.00 0.00 ? 5  LEU A HA   8  
ATOM 1307 H HB2  . LEU A 1 5  ? -3.022 -2.280  3.021  1.00 0.00 ? 5  LEU A HB2  8  
ATOM 1308 H HB3  . LEU A 1 5  ? -3.398 -0.666  3.590  1.00 0.00 ? 5  LEU A HB3  8  
ATOM 1309 H HG   . LEU A 1 5  ? -4.973 -0.366  1.711  1.00 0.00 ? 5  LEU A HG   8  
ATOM 1310 H HD11 . LEU A 1 5  ? -5.028 -3.231  1.002  1.00 0.00 ? 5  LEU A HD11 8  
ATOM 1311 H HD12 . LEU A 1 5  ? -5.227 -1.783  -0.014 1.00 0.00 ? 5  LEU A HD12 8  
ATOM 1312 H HD13 . LEU A 1 5  ? -3.596 -2.335  0.439  1.00 0.00 ? 5  LEU A HD13 8  
ATOM 1313 H HD21 . LEU A 1 5  ? -5.904 -2.923  2.886  1.00 0.00 ? 5  LEU A HD21 8  
ATOM 1314 H HD22 . LEU A 1 5  ? -5.403 -1.661  4.037  1.00 0.00 ? 5  LEU A HD22 8  
ATOM 1315 H HD23 . LEU A 1 5  ? -6.677 -1.319  2.842  1.00 0.00 ? 5  LEU A HD23 8  
ATOM 1316 N N    . ALA A 1 6  ? -0.613 0.743   2.941  1.00 0.00 ? 6  ALA A N    8  
ATOM 1317 C CA   . ALA A 1 6  ? -0.073 2.013   3.400  1.00 0.00 ? 6  ALA A CA   8  
ATOM 1318 C C    . ALA A 1 6  ? 0.602  2.728   2.229  1.00 0.00 ? 6  ALA A C    8  
ATOM 1319 O O    . ALA A 1 6  ? 0.812  3.939   2.274  1.00 0.00 ? 6  ALA A O    8  
ATOM 1320 C CB   . ALA A 1 6  ? 0.886  1.768   4.566  1.00 0.00 ? 6  ALA A CB   8  
ATOM 1321 H H    . ALA A 1 6  ? -0.074 -0.061  3.193  1.00 0.00 ? 6  ALA A H    8  
ATOM 1322 H HA   . ALA A 1 6  ? -0.907 2.619   3.754  1.00 0.00 ? 6  ALA A HA   8  
ATOM 1323 H HB1  . ALA A 1 6  ? 1.914  1.892   4.224  1.00 0.00 ? 6  ALA A HB1  8  
ATOM 1324 H HB2  . ALA A 1 6  ? 0.680  2.483   5.363  1.00 0.00 ? 6  ALA A HB2  8  
ATOM 1325 H HB3  . ALA A 1 6  ? 0.750  0.754   4.944  1.00 0.00 ? 6  ALA A HB3  8  
ATOM 1326 N N    . HIS A 1 7  ? 0.925  1.949   1.208  1.00 0.00 ? 7  HIS A N    8  
ATOM 1327 C CA   . HIS A 1 7  ? 1.572  2.492   0.026  1.00 0.00 ? 7  HIS A CA   8  
ATOM 1328 C C    . HIS A 1 7  ? 0.809  2.054   -1.225 1.00 0.00 ? 7  HIS A C    8  
ATOM 1329 O O    . HIS A 1 7  ? 1.337  2.121   -2.334 1.00 0.00 ? 7  HIS A O    8  
ATOM 1330 C CB   . HIS A 1 7  ? 3.051  2.099   -0.013 1.00 0.00 ? 7  HIS A CB   8  
ATOM 1331 C CG   . HIS A 1 7  ? 3.863  2.651   1.134  1.00 0.00 ? 7  HIS A CG   8  
ATOM 1332 N ND1  . HIS A 1 7  ? 4.266  3.974   1.199  1.00 0.00 ? 7  HIS A ND1  8  
ATOM 1333 C CD2  . HIS A 1 7  ? 4.341  2.046   2.259  1.00 0.00 ? 7  HIS A CD2  8  
ATOM 1334 C CE1  . HIS A 1 7  ? 4.957  4.145   2.317  1.00 0.00 ? 7  HIS A CE1  8  
ATOM 1335 N NE2  . HIS A 1 7  ? 5.003  2.950   2.972  1.00 0.00 ? 7  HIS A NE2  8  
ATOM 1336 H H    . HIS A 1 7  ? 0.751  0.964   1.178  1.00 0.00 ? 7  HIS A H    8  
ATOM 1337 H HA   . HIS A 1 7  ? 1.519  3.578   0.112  1.00 0.00 ? 7  HIS A HA   8  
ATOM 1338 H HB2  . HIS A 1 7  ? 3.127  1.012   -0.009 1.00 0.00 ? 7  HIS A HB2  8  
ATOM 1339 H HB3  . HIS A 1 7  ? 3.483  2.446   -0.951 1.00 0.00 ? 7  HIS A HB3  8  
ATOM 1340 H HD1  . HIS A 1 7  ? 4.071  4.679   0.518  1.00 0.00 ? 7  HIS A HD1  8  
ATOM 1341 H HD2  . HIS A 1 7  ? 4.203  0.999   2.528  1.00 0.00 ? 7  HIS A HD2  8  
ATOM 1342 H HE1  . HIS A 1 7  ? 5.409  5.078   2.654  1.00 0.00 ? 7  HIS A HE1  8  
ATOM 1343 H HE2  . HIS A 1 7  ? 5.411  2.796   3.872  1.00 0.00 ? 7  HIS A HE2  8  
ATOM 1344 N N    . ALA A 1 8  ? -0.422 1.617   -1.005 1.00 0.00 ? 8  ALA A N    8  
ATOM 1345 C CA   . ALA A 1 8  ? -1.263 1.167   -2.102 1.00 0.00 ? 8  ALA A CA   8  
ATOM 1346 C C    . ALA A 1 8  ? -1.515 2.335   -3.058 1.00 0.00 ? 8  ALA A C    8  
ATOM 1347 O O    . ALA A 1 8  ? -0.827 2.474   -4.069 1.00 0.00 ? 8  ALA A O    8  
ATOM 1348 C CB   . ALA A 1 8  ? -2.562 0.582   -1.543 1.00 0.00 ? 8  ALA A CB   8  
ATOM 1349 H H    . ALA A 1 8  ? -0.845 1.566   -0.101 1.00 0.00 ? 8  ALA A H    8  
ATOM 1350 H HA   . ALA A 1 8  ? -0.724 0.383   -2.633 1.00 0.00 ? 8  ALA A HA   8  
ATOM 1351 H HB1  . ALA A 1 8  ? -2.378 -0.431  -1.184 1.00 0.00 ? 8  ALA A HB1  8  
ATOM 1352 H HB2  . ALA A 1 8  ? -2.914 1.202   -0.719 1.00 0.00 ? 8  ALA A HB2  8  
ATOM 1353 H HB3  . ALA A 1 8  ? -3.317 0.558   -2.328 1.00 0.00 ? 8  ALA A HB3  8  
ATOM 1354 N N    . LYS A 1 9  ? -2.502 3.146   -2.704 1.00 0.00 ? 9  LYS A N    8  
ATOM 1355 C CA   . LYS A 1 9  ? -2.852 4.297   -3.519 1.00 0.00 ? 9  LYS A CA   8  
ATOM 1356 C C    . LYS A 1 9  ? -1.575 4.932   -4.074 1.00 0.00 ? 9  LYS A C    8  
ATOM 1357 O O    . LYS A 1 9  ? -1.507 5.265   -5.256 1.00 0.00 ? 9  LYS A O    8  
ATOM 1358 C CB   . LYS A 1 9  ? -3.725 5.270   -2.723 1.00 0.00 ? 9  LYS A CB   8  
ATOM 1359 C CG   . LYS A 1 9  ? -5.211 5.015   -2.986 1.00 0.00 ? 9  LYS A CG   8  
ATOM 1360 C CD   . LYS A 1 9  ? -5.856 6.209   -3.690 1.00 0.00 ? 9  LYS A CD   8  
ATOM 1361 C CE   . LYS A 1 9  ? -6.010 5.945   -5.190 1.00 0.00 ? 9  LYS A CE   8  
ATOM 1362 N NZ   . LYS A 1 9  ? -7.332 5.345   -5.477 1.00 0.00 ? 9  LYS A NZ   8  
ATOM 1363 H H    . LYS A 1 9  ? -3.055 3.026   -1.881 1.00 0.00 ? 9  LYS A H    8  
ATOM 1364 H HA   . LYS A 1 9  ? -3.451 3.936   -4.355 1.00 0.00 ? 9  LYS A HA   8  
ATOM 1365 H HB2  . LYS A 1 9  ? -3.518 5.164   -1.658 1.00 0.00 ? 9  LYS A HB2  8  
ATOM 1366 H HB3  . LYS A 1 9  ? -3.475 6.295   -2.995 1.00 0.00 ? 9  LYS A HB3  8  
ATOM 1367 H HG2  . LYS A 1 9  ? -5.326 4.120   -3.600 1.00 0.00 ? 9  LYS A HG2  8  
ATOM 1368 H HG3  . LYS A 1 9  ? -5.723 4.822   -2.044 1.00 0.00 ? 9  LYS A HG3  8  
ATOM 1369 H HD2  . LYS A 1 9  ? -6.833 6.411   -3.251 1.00 0.00 ? 9  LYS A HD2  8  
ATOM 1370 H HD3  . LYS A 1 9  ? -5.247 7.100   -3.536 1.00 0.00 ? 9  LYS A HD3  8  
ATOM 1371 H HE2  . LYS A 1 9  ? -5.899 6.877   -5.743 1.00 0.00 ? 9  LYS A HE2  8  
ATOM 1372 H HE3  . LYS A 1 9  ? -5.219 5.277   -5.530 1.00 0.00 ? 9  LYS A HE3  8  
ATOM 1373 H HZ1  . LYS A 1 9  ? -7.329 4.383   -5.202 1.00 0.00 ? 9  LYS A HZ1  8  
ATOM 1374 H HZ2  . LYS A 1 9  ? -8.039 5.835   -4.967 1.00 0.00 ? 9  LYS A HZ2  8  
ATOM 1375 H HZ3  . LYS A 1 9  ? -7.522 5.409   -6.457 1.00 0.00 ? 9  LYS A HZ3  8  
ATOM 1376 N N    . ALA A 1 10 ? -0.594 5.079   -3.195 1.00 0.00 ? 10 ALA A N    8  
ATOM 1377 C CA   . ALA A 1 10 ? 0.677  5.666   -3.584 1.00 0.00 ? 10 ALA A CA   8  
ATOM 1378 C C    . ALA A 1 10 ? 1.071  5.148   -4.967 1.00 0.00 ? 10 ALA A C    8  
ATOM 1379 O O    . ALA A 1 10 ? 1.386  3.969   -5.126 1.00 0.00 ? 10 ALA A O    8  
ATOM 1380 C CB   . ALA A 1 10 ? 1.730  5.352   -2.520 1.00 0.00 ? 10 ALA A CB   8  
ATOM 1381 H H    . ALA A 1 10 ? -0.658 4.805   -2.236 1.00 0.00 ? 10 ALA A H    8  
ATOM 1382 H HA   . ALA A 1 10 ? 0.540  6.746   -3.635 1.00 0.00 ? 10 ALA A HA   8  
ATOM 1383 H HB1  . ALA A 1 10 ? 1.525  5.935   -1.622 1.00 0.00 ? 10 ALA A HB1  8  
ATOM 1384 H HB2  . ALA A 1 10 ? 1.697  4.289   -2.279 1.00 0.00 ? 10 ALA A HB2  8  
ATOM 1385 H HB3  . ALA A 1 10 ? 2.718  5.608   -2.902 1.00 0.00 ? 10 ALA A HB3  8  
ATOM 1386 N N    . GLY A 1 11 ? 1.043  6.053   -5.934 1.00 0.00 ? 11 GLY A N    8  
ATOM 1387 C CA   . GLY A 1 11 ? 1.395  5.702   -7.299 1.00 0.00 ? 11 GLY A CA   8  
ATOM 1388 C C    . GLY A 1 11 ? 2.830  5.178   -7.379 1.00 0.00 ? 11 GLY A C    8  
ATOM 1389 O O    . GLY A 1 11 ? 3.209  4.542   -8.361 1.00 0.00 ? 11 GLY A O    8  
ATOM 1390 H H    . GLY A 1 11 ? 0.786  7.010   -5.797 1.00 0.00 ? 11 GLY A H    8  
ATOM 1391 H HA2  . GLY A 1 11 ? 0.706  4.943   -7.673 1.00 0.00 ? 11 GLY A HA2  8  
ATOM 1392 H HA3  . GLY A 1 11 ? 1.286  6.575   -7.944 1.00 0.00 ? 11 GLY A HA3  8  
ATOM 1393 N N    . ILE A 1 1  ? 1.484  -9.855  1.710  1.00 0.00 ? 1  ILE A N    9  
ATOM 1394 C CA   . ILE A 1 1  ? 1.708  -8.618  2.438  1.00 0.00 ? 1  ILE A CA   9  
ATOM 1395 C C    . ILE A 1 1  ? 0.358  -7.986  2.789  1.00 0.00 ? 1  ILE A C    9  
ATOM 1396 O O    . ILE A 1 1  ? -0.688 -8.603  2.594  1.00 0.00 ? 1  ILE A O    9  
ATOM 1397 C CB   . ILE A 1 1  ? 2.633  -7.691  1.649  1.00 0.00 ? 1  ILE A CB   9  
ATOM 1398 C CG1  . ILE A 1 1  ? 3.591  -6.947  2.582  1.00 0.00 ? 1  ILE A CG1  9  
ATOM 1399 C CG2  . ILE A 1 1  ? 1.829  -6.731  0.770  1.00 0.00 ? 1  ILE A CG2  9  
ATOM 1400 C CD1  . ILE A 1 1  ? 3.943  -5.569  2.021  1.00 0.00 ? 1  ILE A CD1  9  
ATOM 1401 H H1   . ILE A 1 1  ? 0.524  -10.077 1.539  1.00 0.00 ? 1  ILE A H1   9  
ATOM 1402 H HA   . ILE A 1 1  ? 2.221  -8.873  3.365  1.00 0.00 ? 1  ILE A HA   9  
ATOM 1403 H HB   . ILE A 1 1  ? 3.242  -8.303  0.983  1.00 0.00 ? 1  ILE A HB   9  
ATOM 1404 H HG12 . ILE A 1 1  ? 3.134  -6.839  3.566  1.00 0.00 ? 1  ILE A HG12 9  
ATOM 1405 H HG13 . ILE A 1 1  ? 4.501  -7.532  2.717  1.00 0.00 ? 1  ILE A HG13 9  
ATOM 1406 H HG21 . ILE A 1 1  ? 1.382  -5.955  1.393  1.00 0.00 ? 1  ILE A HG21 9  
ATOM 1407 H HG22 . ILE A 1 1  ? 2.489  -6.271  0.036  1.00 0.00 ? 1  ILE A HG22 9  
ATOM 1408 H HG23 . ILE A 1 1  ? 1.042  -7.282  0.256  1.00 0.00 ? 1  ILE A HG23 9  
ATOM 1409 H HD11 . ILE A 1 1  ? 4.760  -5.138  2.600  1.00 0.00 ? 1  ILE A HD11 9  
ATOM 1410 H HD12 . ILE A 1 1  ? 4.248  -5.666  0.979  1.00 0.00 ? 1  ILE A HD12 9  
ATOM 1411 H HD13 . ILE A 1 1  ? 3.071  -4.917  2.085  1.00 0.00 ? 1  ILE A HD13 9  
ATOM 1412 N N    . ASN A 1 2  ? 0.427  -6.766  3.301  1.00 0.00 ? 2  ASN A N    9  
ATOM 1413 C CA   . ASN A 1 2  ? -0.775 -6.045  3.680  1.00 0.00 ? 2  ASN A CA   9  
ATOM 1414 C C    . ASN A 1 2  ? -0.437 -4.566  3.875  1.00 0.00 ? 2  ASN A C    9  
ATOM 1415 O O    . ASN A 1 2  ? -1.179 -3.692  3.428  1.00 0.00 ? 2  ASN A O    9  
ATOM 1416 C CB   . ASN A 1 2  ? -1.344 -6.577  4.997  1.00 0.00 ? 2  ASN A CB   9  
ATOM 1417 C CG   . ASN A 1 2  ? -2.485 -5.690  5.500  1.00 0.00 ? 2  ASN A CG   9  
ATOM 1418 O OD1  . ASN A 1 2  ? -2.655 -5.467  6.688  1.00 0.00 ? 2  ASN A OD1  9  
ATOM 1419 N ND2  . ASN A 1 2  ? -3.254 -5.199  4.533  1.00 0.00 ? 2  ASN A ND2  9  
ATOM 1420 H H    . ASN A 1 2  ? 1.284  -6.273  3.456  1.00 0.00 ? 2  ASN A H    9  
ATOM 1421 H HA   . ASN A 1 2  ? -1.478 -6.209  2.863  1.00 0.00 ? 2  ASN A HA   9  
ATOM 1422 H HB2  . ASN A 1 2  ? -1.706 -7.596  4.857  1.00 0.00 ? 2  ASN A HB2  9  
ATOM 1423 H HB3  . ASN A 1 2  ? -0.555 -6.621  5.748  1.00 0.00 ? 2  ASN A HB3  9  
ATOM 1424 H HD21 . ASN A 1 2  ? -3.060 -5.421  3.578  1.00 0.00 ? 2  ASN A HD21 9  
ATOM 1425 H HD22 . ASN A 1 2  ? -4.027 -4.607  4.762  1.00 0.00 ? 2  ASN A HD22 9  
ATOM 1426 N N    . TYR A 1 3  ? 0.682  -4.330  4.543  1.00 0.00 ? 3  TYR A N    9  
ATOM 1427 C CA   . TYR A 1 3  ? 1.127  -2.972  4.802  1.00 0.00 ? 3  TYR A CA   9  
ATOM 1428 C C    . TYR A 1 3  ? 1.160  -2.150  3.512  1.00 0.00 ? 3  TYR A C    9  
ATOM 1429 O O    . TYR A 1 3  ? 1.139  -0.921  3.554  1.00 0.00 ? 3  TYR A O    9  
ATOM 1430 C CB   . TYR A 1 3  ? 2.549  -3.091  5.353  1.00 0.00 ? 3  TYR A CB   9  
ATOM 1431 C CG   . TYR A 1 3  ? 3.410  -1.846  5.130  1.00 0.00 ? 3  TYR A CG   9  
ATOM 1432 C CD1  . TYR A 1 3  ? 2.958  -0.611  5.550  1.00 0.00 ? 3  TYR A CD1  9  
ATOM 1433 C CD2  . TYR A 1 3  ? 4.638  -1.957  4.511  1.00 0.00 ? 3  TYR A CD2  9  
ATOM 1434 C CE1  . TYR A 1 3  ? 3.768  0.561   5.340  1.00 0.00 ? 3  TYR A CE1  9  
ATOM 1435 C CE2  . TYR A 1 3  ? 5.448  -0.786  4.302  1.00 0.00 ? 3  TYR A CE2  9  
ATOM 1436 C CZ   . TYR A 1 3  ? 4.973  0.416   4.727  1.00 0.00 ? 3  TYR A CZ   9  
ATOM 1437 O OH   . TYR A 1 3  ? 5.737  1.523   4.529  1.00 0.00 ? 3  TYR A OH   9  
ATOM 1438 H H    . TYR A 1 3  ? 1.279  -5.047  4.903  1.00 0.00 ? 3  TYR A H    9  
ATOM 1439 H HA   . TYR A 1 3  ? 0.424  -2.514  5.498  1.00 0.00 ? 3  TYR A HA   9  
ATOM 1440 H HB2  . TYR A 1 3  ? 2.498  -3.299  6.421  1.00 0.00 ? 3  TYR A HB2  9  
ATOM 1441 H HB3  . TYR A 1 3  ? 3.038  -3.946  4.886  1.00 0.00 ? 3  TYR A HB3  9  
ATOM 1442 H HD1  . TYR A 1 3  ? 1.988  -0.523  6.039  1.00 0.00 ? 3  TYR A HD1  9  
ATOM 1443 H HD2  . TYR A 1 3  ? 4.995  -2.932  4.180  1.00 0.00 ? 3  TYR A HD2  9  
ATOM 1444 H HE1  . TYR A 1 3  ? 3.423  1.542   5.666  1.00 0.00 ? 3  TYR A HE1  9  
ATOM 1445 H HE2  . TYR A 1 3  ? 6.419  -0.859  3.814  1.00 0.00 ? 3  TYR A HE2  9  
ATOM 1446 H HH   . TYR A 1 3  ? 6.083  1.861   5.405  1.00 0.00 ? 3  TYR A HH   9  
ATOM 1447 N N    . TRP A 1 4  ? 1.211  -2.862  2.396  1.00 0.00 ? 4  TRP A N    9  
ATOM 1448 C CA   . TRP A 1 4  ? 1.247  -2.214  1.096  1.00 0.00 ? 4  TRP A CA   9  
ATOM 1449 C C    . TRP A 1 4  ? 0.072  -1.238  1.022  1.00 0.00 ? 4  TRP A C    9  
ATOM 1450 O O    . TRP A 1 4  ? 0.158  -0.206  0.357  1.00 0.00 ? 4  TRP A O    9  
ATOM 1451 C CB   . TRP A 1 4  ? 1.239  -3.247  -0.032 1.00 0.00 ? 4  TRP A CB   9  
ATOM 1452 C CG   . TRP A 1 4  ? 2.373  -3.074  -1.045 1.00 0.00 ? 4  TRP A CG   9  
ATOM 1453 C CD1  . TRP A 1 4  ? 2.278  -2.936  -2.373 1.00 0.00 ? 4  TRP A CD1  9  
ATOM 1454 C CD2  . TRP A 1 4  ? 3.786  -3.024  -0.752 1.00 0.00 ? 4  TRP A CD2  9  
ATOM 1455 N NE1  . TRP A 1 4  ? 3.521  -2.802  -2.958 1.00 0.00 ? 4  TRP A NE1  9  
ATOM 1456 C CE2  . TRP A 1 4  ? 4.467  -2.857  -1.941 1.00 0.00 ? 4  TRP A CE2  9  
ATOM 1457 C CE3  . TRP A 1 4  ? 4.465  -3.117  0.475  1.00 0.00 ? 4  TRP A CE3  9  
ATOM 1458 C CZ2  . TRP A 1 4  ? 5.862  -2.769  -2.018 1.00 0.00 ? 4  TRP A CZ2  9  
ATOM 1459 C CZ3  . TRP A 1 4  ? 5.859  -3.028  0.380  1.00 0.00 ? 4  TRP A CZ3  9  
ATOM 1460 C CH2  . TRP A 1 4  ? 6.560  -2.859  -0.808 1.00 0.00 ? 4  TRP A CH2  9  
ATOM 1461 H H    . TRP A 1 4  ? 1.229  -3.861  2.370  1.00 0.00 ? 4  TRP A H    9  
ATOM 1462 H HA   . TRP A 1 4  ? 2.190  -1.671  1.021  1.00 0.00 ? 4  TRP A HA   9  
ATOM 1463 H HB2  . TRP A 1 4  ? 1.303  -4.245  0.402  1.00 0.00 ? 4  TRP A HB2  9  
ATOM 1464 H HB3  . TRP A 1 4  ? 0.285  -3.189  -0.557 1.00 0.00 ? 4  TRP A HB3  9  
ATOM 1465 H HD1  . TRP A 1 4  ? 1.338  -2.930  -2.925 1.00 0.00 ? 4  TRP A HD1  9  
ATOM 1466 H HE1  . TRP A 1 4  ? 3.725  -2.676  -4.022 1.00 0.00 ? 4  TRP A HE1  9  
ATOM 1467 H HE3  . TRP A 1 4  ? 3.950  -3.250  1.426  1.00 0.00 ? 4  TRP A HE3  9  
ATOM 1468 H HZ2  . TRP A 1 4  ? 6.377  -2.638  -2.970 1.00 0.00 ? 4  TRP A HZ2  9  
ATOM 1469 H HZ3  . TRP A 1 4  ? 6.435  -3.093  1.303  1.00 0.00 ? 4  TRP A HZ3  9  
ATOM 1470 H HH2  . TRP A 1 4  ? 7.648  -2.799  -0.797 1.00 0.00 ? 4  TRP A HH2  9  
ATOM 1471 N N    . LEU A 1 5  ? -0.999 -1.598  1.713  1.00 0.00 ? 5  LEU A N    9  
ATOM 1472 C CA   . LEU A 1 5  ? -2.191 -0.766  1.733  1.00 0.00 ? 5  LEU A CA   9  
ATOM 1473 C C    . LEU A 1 5  ? -1.821 0.636   2.219  1.00 0.00 ? 5  LEU A C    9  
ATOM 1474 O O    . LEU A 1 5  ? -2.564 1.591   1.997  1.00 0.00 ? 5  LEU A O    9  
ATOM 1475 C CB   . LEU A 1 5  ? -3.295 -1.431  2.558  1.00 0.00 ? 5  LEU A CB   9  
ATOM 1476 C CG   . LEU A 1 5  ? -4.637 -1.625  1.849  1.00 0.00 ? 5  LEU A CG   9  
ATOM 1477 C CD1  . LEU A 1 5  ? -4.445 -2.285  0.482  1.00 0.00 ? 5  LEU A CD1  9  
ATOM 1478 C CD2  . LEU A 1 5  ? -5.614 -2.406  2.731  1.00 0.00 ? 5  LEU A CD2  9  
ATOM 1479 H H    . LEU A 1 5  ? -1.062 -2.439  2.250  1.00 0.00 ? 5  LEU A H    9  
ATOM 1480 H HA   . LEU A 1 5  ? -2.555 -0.691  0.708  1.00 0.00 ? 5  LEU A HA   9  
ATOM 1481 H HB2  . LEU A 1 5  ? -2.936 -2.407  2.888  1.00 0.00 ? 5  LEU A HB2  9  
ATOM 1482 H HB3  . LEU A 1 5  ? -3.462 -0.833  3.454  1.00 0.00 ? 5  LEU A HB3  9  
ATOM 1483 H HG   . LEU A 1 5  ? -5.076 -0.643  1.674  1.00 0.00 ? 5  LEU A HG   9  
ATOM 1484 H HD11 . LEU A 1 5  ? -3.706 -3.081  0.563  1.00 0.00 ? 5  LEU A HD11 9  
ATOM 1485 H HD12 . LEU A 1 5  ? -5.394 -2.703  0.144  1.00 0.00 ? 5  LEU A HD12 9  
ATOM 1486 H HD13 . LEU A 1 5  ? -4.100 -1.540  -0.235 1.00 0.00 ? 5  LEU A HD13 9  
ATOM 1487 H HD21 . LEU A 1 5  ? -5.056 -2.985  3.466  1.00 0.00 ? 5  LEU A HD21 9  
ATOM 1488 H HD22 . LEU A 1 5  ? -6.277 -1.709  3.244  1.00 0.00 ? 5  LEU A HD22 9  
ATOM 1489 H HD23 . LEU A 1 5  ? -6.205 -3.079  2.110  1.00 0.00 ? 5  LEU A HD23 9  
ATOM 1490 N N    . ALA A 1 6  ? -0.672 0.716   2.875  1.00 0.00 ? 6  ALA A N    9  
ATOM 1491 C CA   . ALA A 1 6  ? -0.194 1.986   3.395  1.00 0.00 ? 6  ALA A CA   9  
ATOM 1492 C C    . ALA A 1 6  ? 0.438  2.793   2.258  1.00 0.00 ? 6  ALA A C    9  
ATOM 1493 O O    . ALA A 1 6  ? 0.682  3.989   2.402  1.00 0.00 ? 6  ALA A O    9  
ATOM 1494 C CB   . ALA A 1 6  ? 0.784  1.733   4.544  1.00 0.00 ? 6  ALA A CB   9  
ATOM 1495 H H    . ALA A 1 6  ? -0.073 -0.065  3.052  1.00 0.00 ? 6  ALA A H    9  
ATOM 1496 H HA   . ALA A 1 6  ? -1.055 2.532   3.781  1.00 0.00 ? 6  ALA A HA   9  
ATOM 1497 H HB1  . ALA A 1 6  ? 1.805  1.756   4.164  1.00 0.00 ? 6  ALA A HB1  9  
ATOM 1498 H HB2  . ALA A 1 6  ? 0.661  2.505   5.303  1.00 0.00 ? 6  ALA A HB2  9  
ATOM 1499 H HB3  . ALA A 1 6  ? 0.582  0.756   4.983  1.00 0.00 ? 6  ALA A HB3  9  
ATOM 1500 N N    . HIS A 1 7  ? 0.686  2.103   1.153  1.00 0.00 ? 7  HIS A N    9  
ATOM 1501 C CA   . HIS A 1 7  ? 1.286  2.740   -0.006 1.00 0.00 ? 7  HIS A CA   9  
ATOM 1502 C C    . HIS A 1 7  ? 0.495  2.368   -1.262 1.00 0.00 ? 7  HIS A C    9  
ATOM 1503 O O    . HIS A 1 7  ? 0.988  2.520   -2.379 1.00 0.00 ? 7  HIS A O    9  
ATOM 1504 C CB   . HIS A 1 7  ? 2.770  2.385   -0.115 1.00 0.00 ? 7  HIS A CB   9  
ATOM 1505 C CG   . HIS A 1 7  ? 3.609  2.892   1.033  1.00 0.00 ? 7  HIS A CG   9  
ATOM 1506 N ND1  . HIS A 1 7  ? 3.968  4.222   1.169  1.00 0.00 ? 7  HIS A ND1  9  
ATOM 1507 C CD2  . HIS A 1 7  ? 4.154  2.237   2.098  1.00 0.00 ? 7  HIS A CD2  9  
ATOM 1508 C CE1  . HIS A 1 7  ? 4.696  4.349   2.269  1.00 0.00 ? 7  HIS A CE1  9  
ATOM 1509 N NE2  . HIS A 1 7  ? 4.812  3.117   2.843  1.00 0.00 ? 7  HIS A NE2  9  
ATOM 1510 H H    . HIS A 1 7  ? 0.486  1.129   1.045  1.00 0.00 ? 7  HIS A H    9  
ATOM 1511 H HA   . HIS A 1 7  ? 1.213  3.815   0.154  1.00 0.00 ? 7  HIS A HA   9  
ATOM 1512 H HB2  . HIS A 1 7  ? 2.871  1.301   -0.173 1.00 0.00 ? 7  HIS A HB2  9  
ATOM 1513 H HB3  . HIS A 1 7  ? 3.163  2.791   -1.046 1.00 0.00 ? 7  HIS A HB3  9  
ATOM 1514 H HD1  . HIS A 1 7  ? 3.719  4.962   0.544  1.00 0.00 ? 7  HIS A HD1  9  
ATOM 1515 H HD2  . HIS A 1 7  ? 4.065  1.169   2.301  1.00 0.00 ? 7  HIS A HD2  9  
ATOM 1516 H HE1  . HIS A 1 7  ? 5.128  5.275   2.647  1.00 0.00 ? 7  HIS A HE1  9  
ATOM 1517 H HE2  . HIS A 1 7  ? 5.261  2.921   3.714  1.00 0.00 ? 7  HIS A HE2  9  
ATOM 1518 N N    . ALA A 1 8  ? -0.720 1.889   -1.037 1.00 0.00 ? 8  ALA A N    9  
ATOM 1519 C CA   . ALA A 1 8  ? -1.585 1.494   -2.135 1.00 0.00 ? 8  ALA A CA   9  
ATOM 1520 C C    . ALA A 1 8  ? -1.620 2.614   -3.178 1.00 0.00 ? 8  ALA A C    9  
ATOM 1521 O O    . ALA A 1 8  ? -0.962 2.524   -4.213 1.00 0.00 ? 8  ALA A O    9  
ATOM 1522 C CB   . ALA A 1 8  ? -2.976 1.156   -1.595 1.00 0.00 ? 8  ALA A CB   9  
ATOM 1523 H H    . ALA A 1 8  ? -1.113 1.768   -0.125 1.00 0.00 ? 8  ALA A H    9  
ATOM 1524 H HA   . ALA A 1 8  ? -1.158 0.600   -2.590 1.00 0.00 ? 8  ALA A HA   9  
ATOM 1525 H HB1  . ALA A 1 8  ? -3.670 1.040   -2.427 1.00 0.00 ? 8  ALA A HB1  9  
ATOM 1526 H HB2  . ALA A 1 8  ? -2.929 0.227   -1.027 1.00 0.00 ? 8  ALA A HB2  9  
ATOM 1527 H HB3  . ALA A 1 8  ? -3.319 1.962   -0.946 1.00 0.00 ? 8  ALA A HB3  9  
ATOM 1528 N N    . LYS A 1 9  ? -2.395 3.643   -2.868 1.00 0.00 ? 9  LYS A N    9  
ATOM 1529 C CA   . LYS A 1 9  ? -2.525 4.779   -3.765 1.00 0.00 ? 9  LYS A CA   9  
ATOM 1530 C C    . LYS A 1 9  ? -1.167 5.078   -4.401 1.00 0.00 ? 9  LYS A C    9  
ATOM 1531 O O    . LYS A 1 9  ? -1.073 5.275   -5.612 1.00 0.00 ? 9  LYS A O    9  
ATOM 1532 C CB   . LYS A 1 9  ? -3.138 5.973   -3.032 1.00 0.00 ? 9  LYS A CB   9  
ATOM 1533 C CG   . LYS A 1 9  ? -4.658 6.000   -3.201 1.00 0.00 ? 9  LYS A CG   9  
ATOM 1534 C CD   . LYS A 1 9  ? -5.340 5.084   -2.184 1.00 0.00 ? 9  LYS A CD   9  
ATOM 1535 C CE   . LYS A 1 9  ? -5.968 3.870   -2.873 1.00 0.00 ? 9  LYS A CE   9  
ATOM 1536 N NZ   . LYS A 1 9  ? -7.322 4.198   -3.369 1.00 0.00 ? 9  LYS A NZ   9  
ATOM 1537 H H    . LYS A 1 9  ? -2.927 3.708   -2.024 1.00 0.00 ? 9  LYS A H    9  
ATOM 1538 H HA   . LYS A 1 9  ? -3.221 4.494   -4.555 1.00 0.00 ? 9  LYS A HA   9  
ATOM 1539 H HB2  . LYS A 1 9  ? -2.888 5.922   -1.972 1.00 0.00 ? 9  LYS A HB2  9  
ATOM 1540 H HB3  . LYS A 1 9  ? -2.709 6.899   -3.416 1.00 0.00 ? 9  LYS A HB3  9  
ATOM 1541 H HG2  . LYS A 1 9  ? -5.024 7.019   -3.080 1.00 0.00 ? 9  LYS A HG2  9  
ATOM 1542 H HG3  . LYS A 1 9  ? -4.920 5.686   -4.212 1.00 0.00 ? 9  LYS A HG3  9  
ATOM 1543 H HD2  . LYS A 1 9  ? -4.612 4.750   -1.445 1.00 0.00 ? 9  LYS A HD2  9  
ATOM 1544 H HD3  . LYS A 1 9  ? -6.109 5.639   -1.647 1.00 0.00 ? 9  LYS A HD3  9  
ATOM 1545 H HE2  . LYS A 1 9  ? -5.338 3.550   -3.704 1.00 0.00 ? 9  LYS A HE2  9  
ATOM 1546 H HE3  . LYS A 1 9  ? -6.022 3.035   -2.174 1.00 0.00 ? 9  LYS A HE3  9  
ATOM 1547 H HZ1  . LYS A 1 9  ? -7.270 4.986   -3.983 1.00 0.00 ? 9  LYS A HZ1  9  
ATOM 1548 H HZ2  . LYS A 1 9  ? -7.696 3.414   -3.863 1.00 0.00 ? 9  LYS A HZ2  9  
ATOM 1549 H HZ3  . LYS A 1 9  ? -7.917 4.418   -2.595 1.00 0.00 ? 9  LYS A HZ3  9  
ATOM 1550 N N    . ALA A 1 10 ? -0.147 5.105   -3.556 1.00 0.00 ? 10 ALA A N    9  
ATOM 1551 C CA   . ALA A 1 10 ? 1.203  5.378   -4.020 1.00 0.00 ? 10 ALA A CA   9  
ATOM 1552 C C    . ALA A 1 10 ? 1.438  4.653   -5.347 1.00 0.00 ? 10 ALA A C    9  
ATOM 1553 O O    . ALA A 1 10 ? 1.235  3.443   -5.443 1.00 0.00 ? 10 ALA A O    9  
ATOM 1554 C CB   . ALA A 1 10 ? 2.208  4.963   -2.944 1.00 0.00 ? 10 ALA A CB   9  
ATOM 1555 H H    . ALA A 1 10 ? -0.230 4.945   -2.573 1.00 0.00 ? 10 ALA A H    9  
ATOM 1556 H HA   . ALA A 1 10 ? 1.287  6.452   -4.183 1.00 0.00 ? 10 ALA A HA   9  
ATOM 1557 H HB1  . ALA A 1 10 ? 2.839  4.160   -3.326 1.00 0.00 ? 10 ALA A HB1  9  
ATOM 1558 H HB2  . ALA A 1 10 ? 2.829  5.817   -2.677 1.00 0.00 ? 10 ALA A HB2  9  
ATOM 1559 H HB3  . ALA A 1 10 ? 1.672  4.614   -2.062 1.00 0.00 ? 10 ALA A HB3  9  
ATOM 1560 N N    . GLY A 1 11 ? 1.861  5.423   -6.339 1.00 0.00 ? 11 GLY A N    9  
ATOM 1561 C CA   . GLY A 1 11 ? 2.125  4.870   -7.656 1.00 0.00 ? 11 GLY A CA   9  
ATOM 1562 C C    . GLY A 1 11 ? 2.114  5.966   -8.724 1.00 0.00 ? 11 GLY A C    9  
ATOM 1563 O O    . GLY A 1 11 ? 1.100  6.631   -8.925 1.00 0.00 ? 11 GLY A O    9  
ATOM 1564 H H    . GLY A 1 11 ? 2.024  6.407   -6.253 1.00 0.00 ? 11 GLY A H    9  
ATOM 1565 H HA2  . GLY A 1 11 ? 3.092  4.367   -7.657 1.00 0.00 ? 11 GLY A HA2  9  
ATOM 1566 H HA3  . GLY A 1 11 ? 1.374  4.116   -7.896 1.00 0.00 ? 11 GLY A HA3  9  
ATOM 1567 N N    . ILE A 1 1  ? 0.734  -5.993  -0.498 1.00 0.00 ? 1  ILE A N    10 
ATOM 1568 C CA   . ILE A 1 1  ? 0.823  -6.649  0.795  1.00 0.00 ? 1  ILE A CA   10 
ATOM 1569 C C    . ILE A 1 1  ? -0.198 -6.027  1.750  1.00 0.00 ? 1  ILE A C    10 
ATOM 1570 O O    . ILE A 1 1  ? -0.868 -5.056  1.400  1.00 0.00 ? 1  ILE A O    10 
ATOM 1571 C CB   . ILE A 1 1  ? 2.259  -6.610  1.319  1.00 0.00 ? 1  ILE A CB   10 
ATOM 1572 C CG1  . ILE A 1 1  ? 3.264  -6.613  0.166  1.00 0.00 ? 1  ILE A CG1  10 
ATOM 1573 C CG2  . ILE A 1 1  ? 2.515  -7.750  2.305  1.00 0.00 ? 1  ILE A CG2  10 
ATOM 1574 C CD1  . ILE A 1 1  ? 3.676  -5.188  -0.208 1.00 0.00 ? 1  ILE A CD1  10 
ATOM 1575 H H1   . ILE A 1 1  ? 1.020  -6.552  -1.277 1.00 0.00 ? 1  ILE A H1   10 
ATOM 1576 H HA   . ILE A 1 1  ? 0.563  -7.698  0.647  1.00 0.00 ? 1  ILE A HA   10 
ATOM 1577 H HB   . ILE A 1 1  ? 2.398  -5.675  1.864  1.00 0.00 ? 1  ILE A HB   10 
ATOM 1578 H HG12 . ILE A 1 1  ? 4.146  -7.187  0.448  1.00 0.00 ? 1  ILE A HG12 10 
ATOM 1579 H HG13 . ILE A 1 1  ? 2.826  -7.106  -0.702 1.00 0.00 ? 1  ILE A HG13 10 
ATOM 1580 H HG21 . ILE A 1 1  ? 2.622  -7.344  3.311  1.00 0.00 ? 1  ILE A HG21 10 
ATOM 1581 H HG22 . ILE A 1 1  ? 1.677  -8.446  2.282  1.00 0.00 ? 1  ILE A HG22 10 
ATOM 1582 H HG23 . ILE A 1 1  ? 3.430  -8.273  2.027  1.00 0.00 ? 1  ILE A HG23 10 
ATOM 1583 H HD11 . ILE A 1 1  ? 3.181  -4.896  -1.134 1.00 0.00 ? 1  ILE A HD11 10 
ATOM 1584 H HD12 . ILE A 1 1  ? 3.384  -4.504  0.591  1.00 0.00 ? 1  ILE A HD12 10 
ATOM 1585 H HD13 . ILE A 1 1  ? 4.756  -5.146  -0.345 1.00 0.00 ? 1  ILE A HD13 10 
ATOM 1586 N N    . ASN A 1 2  ? -0.284 -6.610  2.936  1.00 0.00 ? 2  ASN A N    10 
ATOM 1587 C CA   . ASN A 1 2  ? -1.211 -6.123  3.943  1.00 0.00 ? 2  ASN A CA   10 
ATOM 1588 C C    . ASN A 1 2  ? -0.813 -4.706  4.357  1.00 0.00 ? 2  ASN A C    10 
ATOM 1589 O O    . ASN A 1 2  ? -1.664 -3.826  4.472  1.00 0.00 ? 2  ASN A O    10 
ATOM 1590 C CB   . ASN A 1 2  ? -1.180 -7.006  5.193  1.00 0.00 ? 2  ASN A CB   10 
ATOM 1591 C CG   . ASN A 1 2  ? -0.008 -6.629  6.101  1.00 0.00 ? 2  ASN A CG   10 
ATOM 1592 O OD1  . ASN A 1 2  ? -0.169 -6.014  7.142  1.00 0.00 ? 2  ASN A OD1  10 
ATOM 1593 N ND2  . ASN A 1 2  ? 1.176  -7.031  5.651  1.00 0.00 ? 2  ASN A ND2  10 
ATOM 1594 H H    . ASN A 1 2  ? 0.265  -7.399  3.212  1.00 0.00 ? 2  ASN A H    10 
ATOM 1595 H HA   . ASN A 1 2  ? -2.193 -6.160  3.470  1.00 0.00 ? 2  ASN A HA   10 
ATOM 1596 H HB2  . ASN A 1 2  ? -2.117 -6.903  5.740  1.00 0.00 ? 2  ASN A HB2  10 
ATOM 1597 H HB3  . ASN A 1 2  ? -1.096 -8.054  4.901  1.00 0.00 ? 2  ASN A HB3  10 
ATOM 1598 H HD21 . ASN A 1 2  ? 1.240  -7.533  4.788  1.00 0.00 ? 2  ASN A HD21 10 
ATOM 1599 H HD22 . ASN A 1 2  ? 2.005  -6.832  6.174  1.00 0.00 ? 2  ASN A HD22 10 
ATOM 1600 N N    . TYR A 1 3  ? 0.484  -4.527  4.568  1.00 0.00 ? 3  TYR A N    10 
ATOM 1601 C CA   . TYR A 1 3  ? 1.006  -3.231  4.965  1.00 0.00 ? 3  TYR A CA   10 
ATOM 1602 C C    . TYR A 1 3  ? 1.112  -2.292  3.763  1.00 0.00 ? 3  TYR A C    10 
ATOM 1603 O O    . TYR A 1 3  ? 1.239  -1.079  3.928  1.00 0.00 ? 3  TYR A O    10 
ATOM 1604 C CB   . TYR A 1 3  ? 2.408  -3.494  5.518  1.00 0.00 ? 3  TYR A CB   10 
ATOM 1605 C CG   . TYR A 1 3  ? 3.344  -2.286  5.439  1.00 0.00 ? 3  TYR A CG   10 
ATOM 1606 C CD1  . TYR A 1 3  ? 3.190  -1.235  6.321  1.00 0.00 ? 3  TYR A CD1  10 
ATOM 1607 C CD2  . TYR A 1 3  ? 4.342  -2.248  4.487  1.00 0.00 ? 3  TYR A CD2  10 
ATOM 1608 C CE1  . TYR A 1 3  ? 4.071  -0.098  6.246  1.00 0.00 ? 3  TYR A CE1  10 
ATOM 1609 C CE2  . TYR A 1 3  ? 5.223  -1.111  4.413  1.00 0.00 ? 3  TYR A CE2  10 
ATOM 1610 C CZ   . TYR A 1 3  ? 5.043  -0.092  5.296  1.00 0.00 ? 3  TYR A CZ   10 
ATOM 1611 O OH   . TYR A 1 3  ? 5.875  0.981   5.226  1.00 0.00 ? 3  TYR A OH   10 
ATOM 1612 H H    . TYR A 1 3  ? 1.170  -5.249  4.471  1.00 0.00 ? 3  TYR A H    10 
ATOM 1613 H HA   . TYR A 1 3  ? 0.319  -2.801  5.694  1.00 0.00 ? 3  TYR A HA   10 
ATOM 1614 H HB2  . TYR A 1 3  ? 2.324  -3.808  6.559  1.00 0.00 ? 3  TYR A HB2  10 
ATOM 1615 H HB3  . TYR A 1 3  ? 2.855  -4.323  4.969  1.00 0.00 ? 3  TYR A HB3  10 
ATOM 1616 H HD1  . TYR A 1 3  ? 2.401  -1.265  7.072  1.00 0.00 ? 3  TYR A HD1  10 
ATOM 1617 H HD2  . TYR A 1 3  ? 4.464  -3.078  3.792  1.00 0.00 ? 3  TYR A HD2  10 
ATOM 1618 H HE1  . TYR A 1 3  ? 3.960  0.739   6.935  1.00 0.00 ? 3  TYR A HE1  10 
ATOM 1619 H HE2  . TYR A 1 3  ? 6.015  -1.068  3.666  1.00 0.00 ? 3  TYR A HE2  10 
ATOM 1620 H HH   . TYR A 1 3  ? 6.137  1.150   4.275  1.00 0.00 ? 3  TYR A HH   10 
ATOM 1621 N N    . TRP A 1 4  ? 1.057  -2.886  2.580  1.00 0.00 ? 4  TRP A N    10 
ATOM 1622 C CA   . TRP A 1 4  ? 1.146  -2.117  1.351  1.00 0.00 ? 4  TRP A CA   10 
ATOM 1623 C C    . TRP A 1 4  ? -0.079 -1.202  1.276  1.00 0.00 ? 4  TRP A C    10 
ATOM 1624 O O    . TRP A 1 4  ? -0.065 -0.198  0.567  1.00 0.00 ? 4  TRP A O    10 
ATOM 1625 C CB   . TRP A 1 4  ? 1.279  -3.038  0.137  1.00 0.00 ? 4  TRP A CB   10 
ATOM 1626 C CG   . TRP A 1 4  ? 2.408  -2.647  -0.820 1.00 0.00 ? 4  TRP A CG   10 
ATOM 1627 C CD1  . TRP A 1 4  ? 2.342  -2.468  -2.145 1.00 0.00 ? 4  TRP A CD1  10 
ATOM 1628 C CD2  . TRP A 1 4  ? 3.784  -2.394  -0.467 1.00 0.00 ? 4  TRP A CD2  10 
ATOM 1629 N NE1  . TRP A 1 4  ? 3.569  -2.119  -2.672 1.00 0.00 ? 4  TRP A NE1  10 
ATOM 1630 C CE2  . TRP A 1 4  ? 4.474  -2.072  -1.618 1.00 0.00 ? 4  TRP A CE2  10 
ATOM 1631 C CE3  . TRP A 1 4  ? 4.426  -2.435  0.784  1.00 0.00 ? 4  TRP A CE3  10 
ATOM 1632 C CZ2  . TRP A 1 4  ? 5.840  -1.768  -1.633 1.00 0.00 ? 4  TRP A CZ2  10 
ATOM 1633 C CZ3  . TRP A 1 4  ? 5.791  -2.128  0.751  1.00 0.00 ? 4  TRP A CZ3  10 
ATOM 1634 C CH2  . TRP A 1 4  ? 6.499  -1.803  -0.399 1.00 0.00 ? 4  TRP A CH2  10 
ATOM 1635 H H    . TRP A 1 4  ? 0.955  -3.873  2.455  1.00 0.00 ? 4  TRP A H    10 
ATOM 1636 H HA   . TRP A 1 4  ? 2.056  -1.519  1.397  1.00 0.00 ? 4  TRP A HA   10 
ATOM 1637 H HB2  . TRP A 1 4  ? 1.446  -4.057  0.483  1.00 0.00 ? 4  TRP A HB2  10 
ATOM 1638 H HB3  . TRP A 1 4  ? 0.337  -3.038  -0.412 1.00 0.00 ? 4  TRP A HB3  10 
ATOM 1639 H HD1  . TRP A 1 4  ? 1.432  -2.582  -2.735 1.00 0.00 ? 4  TRP A HD1  10 
ATOM 1640 H HE1  . TRP A 1 4  ? 3.788  -1.916  -3.720 1.00 0.00 ? 4  TRP A HE1  10 
ATOM 1641 H HE3  . TRP A 1 4  ? 3.903  -2.687  1.707  1.00 0.00 ? 4  TRP A HE3  10 
ATOM 1642 H HZ2  . TRP A 1 4  ? 6.362  -1.516  -2.556 1.00 0.00 ? 4  TRP A HZ2  10 
ATOM 1643 H HZ3  . TRP A 1 4  ? 6.337  -2.146  1.695  1.00 0.00 ? 4  TRP A HZ3  10 
ATOM 1644 H HH2  . TRP A 1 4  ? 7.564  -1.576  -0.340 1.00 0.00 ? 4  TRP A HH2  10 
ATOM 1645 N N    . LEU A 1 5  ? -1.108 -1.583  2.018  1.00 0.00 ? 5  LEU A N    10 
ATOM 1646 C CA   . LEU A 1 5  ? -2.338 -0.810  2.045  1.00 0.00 ? 5  LEU A CA   10 
ATOM 1647 C C    . LEU A 1 5  ? -2.017 0.636   2.427  1.00 0.00 ? 5  LEU A C    10 
ATOM 1648 O O    . LEU A 1 5  ? -2.771 1.551   2.097  1.00 0.00 ? 5  LEU A O    10 
ATOM 1649 C CB   . LEU A 1 5  ? -3.368 -1.474  2.960  1.00 0.00 ? 5  LEU A CB   10 
ATOM 1650 C CG   . LEU A 1 5  ? -4.616 -2.032  2.271  1.00 0.00 ? 5  LEU A CG   10 
ATOM 1651 C CD1  . LEU A 1 5  ? -4.259 -2.679  0.931  1.00 0.00 ? 5  LEU A CD1  10 
ATOM 1652 C CD2  . LEU A 1 5  ? -5.365 -2.998  3.192  1.00 0.00 ? 5  LEU A CD2  10 
ATOM 1653 H H    . LEU A 1 5  ? -1.111 -2.401  2.592  1.00 0.00 ? 5  LEU A H    10 
ATOM 1654 H HA   . LEU A 1 5  ? -2.751 -0.817  1.035  1.00 0.00 ? 5  LEU A HA   10 
ATOM 1655 H HB2  . LEU A 1 5  ? -2.879 -2.287  3.496  1.00 0.00 ? 5  LEU A HB2  10 
ATOM 1656 H HB3  . LEU A 1 5  ? -3.686 -0.746  3.706  1.00 0.00 ? 5  LEU A HB3  10 
ATOM 1657 H HG   . LEU A 1 5  ? -5.289 -1.203  2.058  1.00 0.00 ? 5  LEU A HG   10 
ATOM 1658 H HD11 . LEU A 1 5  ? -4.981 -3.462  0.702  1.00 0.00 ? 5  LEU A HD11 10 
ATOM 1659 H HD12 . LEU A 1 5  ? -4.280 -1.923  0.146  1.00 0.00 ? 5  LEU A HD12 10 
ATOM 1660 H HD13 . LEU A 1 5  ? -3.260 -3.112  0.991  1.00 0.00 ? 5  LEU A HD13 10 
ATOM 1661 H HD21 . LEU A 1 5  ? -6.415 -2.713  3.241  1.00 0.00 ? 5  LEU A HD21 10 
ATOM 1662 H HD22 . LEU A 1 5  ? -5.282 -4.012  2.800  1.00 0.00 ? 5  LEU A HD22 10 
ATOM 1663 H HD23 . LEU A 1 5  ? -4.930 -2.958  4.191  1.00 0.00 ? 5  LEU A HD23 10 
ATOM 1664 N N    . ALA A 1 6  ? -0.899 0.798   3.119  1.00 0.00 ? 6  ALA A N    10 
ATOM 1665 C CA   . ALA A 1 6  ? -0.469 2.118   3.549  1.00 0.00 ? 6  ALA A CA   10 
ATOM 1666 C C    . ALA A 1 6  ? 0.136  2.866   2.360  1.00 0.00 ? 6  ALA A C    10 
ATOM 1667 O O    . ALA A 1 6  ? 0.254  4.091   2.387  1.00 0.00 ? 6  ALA A O    10 
ATOM 1668 C CB   . ALA A 1 6  ? 0.513  1.981   4.714  1.00 0.00 ? 6  ALA A CB   10 
ATOM 1669 H H    . ALA A 1 6  ? -0.291 0.049   3.383  1.00 0.00 ? 6  ALA A H    10 
ATOM 1670 H HA   . ALA A 1 6  ? -1.351 2.657   3.896  1.00 0.00 ? 6  ALA A HA   10 
ATOM 1671 H HB1  . ALA A 1 6  ? 0.411  2.838   5.379  1.00 0.00 ? 6  ALA A HB1  10 
ATOM 1672 H HB2  . ALA A 1 6  ? 0.297  1.065   5.265  1.00 0.00 ? 6  ALA A HB2  10 
ATOM 1673 H HB3  . ALA A 1 6  ? 1.532  1.939   4.327  1.00 0.00 ? 6  ALA A HB3  10 
ATOM 1674 N N    . HIS A 1 7  ? 0.505  2.098   1.345  1.00 0.00 ? 7  HIS A N    10 
ATOM 1675 C CA   . HIS A 1 7  ? 1.095  2.674   0.148  1.00 0.00 ? 7  HIS A CA   10 
ATOM 1676 C C    . HIS A 1 7  ? 0.290  2.243   -1.079 1.00 0.00 ? 7  HIS A C    10 
ATOM 1677 O O    . HIS A 1 7  ? 0.769  2.346   -2.208 1.00 0.00 ? 7  HIS A O    10 
ATOM 1678 C CB   . HIS A 1 7  ? 2.577  2.308   0.044  1.00 0.00 ? 7  HIS A CB   10 
ATOM 1679 C CG   . HIS A 1 7  ? 3.421  2.837   1.178  1.00 0.00 ? 7  HIS A CG   10 
ATOM 1680 N ND1  . HIS A 1 7  ? 3.854  4.151   1.241  1.00 0.00 ? 7  HIS A ND1  10 
ATOM 1681 C CD2  . HIS A 1 7  ? 3.908  2.219   2.292  1.00 0.00 ? 7  HIS A CD2  10 
ATOM 1682 C CE1  . HIS A 1 7  ? 4.567  4.304   2.346  1.00 0.00 ? 7  HIS A CE1  10 
ATOM 1683 N NE2  . HIS A 1 7  ? 4.600  3.105   2.996  1.00 0.00 ? 7  HIS A NE2  10 
ATOM 1684 H H    . HIS A 1 7  ? 0.404  1.104   1.331  1.00 0.00 ? 7  HIS A H    10 
ATOM 1685 H HA   . HIS A 1 7  ? 1.027  3.757   0.255  1.00 0.00 ? 7  HIS A HA   10 
ATOM 1686 H HB2  . HIS A 1 7  ? 2.671  1.222   0.011  1.00 0.00 ? 7  HIS A HB2  10 
ATOM 1687 H HB3  . HIS A 1 7  ? 2.970  2.691   -0.898 1.00 0.00 ? 7  HIS A HB3  10 
ATOM 1688 H HD1  . HIS A 1 7  ? 3.659  4.863   0.566  1.00 0.00 ? 7  HIS A HD1  10 
ATOM 1689 H HD2  . HIS A 1 7  ? 3.754  1.173   2.558  1.00 0.00 ? 7  HIS A HD2  10 
ATOM 1690 H HE1  . HIS A 1 7  ? 5.044  5.226   2.679  1.00 0.00 ? 7  HIS A HE1  10 
ATOM 1691 H HE2  . HIS A 1 7  ? 5.021  2.939   3.888  1.00 0.00 ? 7  HIS A HE2  10 
ATOM 1692 N N    . ALA A 1 8  ? -0.919 1.769   -0.818 1.00 0.00 ? 8  ALA A N    10 
ATOM 1693 C CA   . ALA A 1 8  ? -1.795 1.322   -1.888 1.00 0.00 ? 8  ALA A CA   10 
ATOM 1694 C C    . ALA A 1 8  ? -1.798 2.364   -3.008 1.00 0.00 ? 8  ALA A C    10 
ATOM 1695 O O    . ALA A 1 8  ? -1.123 2.194   -4.021 1.00 0.00 ? 8  ALA A O    10 
ATOM 1696 C CB   . ALA A 1 8  ? -3.195 1.064   -1.327 1.00 0.00 ? 8  ALA A CB   10 
ATOM 1697 H H    . ALA A 1 8  ? -1.302 1.688   0.102  1.00 0.00 ? 8  ALA A H    10 
ATOM 1698 H HA   . ALA A 1 8  ? -1.394 0.385   -2.276 1.00 0.00 ? 8  ALA A HA   10 
ATOM 1699 H HB1  . ALA A 1 8  ? -3.939 1.510   -1.987 1.00 0.00 ? 8  ALA A HB1  10 
ATOM 1700 H HB2  . ALA A 1 8  ? -3.367 -0.011  -1.261 1.00 0.00 ? 8  ALA A HB2  10 
ATOM 1701 H HB3  . ALA A 1 8  ? -3.277 1.507   -0.335 1.00 0.00 ? 8  ALA A HB3  10 
ATOM 1702 N N    . LYS A 1 9  ? -2.567 3.420   -2.787 1.00 0.00 ? 9  LYS A N    10 
ATOM 1703 C CA   . LYS A 1 9  ? -2.668 4.490   -3.765 1.00 0.00 ? 9  LYS A CA   10 
ATOM 1704 C C    . LYS A 1 9  ? -1.294 4.729   -4.396 1.00 0.00 ? 9  LYS A C    10 
ATOM 1705 O O    . LYS A 1 9  ? -1.177 4.839   -5.616 1.00 0.00 ? 9  LYS A O    10 
ATOM 1706 C CB   . LYS A 1 9  ? -3.278 5.741   -3.131 1.00 0.00 ? 9  LYS A CB   10 
ATOM 1707 C CG   . LYS A 1 9  ? -4.795 5.774   -3.333 1.00 0.00 ? 9  LYS A CG   10 
ATOM 1708 C CD   . LYS A 1 9  ? -5.168 6.631   -4.544 1.00 0.00 ? 9  LYS A CD   10 
ATOM 1709 C CE   . LYS A 1 9  ? -6.672 6.568   -4.816 1.00 0.00 ? 9  LYS A CE   10 
ATOM 1710 N NZ   . LYS A 1 9  ? -7.208 7.923   -5.074 1.00 0.00 ? 9  LYS A NZ   10 
ATOM 1711 H H    . LYS A 1 9  ? -3.113 3.551   -1.960 1.00 0.00 ? 9  LYS A H    10 
ATOM 1712 H HA   . LYS A 1 9  ? -3.352 4.158   -4.545 1.00 0.00 ? 9  LYS A HA   10 
ATOM 1713 H HB2  . LYS A 1 9  ? -3.050 5.762   -2.065 1.00 0.00 ? 9  LYS A HB2  10 
ATOM 1714 H HB3  . LYS A 1 9  ? -2.830 6.632   -3.570 1.00 0.00 ? 9  LYS A HB3  10 
ATOM 1715 H HG2  . LYS A 1 9  ? -5.168 4.759   -3.472 1.00 0.00 ? 9  LYS A HG2  10 
ATOM 1716 H HG3  . LYS A 1 9  ? -5.276 6.170   -2.439 1.00 0.00 ? 9  LYS A HG3  10 
ATOM 1717 H HD2  . LYS A 1 9  ? -4.870 7.664   -4.368 1.00 0.00 ? 9  LYS A HD2  10 
ATOM 1718 H HD3  . LYS A 1 9  ? -4.621 6.286   -5.421 1.00 0.00 ? 9  LYS A HD3  10 
ATOM 1719 H HE2  . LYS A 1 9  ? -6.866 5.925   -5.675 1.00 0.00 ? 9  LYS A HE2  10 
ATOM 1720 H HE3  . LYS A 1 9  ? -7.185 6.124   -3.963 1.00 0.00 ? 9  LYS A HE3  10 
ATOM 1721 H HZ1  . LYS A 1 9  ? -7.639 8.275   -4.244 1.00 0.00 ? 9  LYS A HZ1  10 
ATOM 1722 H HZ2  . LYS A 1 9  ? -6.463 8.531   -5.347 1.00 0.00 ? 9  LYS A HZ2  10 
ATOM 1723 H HZ3  . LYS A 1 9  ? -7.887 7.879   -5.808 1.00 0.00 ? 9  LYS A HZ3  10 
ATOM 1724 N N    . ALA A 1 10 ? -0.288 4.803   -3.536 1.00 0.00 ? 10 ALA A N    10 
ATOM 1725 C CA   . ALA A 1 10 ? 1.073  5.027   -3.994 1.00 0.00 ? 10 ALA A CA   10 
ATOM 1726 C C    . ALA A 1 10 ? 1.321  4.208   -5.262 1.00 0.00 ? 10 ALA A C    10 
ATOM 1727 O O    . ALA A 1 10 ? 1.531  4.769   -6.337 1.00 0.00 ? 10 ALA A O    10 
ATOM 1728 C CB   . ALA A 1 10 ? 2.053  4.677   -2.872 1.00 0.00 ? 10 ALA A CB   10 
ATOM 1729 H H    . ALA A 1 10 ? -0.392 4.712   -2.545 1.00 0.00 ? 10 ALA A H    10 
ATOM 1730 H HA   . ALA A 1 10 ? 1.173  6.086   -4.229 1.00 0.00 ? 10 ALA A HA   10 
ATOM 1731 H HB1  . ALA A 1 10 ? 2.770  5.488   -2.750 1.00 0.00 ? 10 ALA A HB1  10 
ATOM 1732 H HB2  . ALA A 1 10 ? 1.504  4.534   -1.941 1.00 0.00 ? 10 ALA A HB2  10 
ATOM 1733 H HB3  . ALA A 1 10 ? 2.582  3.759   -3.126 1.00 0.00 ? 10 ALA A HB3  10 
ATOM 1734 N N    . GLY A 1 11 ? 1.289  2.894   -5.096 1.00 0.00 ? 11 GLY A N    10 
ATOM 1735 C CA   . GLY A 1 11 ? 1.508  1.993   -6.214 1.00 0.00 ? 11 GLY A CA   10 
ATOM 1736 C C    . GLY A 1 11 ? 1.716  0.557   -5.727 1.00 0.00 ? 11 GLY A C    10 
ATOM 1737 O O    . GLY A 1 11 ? 2.837  0.163   -5.407 1.00 0.00 ? 11 GLY A O    10 
ATOM 1738 H H    . GLY A 1 11 ? 1.118  2.446   -4.218 1.00 0.00 ? 11 GLY A H    10 
ATOM 1739 H HA2  . GLY A 1 11 ? 0.654  2.031   -6.889 1.00 0.00 ? 11 GLY A HA2  10 
ATOM 1740 H HA3  . GLY A 1 11 ? 2.380  2.317   -6.782 1.00 0.00 ? 11 GLY A HA3  10 
# 
